data_6QGH
# 
_entry.id   6QGH 
# 
_audit_conform.dict_name       mmcif_pdbx.dic 
_audit_conform.dict_version    5.383 
_audit_conform.dict_location   http://mmcif.pdb.org/dictionaries/ascii/mmcif_pdbx.dic 
# 
loop_
_database_2.database_id 
_database_2.database_code 
_database_2.pdbx_database_accession 
_database_2.pdbx_DOI 
PDB   6QGH         pdb_00006qgh 10.2210/pdb6qgh/pdb 
WWPDB D_1292100126 ?            ?                   
# 
loop_
_pdbx_audit_revision_history.ordinal 
_pdbx_audit_revision_history.data_content_type 
_pdbx_audit_revision_history.major_revision 
_pdbx_audit_revision_history.minor_revision 
_pdbx_audit_revision_history.revision_date 
1 'Structure model' 1 0 2019-06-12 
2 'Structure model' 1 1 2019-09-11 
3 'Structure model' 1 2 2019-09-18 
4 'Structure model' 1 3 2024-01-24 
# 
_pdbx_audit_revision_details.ordinal             1 
_pdbx_audit_revision_details.revision_ordinal    1 
_pdbx_audit_revision_details.data_content_type   'Structure model' 
_pdbx_audit_revision_details.provider            repository 
_pdbx_audit_revision_details.type                'Initial release' 
_pdbx_audit_revision_details.description         ? 
_pdbx_audit_revision_details.details             ? 
# 
loop_
_pdbx_audit_revision_group.ordinal 
_pdbx_audit_revision_group.revision_ordinal 
_pdbx_audit_revision_group.data_content_type 
_pdbx_audit_revision_group.group 
1 2 'Structure model' 'Data collection'        
2 2 'Structure model' 'Database references'    
3 3 'Structure model' 'Data collection'        
4 3 'Structure model' 'Refinement description' 
5 4 'Structure model' 'Data collection'        
6 4 'Structure model' 'Database references'    
7 4 'Structure model' 'Refinement description' 
# 
loop_
_pdbx_audit_revision_category.ordinal 
_pdbx_audit_revision_category.revision_ordinal 
_pdbx_audit_revision_category.data_content_type 
_pdbx_audit_revision_category.category 
1 2 'Structure model' citation                      
2 2 'Structure model' citation_author               
3 3 'Structure model' software                      
4 4 'Structure model' chem_comp_atom                
5 4 'Structure model' chem_comp_bond                
6 4 'Structure model' database_2                    
7 4 'Structure model' pdbx_initial_refinement_model 
# 
loop_
_pdbx_audit_revision_item.ordinal 
_pdbx_audit_revision_item.revision_ordinal 
_pdbx_audit_revision_item.data_content_type 
_pdbx_audit_revision_item.item 
1  2 'Structure model' '_citation.journal_volume'            
2  2 'Structure model' '_citation.page_first'                
3  2 'Structure model' '_citation.page_last'                 
4  2 'Structure model' '_citation.pdbx_database_id_PubMed'   
5  2 'Structure model' '_citation.title'                     
6  2 'Structure model' '_citation_author.identifier_ORCID'   
7  2 'Structure model' '_citation_author.name'               
8  3 'Structure model' '_software.version'                   
9  4 'Structure model' '_database_2.pdbx_DOI'                
10 4 'Structure model' '_database_2.pdbx_database_accession' 
# 
_pdbx_database_status.status_code                     REL 
_pdbx_database_status.status_code_sf                  REL 
_pdbx_database_status.status_code_mr                  ? 
_pdbx_database_status.entry_id                        6QGH 
_pdbx_database_status.recvd_initial_deposition_date   2019-01-11 
_pdbx_database_status.SG_entry                        N 
_pdbx_database_status.deposit_site                    PDBE 
_pdbx_database_status.process_site                    PDBE 
_pdbx_database_status.status_code_cs                  ? 
_pdbx_database_status.methods_development_category    ? 
_pdbx_database_status.pdb_format_compatible           Y 
_pdbx_database_status.status_code_nmr_data            ? 
# 
loop_
_pdbx_database_related.db_name 
_pdbx_database_related.details 
_pdbx_database_related.db_id 
_pdbx_database_related.content_type 
PDB 'Bcl-2 complex with PUMA peptide'        6QG8 unspecified 
PDB 'Bcl-2 complex with analogue of ABT-737' 6QGG unspecified 
# 
loop_
_audit_author.name 
_audit_author.pdbx_ordinal 
_audit_author.identifier_ORCID 
'Dokurno, P.'      1  0000-0002-7332-8889 
'Murray, J.'       2  0000-0003-1007-8218 
'Davidson, J.'     3  0000-0002-8301-1607 
'Chen, I.'         4  ?                   
'Davis, B.'        5  0000-0001-6759-7575 
'Graham, C.J.'     6  ?                   
'Harris, R.'       7  ?                   
'Jordan, A.M.'     8  0000-0003-3449-3993 
'Matassova, N.'    9  0000-0002-2432-4929 
'Pedder, C.'       10 ?                   
'Ray, S.'          11 0000-0003-4670-2086 
'Roughley, S.'     12 0000-0003-0683-5693 
'Smith, J.'        13 ?                   
'Walmsley, C.'     14 ?                   
'Wang, Y.'         15 ?                   
'Whitehead, N.'    16 ?                   
'Williamson, D.S.' 17 0000-0002-5094-5200 
'Casara, P.'       18 ?                   
'Le Diguarher, T.' 19 ?                   
'Hickman, J.'      20 ?                   
'Stark, J.'        21 ?                   
'Kotschy, A.'      22 0000-0002-7675-3864 
'Geneste, O.'      23 ?                   
'Hubbard, R.E.'    24 0000-0002-8233-7461 
# 
_citation.abstract                  ? 
_citation.abstract_id_CAS           ? 
_citation.book_id_ISBN              ? 
_citation.book_publisher            ? 
_citation.book_publisher_city       ? 
_citation.book_title                ? 
_citation.coordinate_linkage        ? 
_citation.country                   US 
_citation.database_id_Medline       ? 
_citation.details                   ? 
_citation.id                        primary 
_citation.journal_abbrev            'Acs Omega' 
_citation.journal_id_ASTM           ? 
_citation.journal_id_CSD            ? 
_citation.journal_id_ISSN           2470-1343 
_citation.journal_full              ? 
_citation.journal_issue             ? 
_citation.journal_volume            4 
_citation.language                  ? 
_citation.page_first                8892 
_citation.page_last                 8906 
_citation.title                     
'Establishing Drug Discovery and Identification of Hit Series for the Anti-apoptotic Proteins, Bcl-2 and Mcl-1.' 
_citation.year                      2019 
_citation.database_id_CSD           ? 
_citation.pdbx_database_id_DOI      10.1021/acsomega.9b00611 
_citation.pdbx_database_id_PubMed   31459977 
_citation.unpublished_flag          ? 
# 
loop_
_citation_author.citation_id 
_citation_author.name 
_citation_author.ordinal 
_citation_author.identifier_ORCID 
primary 'Murray, J.B.'     1  ? 
primary 'Davidson, J.'     2  ? 
primary 'Chen, I.'         3  ? 
primary 'Davis, B.'        4  ? 
primary 'Dokurno, P.'      5  ? 
primary 'Graham, C.J.'     6  ? 
primary 'Harris, R.'       7  ? 
primary 'Jordan, A.'       8  ? 
primary 'Matassova, N.'    9  ? 
primary 'Pedder, C.'       10 ? 
primary 'Ray, S.'          11 ? 
primary 'Roughley, S.D.'   12 ? 
primary 'Smith, J.'        13 ? 
primary 'Walmsley, C.'     14 ? 
primary 'Wang, Y.'         15 ? 
primary 'Whitehead, N.'    16 ? 
primary 'Williamson, D.S.' 17 ? 
primary 'Casara, P.'       18 ? 
primary 'Le Diguarher, T.' 19 ? 
primary 'Hickman, J.'      20 ? 
primary 'Stark, J.'        21 ? 
primary 'Kotschy, A.'      22 ? 
primary 'Geneste, O.'      23 ? 
primary 'Hubbard, R.E.'    24 ? 
# 
loop_
_entity.id 
_entity.type 
_entity.src_method 
_entity.pdbx_description 
_entity.formula_weight 
_entity.pdbx_number_of_molecules 
_entity.pdbx_ec 
_entity.pdbx_mutation 
_entity.pdbx_fragment 
_entity.details 
1 polymer     man 'Apoptosis regulator Bcl-2,Bcl-2-like protein 1,Apoptosis regulator Bcl-2,Bcl-2-like protein 1' 20442.461 1  ? 
'H20S, L95Q, R106L, F124G, R127Y, G128A, R129S, P168V, L175A, T178A, E179T, R183D' ? ? 
2 non-polymer syn 
;4-(4-{[2-(4-chlorophenyl)-5,5-dimethylcyclohex-1-en-1-yl]methyl}piperazin-1-yl)-N-[(4-{[(2R)-4-(morpholin-4-yl)-1-(phenylsulfanyl)butan-2-yl]amino}-3-[(trifluoromethyl)sulfonyl]phenyl)sulfonyl]benzamide
;
974.613   1  ? ?                                                                                  ? ? 
3 water       nat water 18.015    97 ? ?                                                                                  ? ? 
# 
_entity_name_com.entity_id   1 
_entity_name_com.name        'Bcl2-L-1,Apoptosis regulator Bcl-X,Bcl2-L-1,Apoptosis regulator Bcl-X' 
# 
_entity_poly.entity_id                      1 
_entity_poly.type                           'polypeptide(L)' 
_entity_poly.nstd_linkage                   no 
_entity_poly.nstd_monomer                   no 
_entity_poly.pdbx_seq_one_letter_code       
;MSQDNREIVMKYISYKLSQRGYEWDAGDVEENRTEAPEGTESEVVHQTLRQAGDDFSLRYRRDFAEMSSQLHLTPGTAYA
SFATVVEELFRDGVNWGRIVAFFEFGGVMCVESVNREMSVLVDNIAAWMATYLNDHLHTWIQDNGGWDAFVELYGNNAAA
ESRKGQERFLEHHHHHH
;
_entity_poly.pdbx_seq_one_letter_code_can   
;MSQDNREIVMKYISYKLSQRGYEWDAGDVEENRTEAPEGTESEVVHQTLRQAGDDFSLRYRRDFAEMSSQLHLTPGTAYA
SFATVVEELFRDGVNWGRIVAFFEFGGVMCVESVNREMSVLVDNIAAWMATYLNDHLHTWIQDNGGWDAFVELYGNNAAA
ESRKGQERFLEHHHHHH
;
_entity_poly.pdbx_strand_id                 A 
_entity_poly.pdbx_target_identifier         ? 
# 
loop_
_pdbx_entity_nonpoly.entity_id 
_pdbx_entity_nonpoly.name 
_pdbx_entity_nonpoly.comp_id 
2 
;4-(4-{[2-(4-chlorophenyl)-5,5-dimethylcyclohex-1-en-1-yl]methyl}piperazin-1-yl)-N-[(4-{[(2R)-4-(morpholin-4-yl)-1-(phenylsulfanyl)butan-2-yl]amino}-3-[(trifluoromethyl)sulfonyl]phenyl)sulfonyl]benzamide
;
1XJ 
3 water HOH 
# 
loop_
_entity_poly_seq.entity_id 
_entity_poly_seq.num 
_entity_poly_seq.mon_id 
_entity_poly_seq.hetero 
1 1   MET n 
1 2   SER n 
1 3   GLN n 
1 4   ASP n 
1 5   ASN n 
1 6   ARG n 
1 7   GLU n 
1 8   ILE n 
1 9   VAL n 
1 10  MET n 
1 11  LYS n 
1 12  TYR n 
1 13  ILE n 
1 14  SER n 
1 15  TYR n 
1 16  LYS n 
1 17  LEU n 
1 18  SER n 
1 19  GLN n 
1 20  ARG n 
1 21  GLY n 
1 22  TYR n 
1 23  GLU n 
1 24  TRP n 
1 25  ASP n 
1 26  ALA n 
1 27  GLY n 
1 28  ASP n 
1 29  VAL n 
1 30  GLU n 
1 31  GLU n 
1 32  ASN n 
1 33  ARG n 
1 34  THR n 
1 35  GLU n 
1 36  ALA n 
1 37  PRO n 
1 38  GLU n 
1 39  GLY n 
1 40  THR n 
1 41  GLU n 
1 42  SER n 
1 43  GLU n 
1 44  VAL n 
1 45  VAL n 
1 46  HIS n 
1 47  GLN n 
1 48  THR n 
1 49  LEU n 
1 50  ARG n 
1 51  GLN n 
1 52  ALA n 
1 53  GLY n 
1 54  ASP n 
1 55  ASP n 
1 56  PHE n 
1 57  SER n 
1 58  LEU n 
1 59  ARG n 
1 60  TYR n 
1 61  ARG n 
1 62  ARG n 
1 63  ASP n 
1 64  PHE n 
1 65  ALA n 
1 66  GLU n 
1 67  MET n 
1 68  SER n 
1 69  SER n 
1 70  GLN n 
1 71  LEU n 
1 72  HIS n 
1 73  LEU n 
1 74  THR n 
1 75  PRO n 
1 76  GLY n 
1 77  THR n 
1 78  ALA n 
1 79  TYR n 
1 80  ALA n 
1 81  SER n 
1 82  PHE n 
1 83  ALA n 
1 84  THR n 
1 85  VAL n 
1 86  VAL n 
1 87  GLU n 
1 88  GLU n 
1 89  LEU n 
1 90  PHE n 
1 91  ARG n 
1 92  ASP n 
1 93  GLY n 
1 94  VAL n 
1 95  ASN n 
1 96  TRP n 
1 97  GLY n 
1 98  ARG n 
1 99  ILE n 
1 100 VAL n 
1 101 ALA n 
1 102 PHE n 
1 103 PHE n 
1 104 GLU n 
1 105 PHE n 
1 106 GLY n 
1 107 GLY n 
1 108 VAL n 
1 109 MET n 
1 110 CYS n 
1 111 VAL n 
1 112 GLU n 
1 113 SER n 
1 114 VAL n 
1 115 ASN n 
1 116 ARG n 
1 117 GLU n 
1 118 MET n 
1 119 SER n 
1 120 VAL n 
1 121 LEU n 
1 122 VAL n 
1 123 ASP n 
1 124 ASN n 
1 125 ILE n 
1 126 ALA n 
1 127 ALA n 
1 128 TRP n 
1 129 MET n 
1 130 ALA n 
1 131 THR n 
1 132 TYR n 
1 133 LEU n 
1 134 ASN n 
1 135 ASP n 
1 136 HIS n 
1 137 LEU n 
1 138 HIS n 
1 139 THR n 
1 140 TRP n 
1 141 ILE n 
1 142 GLN n 
1 143 ASP n 
1 144 ASN n 
1 145 GLY n 
1 146 GLY n 
1 147 TRP n 
1 148 ASP n 
1 149 ALA n 
1 150 PHE n 
1 151 VAL n 
1 152 GLU n 
1 153 LEU n 
1 154 TYR n 
1 155 GLY n 
1 156 ASN n 
1 157 ASN n 
1 158 ALA n 
1 159 ALA n 
1 160 ALA n 
1 161 GLU n 
1 162 SER n 
1 163 ARG n 
1 164 LYS n 
1 165 GLY n 
1 166 GLN n 
1 167 GLU n 
1 168 ARG n 
1 169 PHE n 
1 170 LEU n 
1 171 GLU n 
1 172 HIS n 
1 173 HIS n 
1 174 HIS n 
1 175 HIS n 
1 176 HIS n 
1 177 HIS n 
# 
loop_
_entity_src_gen.entity_id 
_entity_src_gen.pdbx_src_id 
_entity_src_gen.pdbx_alt_source_flag 
_entity_src_gen.pdbx_seq_type 
_entity_src_gen.pdbx_beg_seq_num 
_entity_src_gen.pdbx_end_seq_num 
_entity_src_gen.gene_src_common_name 
_entity_src_gen.gene_src_genus 
_entity_src_gen.pdbx_gene_src_gene 
_entity_src_gen.gene_src_species 
_entity_src_gen.gene_src_strain 
_entity_src_gen.gene_src_tissue 
_entity_src_gen.gene_src_tissue_fraction 
_entity_src_gen.gene_src_details 
_entity_src_gen.pdbx_gene_src_fragment 
_entity_src_gen.pdbx_gene_src_scientific_name 
_entity_src_gen.pdbx_gene_src_ncbi_taxonomy_id 
_entity_src_gen.pdbx_gene_src_variant 
_entity_src_gen.pdbx_gene_src_cell_line 
_entity_src_gen.pdbx_gene_src_atcc 
_entity_src_gen.pdbx_gene_src_organ 
_entity_src_gen.pdbx_gene_src_organelle 
_entity_src_gen.pdbx_gene_src_cell 
_entity_src_gen.pdbx_gene_src_cellular_location 
_entity_src_gen.host_org_common_name 
_entity_src_gen.pdbx_host_org_scientific_name 
_entity_src_gen.pdbx_host_org_ncbi_taxonomy_id 
_entity_src_gen.host_org_genus 
_entity_src_gen.pdbx_host_org_gene 
_entity_src_gen.pdbx_host_org_organ 
_entity_src_gen.host_org_species 
_entity_src_gen.pdbx_host_org_tissue 
_entity_src_gen.pdbx_host_org_tissue_fraction 
_entity_src_gen.pdbx_host_org_strain 
_entity_src_gen.pdbx_host_org_variant 
_entity_src_gen.pdbx_host_org_cell_line 
_entity_src_gen.pdbx_host_org_atcc 
_entity_src_gen.pdbx_host_org_culture_collection 
_entity_src_gen.pdbx_host_org_cell 
_entity_src_gen.pdbx_host_org_organelle 
_entity_src_gen.pdbx_host_org_cellular_location 
_entity_src_gen.pdbx_host_org_vector_type 
_entity_src_gen.pdbx_host_org_vector 
_entity_src_gen.host_org_details 
_entity_src_gen.expression_system_id 
_entity_src_gen.plasmid_name 
_entity_src_gen.plasmid_details 
_entity_src_gen.pdbx_description 
1 1 sample 'Biological sequence' 1   27  Human ? BCL2                  ? ? ? ? ? ? 'Homo sapiens' 9606 ? ? ? ? ? ? ? ? 
'Escherichia coli BL21' 511693 ? ? ? ? ? ? ? pLysS ? ? ? ? ? ? ? ? ? ? ? ? ? 
1 2 sample 'Biological sequence' 28  43  Human ? 'BCL2L1, BCL2L, BCLX' ? ? ? ? ? ? 'Homo sapiens' 9606 ? ? ? ? ? ? ? ? 
'Escherichia coli BL21' 511693 ? ? ? ? ? ? ? pLysS ? ? ? ? ? ? ? ? ? ? ? ? ? 
1 3 sample 'Biological sequence' 44  155 Human ? BCL2                  ? ? ? ? ? ? 'Homo sapiens' 9606 ? ? ? ? ? ? ? ? 
'Escherichia coli BL21' 511693 ? ? ? ? ? ? ? pLysS ? ? ? ? ? ? ? ? ? ? ? ? ? 
1 4 sample 'Biological sequence' 156 177 Human ? 'BCL2L1, BCL2L, BCLX' ? ? ? ? ? ? 'Homo sapiens' 9606 ? ? ? ? ? ? ? ? 
'Escherichia coli BL21' 511693 ? ? ? ? ? ? ? pLysS ? ? ? ? ? ? ? ? ? ? ? ? ? 
# 
loop_
_chem_comp.id 
_chem_comp.type 
_chem_comp.mon_nstd_flag 
_chem_comp.name 
_chem_comp.pdbx_synonyms 
_chem_comp.formula 
_chem_comp.formula_weight 
1XJ non-polymer         . 
;4-(4-{[2-(4-chlorophenyl)-5,5-dimethylcyclohex-1-en-1-yl]methyl}piperazin-1-yl)-N-[(4-{[(2R)-4-(morpholin-4-yl)-1-(phenylsulfanyl)butan-2-yl]amino}-3-[(trifluoromethyl)sulfonyl]phenyl)sulfonyl]benzamide
;
? 'C47 H55 Cl F3 N5 O6 S3' 974.613 
ALA 'L-peptide linking' y ALANINE ? 'C3 H7 N O2'             89.093  
ARG 'L-peptide linking' y ARGININE ? 'C6 H15 N4 O2 1'         175.209 
ASN 'L-peptide linking' y ASPARAGINE ? 'C4 H8 N2 O3'            132.118 
ASP 'L-peptide linking' y 'ASPARTIC ACID' ? 'C4 H7 N O4'             133.103 
CYS 'L-peptide linking' y CYSTEINE ? 'C3 H7 N O2 S'           121.158 
GLN 'L-peptide linking' y GLUTAMINE ? 'C5 H10 N2 O3'           146.144 
GLU 'L-peptide linking' y 'GLUTAMIC ACID' ? 'C5 H9 N O4'             147.129 
GLY 'peptide linking'   y GLYCINE ? 'C2 H5 N O2'             75.067  
HIS 'L-peptide linking' y HISTIDINE ? 'C6 H10 N3 O2 1'         156.162 
HOH non-polymer         . WATER ? 'H2 O'                   18.015  
ILE 'L-peptide linking' y ISOLEUCINE ? 'C6 H13 N O2'            131.173 
LEU 'L-peptide linking' y LEUCINE ? 'C6 H13 N O2'            131.173 
LYS 'L-peptide linking' y LYSINE ? 'C6 H15 N2 O2 1'         147.195 
MET 'L-peptide linking' y METHIONINE ? 'C5 H11 N O2 S'          149.211 
PHE 'L-peptide linking' y PHENYLALANINE ? 'C9 H11 N O2'            165.189 
PRO 'L-peptide linking' y PROLINE ? 'C5 H9 N O2'             115.130 
SER 'L-peptide linking' y SERINE ? 'C3 H7 N O3'             105.093 
THR 'L-peptide linking' y THREONINE ? 'C4 H9 N O3'             119.119 
TRP 'L-peptide linking' y TRYPTOPHAN ? 'C11 H12 N2 O2'          204.225 
TYR 'L-peptide linking' y TYROSINE ? 'C9 H11 N O3'            181.189 
VAL 'L-peptide linking' y VALINE ? 'C5 H11 N O2'            117.146 
# 
loop_
_pdbx_poly_seq_scheme.asym_id 
_pdbx_poly_seq_scheme.entity_id 
_pdbx_poly_seq_scheme.seq_id 
_pdbx_poly_seq_scheme.mon_id 
_pdbx_poly_seq_scheme.ndb_seq_num 
_pdbx_poly_seq_scheme.pdb_seq_num 
_pdbx_poly_seq_scheme.auth_seq_num 
_pdbx_poly_seq_scheme.pdb_mon_id 
_pdbx_poly_seq_scheme.auth_mon_id 
_pdbx_poly_seq_scheme.pdb_strand_id 
_pdbx_poly_seq_scheme.pdb_ins_code 
_pdbx_poly_seq_scheme.hetero 
A 1 1   MET 1   7   ?   ?   ?   A . n 
A 1 2   SER 2   8   ?   ?   ?   A . n 
A 1 3   GLN 3   9   9   GLN GLN A . n 
A 1 4   ASP 4   10  10  ASP ASP A . n 
A 1 5   ASN 5   11  11  ASN ASN A . n 
A 1 6   ARG 6   12  12  ARG ARG A . n 
A 1 7   GLU 7   13  13  GLU GLU A . n 
A 1 8   ILE 8   14  14  ILE ILE A . n 
A 1 9   VAL 9   15  15  VAL VAL A . n 
A 1 10  MET 10  16  16  MET MET A . n 
A 1 11  LYS 11  17  17  LYS LYS A . n 
A 1 12  TYR 12  18  18  TYR TYR A . n 
A 1 13  ILE 13  19  19  ILE ILE A . n 
A 1 14  SER 14  20  20  SER SER A . n 
A 1 15  TYR 15  21  21  TYR TYR A . n 
A 1 16  LYS 16  22  22  LYS LYS A . n 
A 1 17  LEU 17  23  23  LEU LEU A . n 
A 1 18  SER 18  24  24  SER SER A . n 
A 1 19  GLN 19  25  25  GLN GLN A . n 
A 1 20  ARG 20  26  26  ARG ARG A . n 
A 1 21  GLY 21  27  27  GLY GLY A . n 
A 1 22  TYR 22  28  28  TYR TYR A . n 
A 1 23  GLU 23  29  29  GLU GLU A . n 
A 1 24  TRP 24  30  30  TRP TRP A . n 
A 1 25  ASP 25  31  ?   ?   ?   A . n 
A 1 26  ALA 26  32  ?   ?   ?   A . n 
A 1 27  GLY 27  33  ?   ?   ?   A . n 
A 1 28  ASP 28  34  ?   ?   ?   A . n 
A 1 29  VAL 29  35  ?   ?   ?   A . n 
A 1 30  GLU 30  36  ?   ?   ?   A . n 
A 1 31  GLU 31  37  ?   ?   ?   A . n 
A 1 32  ASN 32  38  ?   ?   ?   A . n 
A 1 33  ARG 33  39  ?   ?   ?   A . n 
A 1 34  THR 34  40  ?   ?   ?   A . n 
A 1 35  GLU 35  41  ?   ?   ?   A . n 
A 1 36  ALA 36  42  ?   ?   ?   A . n 
A 1 37  PRO 37  43  ?   ?   ?   A . n 
A 1 38  GLU 38  44  ?   ?   ?   A . n 
A 1 39  GLY 39  45  ?   ?   ?   A . n 
A 1 40  THR 40  46  ?   ?   ?   A . n 
A 1 41  GLU 41  47  89  GLU GLU A . n 
A 1 42  SER 42  48  90  SER SER A . n 
A 1 43  GLU 43  49  91  GLU GLU A . n 
A 1 44  VAL 44  92  92  VAL VAL A . n 
A 1 45  VAL 45  93  93  VAL VAL A . n 
A 1 46  HIS 46  94  94  HIS HIS A . n 
A 1 47  GLN 47  95  95  GLN GLN A . n 
A 1 48  THR 48  96  96  THR THR A . n 
A 1 49  LEU 49  97  97  LEU LEU A . n 
A 1 50  ARG 50  98  98  ARG ARG A . n 
A 1 51  GLN 51  99  99  GLN GLN A . n 
A 1 52  ALA 52  100 100 ALA ALA A . n 
A 1 53  GLY 53  101 101 GLY GLY A . n 
A 1 54  ASP 54  102 102 ASP ASP A . n 
A 1 55  ASP 55  103 103 ASP ASP A . n 
A 1 56  PHE 56  104 104 PHE PHE A . n 
A 1 57  SER 57  105 105 SER SER A . n 
A 1 58  LEU 58  106 106 LEU LEU A . n 
A 1 59  ARG 59  107 107 ARG ARG A . n 
A 1 60  TYR 60  108 108 TYR TYR A . n 
A 1 61  ARG 61  109 109 ARG ARG A . n 
A 1 62  ARG 62  110 110 ARG ARG A . n 
A 1 63  ASP 63  111 111 ASP ASP A . n 
A 1 64  PHE 64  112 112 PHE PHE A . n 
A 1 65  ALA 65  113 113 ALA ALA A . n 
A 1 66  GLU 66  114 114 GLU GLU A . n 
A 1 67  MET 67  115 115 MET MET A . n 
A 1 68  SER 68  116 116 SER SER A . n 
A 1 69  SER 69  117 117 SER SER A . n 
A 1 70  GLN 70  118 118 GLN GLN A . n 
A 1 71  LEU 71  119 119 LEU LEU A . n 
A 1 72  HIS 72  120 120 HIS HIS A . n 
A 1 73  LEU 73  121 121 LEU LEU A . n 
A 1 74  THR 74  122 122 THR THR A . n 
A 1 75  PRO 75  123 123 PRO PRO A . n 
A 1 76  GLY 76  124 124 GLY GLY A . n 
A 1 77  THR 77  125 125 THR THR A . n 
A 1 78  ALA 78  126 126 ALA ALA A . n 
A 1 79  TYR 79  127 127 TYR TYR A . n 
A 1 80  ALA 80  128 128 ALA ALA A . n 
A 1 81  SER 81  129 129 SER SER A . n 
A 1 82  PHE 82  130 130 PHE PHE A . n 
A 1 83  ALA 83  131 131 ALA ALA A . n 
A 1 84  THR 84  132 132 THR THR A . n 
A 1 85  VAL 85  133 133 VAL VAL A . n 
A 1 86  VAL 86  134 134 VAL VAL A . n 
A 1 87  GLU 87  135 135 GLU GLU A . n 
A 1 88  GLU 88  136 136 GLU GLU A . n 
A 1 89  LEU 89  137 137 LEU LEU A . n 
A 1 90  PHE 90  138 138 PHE PHE A . n 
A 1 91  ARG 91  139 139 ARG ARG A . n 
A 1 92  ASP 92  140 140 ASP ASP A . n 
A 1 93  GLY 93  141 141 GLY GLY A . n 
A 1 94  VAL 94  142 142 VAL VAL A . n 
A 1 95  ASN 95  143 143 ASN ASN A . n 
A 1 96  TRP 96  144 144 TRP TRP A . n 
A 1 97  GLY 97  145 145 GLY GLY A . n 
A 1 98  ARG 98  146 146 ARG ARG A . n 
A 1 99  ILE 99  147 147 ILE ILE A . n 
A 1 100 VAL 100 148 148 VAL VAL A . n 
A 1 101 ALA 101 149 149 ALA ALA A . n 
A 1 102 PHE 102 150 150 PHE PHE A . n 
A 1 103 PHE 103 151 151 PHE PHE A . n 
A 1 104 GLU 104 152 152 GLU GLU A . n 
A 1 105 PHE 105 153 153 PHE PHE A . n 
A 1 106 GLY 106 154 154 GLY GLY A . n 
A 1 107 GLY 107 155 155 GLY GLY A . n 
A 1 108 VAL 108 156 156 VAL VAL A . n 
A 1 109 MET 109 157 157 MET MET A . n 
A 1 110 CYS 110 158 158 CYS CYS A . n 
A 1 111 VAL 111 159 159 VAL VAL A . n 
A 1 112 GLU 112 160 160 GLU GLU A . n 
A 1 113 SER 113 161 161 SER SER A . n 
A 1 114 VAL 114 162 162 VAL VAL A . n 
A 1 115 ASN 115 163 163 ASN ASN A . n 
A 1 116 ARG 116 164 164 ARG ARG A . n 
A 1 117 GLU 117 165 165 GLU GLU A . n 
A 1 118 MET 118 166 166 MET MET A . n 
A 1 119 SER 119 167 167 SER SER A . n 
A 1 120 VAL 120 168 168 VAL VAL A . n 
A 1 121 LEU 121 169 169 LEU LEU A . n 
A 1 122 VAL 122 170 170 VAL VAL A . n 
A 1 123 ASP 123 171 171 ASP ASP A . n 
A 1 124 ASN 124 172 172 ASN ASN A . n 
A 1 125 ILE 125 173 173 ILE ILE A . n 
A 1 126 ALA 126 174 174 ALA ALA A . n 
A 1 127 ALA 127 175 175 ALA ALA A . n 
A 1 128 TRP 128 176 176 TRP TRP A . n 
A 1 129 MET 129 177 177 MET MET A . n 
A 1 130 ALA 130 178 178 ALA ALA A . n 
A 1 131 THR 131 179 179 THR THR A . n 
A 1 132 TYR 132 180 180 TYR TYR A . n 
A 1 133 LEU 133 181 181 LEU LEU A . n 
A 1 134 ASN 134 182 182 ASN ASN A . n 
A 1 135 ASP 135 183 183 ASP ASP A . n 
A 1 136 HIS 136 184 184 HIS HIS A . n 
A 1 137 LEU 137 185 185 LEU LEU A . n 
A 1 138 HIS 138 186 186 HIS HIS A . n 
A 1 139 THR 139 187 187 THR THR A . n 
A 1 140 TRP 140 188 188 TRP TRP A . n 
A 1 141 ILE 141 189 189 ILE ILE A . n 
A 1 142 GLN 142 190 190 GLN GLN A . n 
A 1 143 ASP 143 191 191 ASP ASP A . n 
A 1 144 ASN 144 192 192 ASN ASN A . n 
A 1 145 GLY 145 193 193 GLY GLY A . n 
A 1 146 GLY 146 194 194 GLY GLY A . n 
A 1 147 TRP 147 195 195 TRP TRP A . n 
A 1 148 ASP 148 196 196 ASP ASP A . n 
A 1 149 ALA 149 197 197 ALA ALA A . n 
A 1 150 PHE 150 198 198 PHE PHE A . n 
A 1 151 VAL 151 199 199 VAL VAL A . n 
A 1 152 GLU 152 200 200 GLU GLU A . n 
A 1 153 LEU 153 201 201 LEU LEU A . n 
A 1 154 TYR 154 202 202 TYR TYR A . n 
A 1 155 GLY 155 203 203 GLY GLY A . n 
A 1 156 ASN 156 204 204 ASN ASN A . n 
A 1 157 ASN 157 205 205 ASN ASN A . n 
A 1 158 ALA 158 206 206 ALA ALA A . n 
A 1 159 ALA 159 207 207 ALA ALA A . n 
A 1 160 ALA 160 208 208 ALA ALA A . n 
A 1 161 GLU 161 209 209 GLU GLU A . n 
A 1 162 SER 162 210 210 SER SER A . n 
A 1 163 ARG 163 211 211 ARG ARG A . n 
A 1 164 LYS 164 212 212 LYS LYS A . n 
A 1 165 GLY 165 213 213 GLY GLY A . n 
A 1 166 GLN 166 214 214 GLN GLN A . n 
A 1 167 GLU 167 215 215 GLU GLU A . n 
A 1 168 ARG 168 216 216 ARG ARG A . n 
A 1 169 PHE 169 217 217 PHE PHE A . n 
A 1 170 LEU 170 218 218 LEU LEU A . n 
A 1 171 GLU 171 219 219 GLU GLU A . n 
A 1 172 HIS 172 220 220 HIS HIS A . n 
A 1 173 HIS 173 221 ?   ?   ?   A . n 
A 1 174 HIS 174 222 ?   ?   ?   A . n 
A 1 175 HIS 175 223 ?   ?   ?   A . n 
A 1 176 HIS 176 224 ?   ?   ?   A . n 
A 1 177 HIS 177 225 ?   ?   ?   A . n 
# 
loop_
_pdbx_nonpoly_scheme.asym_id 
_pdbx_nonpoly_scheme.entity_id 
_pdbx_nonpoly_scheme.mon_id 
_pdbx_nonpoly_scheme.ndb_seq_num 
_pdbx_nonpoly_scheme.pdb_seq_num 
_pdbx_nonpoly_scheme.auth_seq_num 
_pdbx_nonpoly_scheme.pdb_mon_id 
_pdbx_nonpoly_scheme.auth_mon_id 
_pdbx_nonpoly_scheme.pdb_strand_id 
_pdbx_nonpoly_scheme.pdb_ins_code 
B 2 1XJ 1  401 401 1XJ UNK A . 
C 3 HOH 1  501 2   HOH HOH A . 
C 3 HOH 2  502 67  HOH HOH A . 
C 3 HOH 3  503 8   HOH HOH A . 
C 3 HOH 4  504 91  HOH HOH A . 
C 3 HOH 5  505 14  HOH HOH A . 
C 3 HOH 6  506 90  HOH HOH A . 
C 3 HOH 7  507 93  HOH HOH A . 
C 3 HOH 8  508 10  HOH HOH A . 
C 3 HOH 9  509 57  HOH HOH A . 
C 3 HOH 10 510 61  HOH HOH A . 
C 3 HOH 11 511 47  HOH HOH A . 
C 3 HOH 12 512 7   HOH HOH A . 
C 3 HOH 13 513 83  HOH HOH A . 
C 3 HOH 14 514 52  HOH HOH A . 
C 3 HOH 15 515 78  HOH HOH A . 
C 3 HOH 16 516 60  HOH HOH A . 
C 3 HOH 17 517 74  HOH HOH A . 
C 3 HOH 18 518 36  HOH HOH A . 
C 3 HOH 19 519 40  HOH HOH A . 
C 3 HOH 20 520 33  HOH HOH A . 
C 3 HOH 21 521 32  HOH HOH A . 
C 3 HOH 22 522 62  HOH HOH A . 
C 3 HOH 23 523 31  HOH HOH A . 
C 3 HOH 24 524 28  HOH HOH A . 
C 3 HOH 25 525 37  HOH HOH A . 
C 3 HOH 26 526 24  HOH HOH A . 
C 3 HOH 27 527 45  HOH HOH A . 
C 3 HOH 28 528 13  HOH HOH A . 
C 3 HOH 29 529 25  HOH HOH A . 
C 3 HOH 30 530 87  HOH HOH A . 
C 3 HOH 31 531 22  HOH HOH A . 
C 3 HOH 32 532 77  HOH HOH A . 
C 3 HOH 33 533 39  HOH HOH A . 
C 3 HOH 34 534 95  HOH HOH A . 
C 3 HOH 35 535 4   HOH HOH A . 
C 3 HOH 36 536 16  HOH HOH A . 
C 3 HOH 37 537 3   HOH HOH A . 
C 3 HOH 38 538 75  HOH HOH A . 
C 3 HOH 39 539 35  HOH HOH A . 
C 3 HOH 40 540 12  HOH HOH A . 
C 3 HOH 41 541 41  HOH HOH A . 
C 3 HOH 42 542 54  HOH HOH A . 
C 3 HOH 43 543 17  HOH HOH A . 
C 3 HOH 44 544 34  HOH HOH A . 
C 3 HOH 45 545 11  HOH HOH A . 
C 3 HOH 46 546 56  HOH HOH A . 
C 3 HOH 47 547 51  HOH HOH A . 
C 3 HOH 48 548 43  HOH HOH A . 
C 3 HOH 49 549 6   HOH HOH A . 
C 3 HOH 50 550 79  HOH HOH A . 
C 3 HOH 51 551 92  HOH HOH A . 
C 3 HOH 52 552 42  HOH HOH A . 
C 3 HOH 53 553 15  HOH HOH A . 
C 3 HOH 54 554 58  HOH HOH A . 
C 3 HOH 55 555 65  HOH HOH A . 
C 3 HOH 56 556 26  HOH HOH A . 
C 3 HOH 57 557 18  HOH HOH A . 
C 3 HOH 58 558 48  HOH HOH A . 
C 3 HOH 59 559 71  HOH HOH A . 
C 3 HOH 60 560 84  HOH HOH A . 
C 3 HOH 61 561 49  HOH HOH A . 
C 3 HOH 62 562 50  HOH HOH A . 
C 3 HOH 63 563 53  HOH HOH A . 
C 3 HOH 64 564 66  HOH HOH A . 
C 3 HOH 65 565 29  HOH HOH A . 
C 3 HOH 66 566 64  HOH HOH A . 
C 3 HOH 67 567 85  HOH HOH A . 
C 3 HOH 68 568 69  HOH HOH A . 
C 3 HOH 69 569 72  HOH HOH A . 
C 3 HOH 70 570 81  HOH HOH A . 
C 3 HOH 71 571 5   HOH HOH A . 
C 3 HOH 72 572 63  HOH HOH A . 
C 3 HOH 73 573 80  HOH HOH A . 
C 3 HOH 74 574 76  HOH HOH A . 
C 3 HOH 75 575 21  HOH HOH A . 
C 3 HOH 76 576 46  HOH HOH A . 
C 3 HOH 77 577 59  HOH HOH A . 
C 3 HOH 78 578 70  HOH HOH A . 
C 3 HOH 79 579 1   HOH HOH A . 
C 3 HOH 80 580 9   HOH HOH A . 
C 3 HOH 81 581 73  HOH HOH A . 
C 3 HOH 82 582 68  HOH HOH A . 
C 3 HOH 83 583 55  HOH HOH A . 
C 3 HOH 84 584 23  HOH HOH A . 
C 3 HOH 85 585 20  HOH HOH A . 
C 3 HOH 86 586 86  HOH HOH A . 
C 3 HOH 87 587 38  HOH HOH A . 
C 3 HOH 88 588 19  HOH HOH A . 
C 3 HOH 89 589 44  HOH HOH A . 
C 3 HOH 90 590 96  HOH HOH A . 
C 3 HOH 91 591 82  HOH HOH A . 
C 3 HOH 92 592 97  HOH HOH A . 
C 3 HOH 93 593 89  HOH HOH A . 
C 3 HOH 94 594 30  HOH HOH A . 
C 3 HOH 95 595 27  HOH HOH A . 
C 3 HOH 96 596 94  HOH HOH A . 
C 3 HOH 97 597 88  HOH HOH A . 
# 
loop_
_pdbx_unobs_or_zero_occ_atoms.id 
_pdbx_unobs_or_zero_occ_atoms.PDB_model_num 
_pdbx_unobs_or_zero_occ_atoms.polymer_flag 
_pdbx_unobs_or_zero_occ_atoms.occupancy_flag 
_pdbx_unobs_or_zero_occ_atoms.auth_asym_id 
_pdbx_unobs_or_zero_occ_atoms.auth_comp_id 
_pdbx_unobs_or_zero_occ_atoms.auth_seq_id 
_pdbx_unobs_or_zero_occ_atoms.PDB_ins_code 
_pdbx_unobs_or_zero_occ_atoms.auth_atom_id 
_pdbx_unobs_or_zero_occ_atoms.label_alt_id 
_pdbx_unobs_or_zero_occ_atoms.label_asym_id 
_pdbx_unobs_or_zero_occ_atoms.label_comp_id 
_pdbx_unobs_or_zero_occ_atoms.label_seq_id 
_pdbx_unobs_or_zero_occ_atoms.label_atom_id 
1  1 Y 1 A GLU 29  ? CG  ? A GLU 23  CG  
2  1 Y 1 A GLU 29  ? CD  ? A GLU 23  CD  
3  1 Y 1 A GLU 29  ? OE1 ? A GLU 23  OE1 
4  1 Y 1 A GLU 29  ? OE2 ? A GLU 23  OE2 
5  1 Y 1 A GLU 47  ? CG  ? A GLU 41  CG  
6  1 Y 1 A GLU 47  ? CD  ? A GLU 41  CD  
7  1 Y 1 A GLU 47  ? OE1 ? A GLU 41  OE1 
8  1 Y 1 A GLU 47  ? OE2 ? A GLU 41  OE2 
9  1 Y 1 A GLU 219 ? CG  ? A GLU 171 CG  
10 1 Y 1 A GLU 219 ? CD  ? A GLU 171 CD  
11 1 Y 1 A GLU 219 ? OE1 ? A GLU 171 OE1 
12 1 Y 1 A GLU 219 ? OE2 ? A GLU 171 OE2 
13 1 Y 1 A HIS 220 ? CG  ? A HIS 172 CG  
14 1 Y 1 A HIS 220 ? ND1 ? A HIS 172 ND1 
15 1 Y 1 A HIS 220 ? CD2 ? A HIS 172 CD2 
16 1 Y 1 A HIS 220 ? CE1 ? A HIS 172 CE1 
17 1 Y 1 A HIS 220 ? NE2 ? A HIS 172 NE2 
# 
loop_
_software.citation_id 
_software.classification 
_software.compiler_name 
_software.compiler_version 
_software.contact_author 
_software.contact_author_email 
_software.date 
_software.description 
_software.dependencies 
_software.hardware 
_software.language 
_software.location 
_software.mods 
_software.name 
_software.os 
_software.os_version 
_software.type 
_software.version 
_software.pdbx_ordinal 
? 'data scaling'    ? ? ? ? ? ? ? ? ? ? ? d*TREK       ? ? ? 9.4SSI   1 
? refinement        ? ? ? ? ? ? ? ? ? ? ? REFMAC       ? ? ? 5.8.0230 2 
? 'data extraction' ? ? ? ? ? ? ? ? ? ? ? PDB_EXTRACT  ? ? ? 3.24     3 
? 'data reduction'  ? ? ? ? ? ? ? ? ? ? ? CrystalClear ? ? ? .        4 
? phasing           ? ? ? ? ? ? ? ? ? ? ? MOLREP       ? ? ? .        5 
# 
_cell.angle_alpha                  90.000 
_cell.angle_alpha_esd              ? 
_cell.angle_beta                   90.000 
_cell.angle_beta_esd               ? 
_cell.angle_gamma                  90.000 
_cell.angle_gamma_esd              ? 
_cell.entry_id                     6QGH 
_cell.details                      ? 
_cell.formula_units_Z              ? 
_cell.length_a                     44.419 
_cell.length_a_esd                 ? 
_cell.length_b                     55.110 
_cell.length_b_esd                 ? 
_cell.length_c                     64.690 
_cell.length_c_esd                 ? 
_cell.volume                       ? 
_cell.volume_esd                   ? 
_cell.Z_PDB                        4 
_cell.reciprocal_angle_alpha       ? 
_cell.reciprocal_angle_beta        ? 
_cell.reciprocal_angle_gamma       ? 
_cell.reciprocal_angle_alpha_esd   ? 
_cell.reciprocal_angle_beta_esd    ? 
_cell.reciprocal_angle_gamma_esd   ? 
_cell.reciprocal_length_a          ? 
_cell.reciprocal_length_b          ? 
_cell.reciprocal_length_c          ? 
_cell.reciprocal_length_a_esd      ? 
_cell.reciprocal_length_b_esd      ? 
_cell.reciprocal_length_c_esd      ? 
_cell.pdbx_unique_axis             ? 
# 
_symmetry.entry_id                         6QGH 
_symmetry.cell_setting                     ? 
_symmetry.Int_Tables_number                19 
_symmetry.space_group_name_Hall            ? 
_symmetry.space_group_name_H-M             'P 21 21 21' 
_symmetry.pdbx_full_space_group_name_H-M   ? 
# 
_exptl.absorpt_coefficient_mu     ? 
_exptl.absorpt_correction_T_max   ? 
_exptl.absorpt_correction_T_min   ? 
_exptl.absorpt_correction_type    ? 
_exptl.absorpt_process_details    ? 
_exptl.entry_id                   6QGH 
_exptl.crystals_number            1 
_exptl.details                    ? 
_exptl.method                     'X-RAY DIFFRACTION' 
_exptl.method_details             ? 
# 
_exptl_crystal.colour                      ? 
_exptl_crystal.density_diffrn              ? 
_exptl_crystal.density_Matthews            1.94 
_exptl_crystal.density_method              ? 
_exptl_crystal.density_percent_sol         36.49 
_exptl_crystal.description                 ? 
_exptl_crystal.F_000                       ? 
_exptl_crystal.id                          1 
_exptl_crystal.preparation                 ? 
_exptl_crystal.size_max                    ? 
_exptl_crystal.size_mid                    ? 
_exptl_crystal.size_min                    ? 
_exptl_crystal.size_rad                    ? 
_exptl_crystal.colour_lustre               ? 
_exptl_crystal.colour_modifier             ? 
_exptl_crystal.colour_primary              ? 
_exptl_crystal.density_meas                ? 
_exptl_crystal.density_meas_esd            ? 
_exptl_crystal.density_meas_gt             ? 
_exptl_crystal.density_meas_lt             ? 
_exptl_crystal.density_meas_temp           ? 
_exptl_crystal.density_meas_temp_esd       ? 
_exptl_crystal.density_meas_temp_gt        ? 
_exptl_crystal.density_meas_temp_lt        ? 
_exptl_crystal.pdbx_crystal_image_url      ? 
_exptl_crystal.pdbx_crystal_image_format   ? 
_exptl_crystal.pdbx_mosaicity              ? 
_exptl_crystal.pdbx_mosaicity_esd          ? 
# 
_exptl_crystal_grow.apparatus       ? 
_exptl_crystal_grow.atmosphere      ? 
_exptl_crystal_grow.crystal_id      1 
_exptl_crystal_grow.details         ? 
_exptl_crystal_grow.method          'VAPOR DIFFUSION, SITTING DROP' 
_exptl_crystal_grow.method_ref      ? 
_exptl_crystal_grow.pH              5.5 
_exptl_crystal_grow.pressure        ? 
_exptl_crystal_grow.pressure_esd    ? 
_exptl_crystal_grow.seeding         ? 
_exptl_crystal_grow.seeding_ref     ? 
_exptl_crystal_grow.temp            284 
_exptl_crystal_grow.temp_details    ? 
_exptl_crystal_grow.temp_esd        ? 
_exptl_crystal_grow.time            ? 
_exptl_crystal_grow.pdbx_details    '0.2 M NaCl, 25% PEG3350 and 0.1 M Bis-Tris buffer pH 5.5' 
_exptl_crystal_grow.pdbx_pH_range   ? 
# 
_diffrn.ambient_environment              ? 
_diffrn.ambient_temp                     100 
_diffrn.ambient_temp_details             ? 
_diffrn.ambient_temp_esd                 ? 
_diffrn.crystal_id                       1 
_diffrn.crystal_support                  ? 
_diffrn.crystal_treatment                ? 
_diffrn.details                          ? 
_diffrn.id                               1 
_diffrn.ambient_pressure                 ? 
_diffrn.ambient_pressure_esd             ? 
_diffrn.ambient_pressure_gt              ? 
_diffrn.ambient_pressure_lt              ? 
_diffrn.ambient_temp_gt                  ? 
_diffrn.ambient_temp_lt                  ? 
_diffrn.pdbx_serial_crystal_experiment   N 
# 
_diffrn_detector.details                      ? 
_diffrn_detector.detector                     'IMAGE PLATE' 
_diffrn_detector.diffrn_id                    1 
_diffrn_detector.type                         'RIGAKU RAXIS IV++' 
_diffrn_detector.area_resol_mean              ? 
_diffrn_detector.dtime                        ? 
_diffrn_detector.pdbx_frames_total            ? 
_diffrn_detector.pdbx_collection_time_total   ? 
_diffrn_detector.pdbx_collection_date         2008-08-29 
_diffrn_detector.pdbx_frequency               ? 
# 
_diffrn_radiation.collimation                      ? 
_diffrn_radiation.diffrn_id                        1 
_diffrn_radiation.filter_edge                      ? 
_diffrn_radiation.inhomogeneity                    ? 
_diffrn_radiation.monochromator                    ? 
_diffrn_radiation.polarisn_norm                    ? 
_diffrn_radiation.polarisn_ratio                   ? 
_diffrn_radiation.probe                            ? 
_diffrn_radiation.type                             ? 
_diffrn_radiation.xray_symbol                      ? 
_diffrn_radiation.wavelength_id                    1 
_diffrn_radiation.pdbx_monochromatic_or_laue_m_l   M 
_diffrn_radiation.pdbx_wavelength_list             ? 
_diffrn_radiation.pdbx_wavelength                  ? 
_diffrn_radiation.pdbx_diffrn_protocol             'SINGLE WAVELENGTH' 
_diffrn_radiation.pdbx_analyzer                    ? 
_diffrn_radiation.pdbx_scattering_type             x-ray 
# 
_diffrn_radiation_wavelength.id           1 
_diffrn_radiation_wavelength.wavelength   1.5418 
_diffrn_radiation_wavelength.wt           1.0 
# 
_diffrn_source.current                     ? 
_diffrn_source.details                     ? 
_diffrn_source.diffrn_id                   1 
_diffrn_source.power                       ? 
_diffrn_source.size                        ? 
_diffrn_source.source                      'ROTATING ANODE' 
_diffrn_source.target                      ? 
_diffrn_source.type                        'RIGAKU RUH3R' 
_diffrn_source.voltage                     ? 
_diffrn_source.take-off_angle              ? 
_diffrn_source.pdbx_wavelength_list        1.5418 
_diffrn_source.pdbx_wavelength             ? 
_diffrn_source.pdbx_synchrotron_beamline   ? 
_diffrn_source.pdbx_synchrotron_site       ? 
# 
_reflns.B_iso_Wilson_estimate            ? 
_reflns.entry_id                         6QGH 
_reflns.data_reduction_details           ? 
_reflns.data_reduction_method            ? 
_reflns.d_resolution_high                1.900 
_reflns.d_resolution_low                 27.900 
_reflns.details                          ? 
_reflns.limit_h_max                      ? 
_reflns.limit_h_min                      ? 
_reflns.limit_k_max                      ? 
_reflns.limit_k_min                      ? 
_reflns.limit_l_max                      ? 
_reflns.limit_l_min                      ? 
_reflns.number_all                       ? 
_reflns.number_obs                       12847 
_reflns.observed_criterion               ? 
_reflns.observed_criterion_F_max         ? 
_reflns.observed_criterion_F_min         ? 
_reflns.observed_criterion_I_max         ? 
_reflns.observed_criterion_I_min         ? 
_reflns.observed_criterion_sigma_F       ? 
_reflns.observed_criterion_sigma_I       ? 
_reflns.percent_possible_obs             98.000 
_reflns.R_free_details                   ? 
_reflns.Rmerge_F_all                     ? 
_reflns.Rmerge_F_obs                     ? 
_reflns.Friedel_coverage                 ? 
_reflns.number_gt                        ? 
_reflns.threshold_expression             ? 
_reflns.pdbx_redundancy                  4.620 
_reflns.pdbx_Rmerge_I_obs                0.103 
_reflns.pdbx_Rmerge_I_all                ? 
_reflns.pdbx_Rsym_value                  ? 
_reflns.pdbx_netI_over_av_sigmaI         ? 
_reflns.pdbx_netI_over_sigmaI            8.100 
_reflns.pdbx_res_netI_over_av_sigmaI_2   ? 
_reflns.pdbx_res_netI_over_sigmaI_2      ? 
_reflns.pdbx_chi_squared                 0.960 
_reflns.pdbx_scaling_rejects             450 
_reflns.pdbx_d_res_high_opt              ? 
_reflns.pdbx_d_res_low_opt               ? 
_reflns.pdbx_d_res_opt_method            ? 
_reflns.phase_calculation_details        ? 
_reflns.pdbx_Rrim_I_all                  0.103 
_reflns.pdbx_Rpim_I_all                  ? 
_reflns.pdbx_d_opt                       ? 
_reflns.pdbx_number_measured_all         59783 
_reflns.pdbx_diffrn_id                   1 
_reflns.pdbx_ordinal                     1 
_reflns.pdbx_CC_half                     ? 
_reflns.pdbx_R_split                     ? 
# 
loop_
_reflns_shell.d_res_high 
_reflns_shell.d_res_low 
_reflns_shell.meanI_over_sigI_all 
_reflns_shell.meanI_over_sigI_obs 
_reflns_shell.number_measured_all 
_reflns_shell.number_measured_obs 
_reflns_shell.number_possible 
_reflns_shell.number_unique_all 
_reflns_shell.number_unique_obs 
_reflns_shell.percent_possible_all 
_reflns_shell.percent_possible_obs 
_reflns_shell.Rmerge_F_all 
_reflns_shell.Rmerge_F_obs 
_reflns_shell.Rmerge_I_all 
_reflns_shell.Rmerge_I_obs 
_reflns_shell.meanI_over_sigI_gt 
_reflns_shell.meanI_over_uI_all 
_reflns_shell.meanI_over_uI_gt 
_reflns_shell.number_measured_gt 
_reflns_shell.number_unique_gt 
_reflns_shell.percent_possible_gt 
_reflns_shell.Rmerge_F_gt 
_reflns_shell.Rmerge_I_gt 
_reflns_shell.pdbx_redundancy 
_reflns_shell.pdbx_Rsym_value 
_reflns_shell.pdbx_chi_squared 
_reflns_shell.pdbx_netI_over_sigmaI_all 
_reflns_shell.pdbx_netI_over_sigmaI_obs 
_reflns_shell.pdbx_Rrim_I_all 
_reflns_shell.pdbx_Rpim_I_all 
_reflns_shell.pdbx_rejects 
_reflns_shell.pdbx_ordinal 
_reflns_shell.pdbx_diffrn_id 
_reflns_shell.pdbx_CC_half 
_reflns_shell.pdbx_R_split 
1.900 1.970  ? 2.800  ? ? ? ? 1171 90.800 ? ? ? ? 0.471 ? ? ? ? ? ? ? ? 4.200 ? 1.380 ? ? ? ? ? 1  1 ? ? 
1.970 2.040  ? 3.100  ? ? ? ? 1240 97.500 ? ? ? ? 0.408 ? ? ? ? ? ? ? ? 4.700 ? 1.160 ? ? ? ? ? 2  1 ? ? 
2.040 2.140  ? 3.400  ? ? ? ? 1267 98.400 ? ? ? ? 0.359 ? ? ? ? ? ? ? ? 4.670 ? 1.110 ? ? ? ? ? 3  1 ? ? 
2.140 2.250  ? 4.100  ? ? ? ? 1267 98.500 ? ? ? ? 0.295 ? ? ? ? ? ? ? ? 4.670 ? 1.020 ? ? ? ? ? 4  1 ? ? 
2.250 2.390  ? 5.000  ? ? ? ? 1276 98.700 ? ? ? ? 0.231 ? ? ? ? ? ? ? ? 4.680 ? 0.910 ? ? ? ? ? 5  1 ? ? 
2.390 2.580  ? 5.700  ? ? ? ? 1280 99.200 ? ? ? ? 0.204 ? ? ? ? ? ? ? ? 4.680 ? 0.930 ? ? ? ? ? 6  1 ? ? 
2.580 2.830  ? 7.100  ? ? ? ? 1306 99.400 ? ? ? ? 0.149 ? ? ? ? ? ? ? ? 4.680 ? 0.880 ? ? ? ? ? 7  1 ? ? 
2.830 3.240  ? 10.700 ? ? ? ? 1312 99.800 ? ? ? ? 0.100 ? ? ? ? ? ? ? ? 4.680 ? 0.830 ? ? ? ? ? 8  1 ? ? 
3.240 4.090  ? 16.100 ? ? ? ? 1332 99.800 ? ? ? ? 0.058 ? ? ? ? ? ? ? ? 4.680 ? 0.720 ? ? ? ? ? 9  1 ? ? 
4.090 27.900 ? 20.500 ? ? ? ? 1396 97.800 ? ? ? ? 0.047 ? ? ? ? ? ? ? ? 4.530 ? 0.720 ? ? ? ? ? 10 1 ? ? 
# 
_refine.aniso_B[1][1]                            1.4900 
_refine.aniso_B[1][2]                            -0.0000 
_refine.aniso_B[1][3]                            0.0000 
_refine.aniso_B[2][2]                            -0.4900 
_refine.aniso_B[2][3]                            0.0000 
_refine.aniso_B[3][3]                            -1.0000 
_refine.B_iso_max                                77.750 
_refine.B_iso_mean                               29.5710 
_refine.B_iso_min                                15.550 
_refine.correlation_coeff_Fo_to_Fc               0.9590 
_refine.correlation_coeff_Fo_to_Fc_free          0.9470 
_refine.details                                  
'HYDROGENS HAVE BEEN ADDED IN THE RIDING POSITIONS U VALUES      : REFINED INDIVIDUALLY' 
_refine.diff_density_max                         ? 
_refine.diff_density_max_esd                     ? 
_refine.diff_density_min                         ? 
_refine.diff_density_min_esd                     ? 
_refine.diff_density_rms                         ? 
_refine.diff_density_rms_esd                     ? 
_refine.entry_id                                 6QGH 
_refine.pdbx_refine_id                           'X-RAY DIFFRACTION' 
_refine.ls_abs_structure_details                 ? 
_refine.ls_abs_structure_Flack                   ? 
_refine.ls_abs_structure_Flack_esd               ? 
_refine.ls_abs_structure_Rogers                  ? 
_refine.ls_abs_structure_Rogers_esd              ? 
_refine.ls_d_res_high                            2.0000 
_refine.ls_d_res_low                             20.0000 
_refine.ls_extinction_coef                       ? 
_refine.ls_extinction_coef_esd                   ? 
_refine.ls_extinction_expression                 ? 
_refine.ls_extinction_method                     ? 
_refine.ls_goodness_of_fit_all                   ? 
_refine.ls_goodness_of_fit_all_esd               ? 
_refine.ls_goodness_of_fit_obs                   ? 
_refine.ls_goodness_of_fit_obs_esd               ? 
_refine.ls_hydrogen_treatment                    ? 
_refine.ls_matrix_type                           ? 
_refine.ls_number_constraints                    ? 
_refine.ls_number_parameters                     ? 
_refine.ls_number_reflns_all                     ? 
_refine.ls_number_reflns_obs                     10574 
_refine.ls_number_reflns_R_free                  507 
_refine.ls_number_reflns_R_work                  ? 
_refine.ls_number_restraints                     ? 
_refine.ls_percent_reflns_obs                    98.7500 
_refine.ls_percent_reflns_R_free                 4.6000 
_refine.ls_R_factor_all                          ? 
_refine.ls_R_factor_obs                          0.1787 
_refine.ls_R_factor_R_free                       0.2057 
_refine.ls_R_factor_R_free_error                 ? 
_refine.ls_R_factor_R_free_error_details         ? 
_refine.ls_R_factor_R_work                       0.1774 
_refine.ls_R_Fsqd_factor_obs                     ? 
_refine.ls_R_I_factor_obs                        ? 
_refine.ls_redundancy_reflns_all                 ? 
_refine.ls_redundancy_reflns_obs                 ? 
_refine.ls_restrained_S_all                      ? 
_refine.ls_restrained_S_obs                      ? 
_refine.ls_shift_over_esd_max                    ? 
_refine.ls_shift_over_esd_mean                   ? 
_refine.ls_structure_factor_coef                 ? 
_refine.ls_weighting_details                     ? 
_refine.ls_weighting_scheme                      ? 
_refine.ls_wR_factor_all                         ? 
_refine.ls_wR_factor_obs                         ? 
_refine.ls_wR_factor_R_free                      ? 
_refine.ls_wR_factor_R_work                      ? 
_refine.occupancy_max                            ? 
_refine.occupancy_min                            ? 
_refine.solvent_model_details                    ? 
_refine.solvent_model_param_bsol                 ? 
_refine.solvent_model_param_ksol                 ? 
_refine.ls_R_factor_gt                           ? 
_refine.ls_goodness_of_fit_gt                    ? 
_refine.ls_goodness_of_fit_ref                   ? 
_refine.ls_shift_over_su_max                     ? 
_refine.ls_shift_over_su_max_lt                  ? 
_refine.ls_shift_over_su_mean                    ? 
_refine.ls_shift_over_su_mean_lt                 ? 
_refine.pdbx_ls_sigma_I                          ? 
_refine.pdbx_ls_sigma_F                          0.000 
_refine.pdbx_ls_sigma_Fsqd                       ? 
_refine.pdbx_data_cutoff_high_absF               ? 
_refine.pdbx_data_cutoff_high_rms_absF           ? 
_refine.pdbx_data_cutoff_low_absF                ? 
_refine.pdbx_isotropic_thermal_model             ? 
_refine.pdbx_ls_cross_valid_method               THROUGHOUT 
_refine.pdbx_method_to_determine_struct          'MOLECULAR REPLACEMENT' 
_refine.pdbx_starting_model                      6qgg 
_refine.pdbx_stereochemistry_target_values       ? 
_refine.pdbx_R_Free_selection_details            RANDOM 
_refine.pdbx_stereochem_target_val_spec_case     ? 
_refine.pdbx_overall_ESU_R                       0.1950 
_refine.pdbx_overall_ESU_R_Free                  0.1540 
_refine.pdbx_solvent_vdw_probe_radii             1.2000 
_refine.pdbx_solvent_ion_probe_radii             0.8000 
_refine.pdbx_solvent_shrinkage_radii             0.8000 
_refine.pdbx_real_space_R                        ? 
_refine.pdbx_density_correlation                 ? 
_refine.pdbx_pd_number_of_powder_patterns        ? 
_refine.pdbx_pd_number_of_points                 ? 
_refine.pdbx_pd_meas_number_of_points            ? 
_refine.pdbx_pd_proc_ls_prof_R_factor            ? 
_refine.pdbx_pd_proc_ls_prof_wR_factor           ? 
_refine.pdbx_pd_Marquardt_correlation_coeff      ? 
_refine.pdbx_pd_Fsqrd_R_factor                   ? 
_refine.pdbx_pd_ls_matrix_band_width             ? 
_refine.pdbx_overall_phase_error                 ? 
_refine.pdbx_overall_SU_R_free_Cruickshank_DPI   ? 
_refine.pdbx_overall_SU_R_free_Blow_DPI          ? 
_refine.pdbx_overall_SU_R_Blow_DPI               ? 
_refine.pdbx_TLS_residual_ADP_flag               ? 
_refine.pdbx_diffrn_id                           1 
_refine.overall_SU_B                             4.5620 
_refine.overall_SU_ML                            0.1210 
_refine.overall_SU_R_Cruickshank_DPI             0.1951 
_refine.overall_SU_R_free                        ? 
_refine.overall_FOM_free_R_set                   ? 
_refine.overall_FOM_work_R_set                   ? 
_refine.pdbx_average_fsc_overall                 ? 
_refine.pdbx_average_fsc_work                    ? 
_refine.pdbx_average_fsc_free                    ? 
# 
_refine_hist.cycle_id                         final 
_refine_hist.pdbx_refine_id                   'X-RAY DIFFRACTION' 
_refine_hist.d_res_high                       2.0000 
_refine_hist.d_res_low                        20.0000 
_refine_hist.pdbx_number_atoms_ligand         65 
_refine_hist.number_atoms_solvent             97 
_refine_hist.number_atoms_total               1404 
_refine_hist.pdbx_number_residues_total       154 
_refine_hist.pdbx_B_iso_mean_ligand           25.14 
_refine_hist.pdbx_B_iso_mean_solvent          35.15 
_refine_hist.pdbx_number_atoms_protein        1242 
_refine_hist.pdbx_number_atoms_nucleic_acid   0 
# 
loop_
_refine_ls_restr.pdbx_refine_id 
_refine_ls_restr.criterion 
_refine_ls_restr.dev_ideal 
_refine_ls_restr.dev_ideal_target 
_refine_ls_restr.number 
_refine_ls_restr.rejects 
_refine_ls_restr.type 
_refine_ls_restr.weight 
_refine_ls_restr.pdbx_restraint_function 
'X-RAY DIFFRACTION' ? 0.012  0.014  1363 ? r_bond_refined_d       ? ? 
'X-RAY DIFFRACTION' ? 0.001  0.018  1141 ? r_bond_other_d         ? ? 
'X-RAY DIFFRACTION' ? 1.469  1.605  1859 ? r_angle_refined_deg    ? ? 
'X-RAY DIFFRACTION' ? 1.007  1.629  2589 ? r_angle_other_deg      ? ? 
'X-RAY DIFFRACTION' ? 5.518  5.000  160  ? r_dihedral_angle_1_deg ? ? 
'X-RAY DIFFRACTION' ? 30.564 21.687 83   ? r_dihedral_angle_2_deg ? ? 
'X-RAY DIFFRACTION' ? 16.294 15.000 205  ? r_dihedral_angle_3_deg ? ? 
'X-RAY DIFFRACTION' ? 19.047 15.000 11   ? r_dihedral_angle_4_deg ? ? 
'X-RAY DIFFRACTION' ? 0.072  0.200  158  ? r_chiral_restr         ? ? 
'X-RAY DIFFRACTION' ? 0.009  0.020  1559 ? r_gen_planes_refined   ? ? 
'X-RAY DIFFRACTION' ? 0.001  0.020  279  ? r_gen_planes_other     ? ? 
# 
_refine_ls_shell.pdbx_refine_id                   'X-RAY DIFFRACTION' 
_refine_ls_shell.d_res_high                       2.0000 
_refine_ls_shell.d_res_low                        2.1070 
_refine_ls_shell.number_reflns_all                1555 
_refine_ls_shell.number_reflns_obs                ? 
_refine_ls_shell.number_reflns_R_free             75 
_refine_ls_shell.number_reflns_R_work             1480 
_refine_ls_shell.percent_reflns_obs               97.9200 
_refine_ls_shell.percent_reflns_R_free            ? 
_refine_ls_shell.R_factor_all                     ? 
_refine_ls_shell.R_factor_obs                     ? 
_refine_ls_shell.R_factor_R_free                  0.3140 
_refine_ls_shell.R_factor_R_free_error            0.0000 
_refine_ls_shell.R_factor_R_work                  0.2670 
_refine_ls_shell.redundancy_reflns_all            ? 
_refine_ls_shell.redundancy_reflns_obs            ? 
_refine_ls_shell.wR_factor_all                    ? 
_refine_ls_shell.wR_factor_obs                    ? 
_refine_ls_shell.wR_factor_R_free                 ? 
_refine_ls_shell.wR_factor_R_work                 ? 
_refine_ls_shell.pdbx_total_number_of_bins_used   10 
_refine_ls_shell.pdbx_phase_error                 ? 
_refine_ls_shell.pdbx_fsc_work                    ? 
_refine_ls_shell.pdbx_fsc_free                    ? 
# 
_struct.entry_id                     6QGH 
_struct.title                        'Structure of human Bcl-2 in complex with ABT-263' 
_struct.pdbx_model_details           ? 
_struct.pdbx_formula_weight          ? 
_struct.pdbx_formula_weight_method   ? 
_struct.pdbx_model_type_details      ? 
_struct.pdbx_CASP_flag               N 
# 
_struct_keywords.entry_id        6QGH 
_struct_keywords.text            'APOPTOSIS, BCL2, ABT-263, drug design' 
_struct_keywords.pdbx_keywords   APOPTOSIS 
# 
loop_
_struct_asym.id 
_struct_asym.pdbx_blank_PDB_chainid_flag 
_struct_asym.pdbx_modified 
_struct_asym.entity_id 
_struct_asym.details 
A N N 1 ? 
B N N 2 ? 
C N N 3 ? 
# 
loop_
_struct_ref.id 
_struct_ref.db_name 
_struct_ref.db_code 
_struct_ref.pdbx_db_accession 
_struct_ref.pdbx_db_isoform 
_struct_ref.entity_id 
_struct_ref.pdbx_seq_one_letter_code 
_struct_ref.pdbx_align_begin 
1 UNP BCL2_HUMAN  P10415 ? 1 DNREIVMKYIHYKLSQRGYEWDAG 10  
2 UNP B2CL1_HUMAN Q07817 ? 1 DVEENRTEAPEGTESE 29  
3 UNP BCL2_HUMAN  P10415 ? 1 
;VVHLTLRQAGDDFSRRYRRDFAEMSSQLHLTPFTARGRFATVVEELFRDGVNWGRIVAFFEFGGVMCVESVNREMSPLVD
NIALWMTEYLNRHLHTWIQDNGGWDAFVELYG
;
92  
4 UNP B2CL1_HUMAN Q07817 ? 1 NNAAAESRKGQERF 197 
# 
loop_
_struct_ref_seq.align_id 
_struct_ref_seq.ref_id 
_struct_ref_seq.pdbx_PDB_id_code 
_struct_ref_seq.pdbx_strand_id 
_struct_ref_seq.seq_align_beg 
_struct_ref_seq.pdbx_seq_align_beg_ins_code 
_struct_ref_seq.seq_align_end 
_struct_ref_seq.pdbx_seq_align_end_ins_code 
_struct_ref_seq.pdbx_db_accession 
_struct_ref_seq.db_align_beg 
_struct_ref_seq.pdbx_db_align_beg_ins_code 
_struct_ref_seq.db_align_end 
_struct_ref_seq.pdbx_db_align_end_ins_code 
_struct_ref_seq.pdbx_auth_seq_align_beg 
_struct_ref_seq.pdbx_auth_seq_align_end 
1 1 6QGH A 4   ? 27  ? P10415 10  ? 33  ? 10  33  
2 2 6QGH A 28  ? 43  ? Q07817 29  ? 44  ? 34  49  
3 3 6QGH A 44  ? 155 ? P10415 92  ? 203 ? 92  203 
4 4 6QGH A 156 ? 169 ? Q07817 197 ? 210 ? 204 217 
# 
loop_
_struct_ref_seq_dif.align_id 
_struct_ref_seq_dif.pdbx_pdb_id_code 
_struct_ref_seq_dif.mon_id 
_struct_ref_seq_dif.pdbx_pdb_strand_id 
_struct_ref_seq_dif.seq_num 
_struct_ref_seq_dif.pdbx_pdb_ins_code 
_struct_ref_seq_dif.pdbx_seq_db_name 
_struct_ref_seq_dif.pdbx_seq_db_accession_code 
_struct_ref_seq_dif.db_mon_id 
_struct_ref_seq_dif.pdbx_seq_db_seq_num 
_struct_ref_seq_dif.details 
_struct_ref_seq_dif.pdbx_auth_seq_num 
_struct_ref_seq_dif.pdbx_ordinal 
1 6QGH MET A 1   ? UNP P10415 ?   ?   'initiating methionine' 7   1  
1 6QGH SER A 2   ? UNP P10415 ?   ?   'expression tag'        8   2  
1 6QGH GLN A 3   ? UNP P10415 ?   ?   'expression tag'        9   3  
1 6QGH SER A 14  ? UNP P10415 HIS 20  'engineered mutation'   20  4  
3 6QGH GLN A 47  ? UNP P10415 LEU 95  'engineered mutation'   95  5  
3 6QGH LEU A 58  ? UNP P10415 ARG 106 'engineered mutation'   106 6  
3 6QGH GLY A 76  ? UNP P10415 PHE 124 'engineered mutation'   124 7  
3 6QGH TYR A 79  ? UNP P10415 ARG 127 'engineered mutation'   127 8  
3 6QGH ALA A 80  ? UNP P10415 GLY 128 'engineered mutation'   128 9  
3 6QGH SER A 81  ? UNP P10415 ARG 129 'engineered mutation'   129 10 
3 6QGH VAL A 120 ? UNP P10415 PRO 168 'engineered mutation'   168 11 
3 6QGH ALA A 127 ? UNP P10415 LEU 175 'engineered mutation'   175 12 
3 6QGH ALA A 130 ? UNP P10415 THR 178 'engineered mutation'   178 13 
3 6QGH THR A 131 ? UNP P10415 GLU 179 'engineered mutation'   179 14 
3 6QGH ASP A 135 ? UNP P10415 ARG 183 'engineered mutation'   183 15 
4 6QGH LEU A 170 ? UNP Q07817 ?   ?   'expression tag'        218 16 
4 6QGH GLU A 171 ? UNP Q07817 ?   ?   'expression tag'        219 17 
4 6QGH HIS A 172 ? UNP Q07817 ?   ?   'expression tag'        220 18 
4 6QGH HIS A 173 ? UNP Q07817 ?   ?   'expression tag'        221 19 
4 6QGH HIS A 174 ? UNP Q07817 ?   ?   'expression tag'        222 20 
4 6QGH HIS A 175 ? UNP Q07817 ?   ?   'expression tag'        223 21 
4 6QGH HIS A 176 ? UNP Q07817 ?   ?   'expression tag'        224 22 
4 6QGH HIS A 177 ? UNP Q07817 ?   ?   'expression tag'        225 23 
# 
_pdbx_struct_assembly.id                   1 
_pdbx_struct_assembly.details              author_and_software_defined_assembly 
_pdbx_struct_assembly.method_details       PISA 
_pdbx_struct_assembly.oligomeric_details   monomeric 
_pdbx_struct_assembly.oligomeric_count     1 
# 
loop_
_pdbx_struct_assembly_prop.biol_id 
_pdbx_struct_assembly_prop.type 
_pdbx_struct_assembly_prop.value 
_pdbx_struct_assembly_prop.details 
1 'ABSA (A^2)' 0    ? 
1 MORE         0    ? 
1 'SSA (A^2)'  8400 ? 
# 
_pdbx_struct_assembly_gen.assembly_id       1 
_pdbx_struct_assembly_gen.oper_expression   1 
_pdbx_struct_assembly_gen.asym_id_list      A,B,C 
# 
_pdbx_struct_assembly_auth_evidence.id                     1 
_pdbx_struct_assembly_auth_evidence.assembly_id            1 
_pdbx_struct_assembly_auth_evidence.experimental_support   'gel filtration' 
_pdbx_struct_assembly_auth_evidence.details                ? 
# 
_pdbx_struct_oper_list.id                   1 
_pdbx_struct_oper_list.type                 'identity operation' 
_pdbx_struct_oper_list.name                 1_555 
_pdbx_struct_oper_list.symmetry_operation   x,y,z 
_pdbx_struct_oper_list.matrix[1][1]         1.0000000000 
_pdbx_struct_oper_list.matrix[1][2]         0.0000000000 
_pdbx_struct_oper_list.matrix[1][3]         0.0000000000 
_pdbx_struct_oper_list.vector[1]            0.0000000000 
_pdbx_struct_oper_list.matrix[2][1]         0.0000000000 
_pdbx_struct_oper_list.matrix[2][2]         1.0000000000 
_pdbx_struct_oper_list.matrix[2][3]         0.0000000000 
_pdbx_struct_oper_list.vector[2]            0.0000000000 
_pdbx_struct_oper_list.matrix[3][1]         0.0000000000 
_pdbx_struct_oper_list.matrix[3][2]         0.0000000000 
_pdbx_struct_oper_list.matrix[3][3]         1.0000000000 
_pdbx_struct_oper_list.vector[3]            0.0000000000 
# 
loop_
_struct_conf.conf_type_id 
_struct_conf.id 
_struct_conf.pdbx_PDB_helix_id 
_struct_conf.beg_label_comp_id 
_struct_conf.beg_label_asym_id 
_struct_conf.beg_label_seq_id 
_struct_conf.pdbx_beg_PDB_ins_code 
_struct_conf.end_label_comp_id 
_struct_conf.end_label_asym_id 
_struct_conf.end_label_seq_id 
_struct_conf.pdbx_end_PDB_ins_code 
_struct_conf.beg_auth_comp_id 
_struct_conf.beg_auth_asym_id 
_struct_conf.beg_auth_seq_id 
_struct_conf.end_auth_comp_id 
_struct_conf.end_auth_asym_id 
_struct_conf.end_auth_seq_id 
_struct_conf.pdbx_PDB_helix_class 
_struct_conf.details 
_struct_conf.pdbx_PDB_helix_length 
HELX_P HELX_P1 AA1 ASP A 4   ? GLN A 19  ? ASP A 10  GLN A 25  1 ? 16 
HELX_P HELX_P2 AA2 SER A 42  ? TYR A 60  ? SER A 48  TYR A 108 1 ? 19 
HELX_P HELX_P3 AA3 TYR A 60  ? LEU A 71  ? TYR A 108 LEU A 119 1 ? 12 
HELX_P HELX_P4 AA4 THR A 77  ? ARG A 91  ? THR A 125 ARG A 139 1 ? 15 
HELX_P HELX_P5 AA5 ASN A 95  ? ARG A 116 ? ASN A 143 ARG A 164 1 ? 22 
HELX_P HELX_P6 AA6 VAL A 120 ? LEU A 137 ? VAL A 168 LEU A 185 1 ? 18 
HELX_P HELX_P7 AA7 LEU A 137 ? ASN A 144 ? LEU A 185 ASN A 192 1 ? 8  
HELX_P HELX_P8 AA8 GLY A 145 ? ASN A 156 ? GLY A 193 ASN A 204 1 ? 12 
HELX_P HELX_P9 AA9 ASN A 157 ? HIS A 172 ? ASN A 205 HIS A 220 1 ? 16 
# 
_struct_conf_type.id          HELX_P 
_struct_conf_type.criteria    ? 
_struct_conf_type.reference   ? 
# 
_struct_site.id                   AC1 
_struct_site.pdbx_evidence_code   Software 
_struct_site.pdbx_auth_asym_id    A 
_struct_site.pdbx_auth_comp_id    1XJ 
_struct_site.pdbx_auth_seq_id     401 
_struct_site.pdbx_auth_ins_code   ? 
_struct_site.pdbx_num_residues    23 
_struct_site.details              'binding site for residue 1XJ A 401' 
# 
loop_
_struct_site_gen.id 
_struct_site_gen.site_id 
_struct_site_gen.pdbx_num_res 
_struct_site_gen.label_comp_id 
_struct_site_gen.label_asym_id 
_struct_site_gen.label_seq_id 
_struct_site_gen.pdbx_auth_ins_code 
_struct_site_gen.auth_comp_id 
_struct_site_gen.auth_asym_id 
_struct_site_gen.auth_seq_id 
_struct_site_gen.label_atom_id 
_struct_site_gen.label_alt_id 
_struct_site_gen.symmetry 
_struct_site_gen.details 
1  AC1 23 ALA A 52  ? ALA A 100 . ? 1_555 ? 
2  AC1 23 ASP A 55  ? ASP A 103 . ? 1_555 ? 
3  AC1 23 PHE A 56  ? PHE A 104 . ? 1_555 ? 
4  AC1 23 ARG A 59  ? ARG A 107 . ? 1_555 ? 
5  AC1 23 TYR A 60  ? TYR A 108 . ? 1_555 ? 
6  AC1 23 ASP A 63  ? ASP A 111 . ? 1_555 ? 
7  AC1 23 PHE A 64  ? PHE A 112 . ? 1_555 ? 
8  AC1 23 HIS A 72  ? HIS A 120 . ? 3_555 ? 
9  AC1 23 ASN A 95  ? ASN A 143 . ? 1_555 ? 
10 AC1 23 TRP A 96  ? TRP A 144 . ? 1_555 ? 
11 AC1 23 GLY A 97  ? GLY A 145 . ? 1_555 ? 
12 AC1 23 ARG A 98  ? ARG A 146 . ? 1_555 ? 
13 AC1 23 VAL A 100 ? VAL A 148 . ? 1_555 ? 
14 AC1 23 ALA A 101 ? ALA A 149 . ? 1_555 ? 
15 AC1 23 ARG A 116 ? ARG A 164 . ? 3_555 ? 
16 AC1 23 PHE A 150 ? PHE A 198 . ? 1_555 ? 
17 AC1 23 LEU A 153 ? LEU A 201 . ? 1_555 ? 
18 AC1 23 TYR A 154 ? TYR A 202 . ? 1_555 ? 
19 AC1 23 GLY A 155 ? GLY A 203 . ? 1_555 ? 
20 AC1 23 ASN A 156 ? ASN A 204 . ? 1_555 ? 
21 AC1 23 GLU A 161 ? GLU A 209 . ? 1_555 ? 
22 AC1 23 PHE A 169 ? PHE A 217 . ? 3_545 ? 
23 AC1 23 HOH C .   ? HOH A 518 . ? 3_555 ? 
# 
loop_
_pdbx_validate_close_contact.id 
_pdbx_validate_close_contact.PDB_model_num 
_pdbx_validate_close_contact.auth_atom_id_1 
_pdbx_validate_close_contact.auth_asym_id_1 
_pdbx_validate_close_contact.auth_comp_id_1 
_pdbx_validate_close_contact.auth_seq_id_1 
_pdbx_validate_close_contact.PDB_ins_code_1 
_pdbx_validate_close_contact.label_alt_id_1 
_pdbx_validate_close_contact.auth_atom_id_2 
_pdbx_validate_close_contact.auth_asym_id_2 
_pdbx_validate_close_contact.auth_comp_id_2 
_pdbx_validate_close_contact.auth_seq_id_2 
_pdbx_validate_close_contact.PDB_ins_code_2 
_pdbx_validate_close_contact.label_alt_id_2 
_pdbx_validate_close_contact.dist 
1 1 OE2 A GLU 160 ? A O A HOH 501 ? ? 1.60 
2 1 OE1 A GLN 190 ? ? O A HOH 502 ? ? 2.16 
3 1 O   A HOH 573 ? ? O A HOH 595 ? ? 2.18 
# 
_pdbx_validate_symm_contact.id                1 
_pdbx_validate_symm_contact.PDB_model_num     1 
_pdbx_validate_symm_contact.auth_atom_id_1    O 
_pdbx_validate_symm_contact.auth_asym_id_1    A 
_pdbx_validate_symm_contact.auth_comp_id_1    HOH 
_pdbx_validate_symm_contact.auth_seq_id_1     534 
_pdbx_validate_symm_contact.PDB_ins_code_1    ? 
_pdbx_validate_symm_contact.label_alt_id_1    ? 
_pdbx_validate_symm_contact.site_symmetry_1   1_555 
_pdbx_validate_symm_contact.auth_atom_id_2    O 
_pdbx_validate_symm_contact.auth_asym_id_2    A 
_pdbx_validate_symm_contact.auth_comp_id_2    HOH 
_pdbx_validate_symm_contact.auth_seq_id_2     555 
_pdbx_validate_symm_contact.PDB_ins_code_2    ? 
_pdbx_validate_symm_contact.label_alt_id_2    ? 
_pdbx_validate_symm_contact.site_symmetry_2   2_454 
_pdbx_validate_symm_contact.dist              2.04 
# 
_pdbx_validate_rmsd_angle.id                         1 
_pdbx_validate_rmsd_angle.PDB_model_num              1 
_pdbx_validate_rmsd_angle.auth_atom_id_1             NE 
_pdbx_validate_rmsd_angle.auth_asym_id_1             A 
_pdbx_validate_rmsd_angle.auth_comp_id_1             ARG 
_pdbx_validate_rmsd_angle.auth_seq_id_1              164 
_pdbx_validate_rmsd_angle.PDB_ins_code_1             ? 
_pdbx_validate_rmsd_angle.label_alt_id_1             ? 
_pdbx_validate_rmsd_angle.auth_atom_id_2             CZ 
_pdbx_validate_rmsd_angle.auth_asym_id_2             A 
_pdbx_validate_rmsd_angle.auth_comp_id_2             ARG 
_pdbx_validate_rmsd_angle.auth_seq_id_2              164 
_pdbx_validate_rmsd_angle.PDB_ins_code_2             ? 
_pdbx_validate_rmsd_angle.label_alt_id_2             ? 
_pdbx_validate_rmsd_angle.auth_atom_id_3             NH2 
_pdbx_validate_rmsd_angle.auth_asym_id_3             A 
_pdbx_validate_rmsd_angle.auth_comp_id_3             ARG 
_pdbx_validate_rmsd_angle.auth_seq_id_3              164 
_pdbx_validate_rmsd_angle.PDB_ins_code_3             ? 
_pdbx_validate_rmsd_angle.label_alt_id_3             ? 
_pdbx_validate_rmsd_angle.angle_value                117.18 
_pdbx_validate_rmsd_angle.angle_target_value         120.30 
_pdbx_validate_rmsd_angle.angle_deviation            -3.12 
_pdbx_validate_rmsd_angle.angle_standard_deviation   0.50 
_pdbx_validate_rmsd_angle.linker_flag                N 
# 
loop_
_pdbx_validate_torsion.id 
_pdbx_validate_torsion.PDB_model_num 
_pdbx_validate_torsion.auth_comp_id 
_pdbx_validate_torsion.auth_asym_id 
_pdbx_validate_torsion.auth_seq_id 
_pdbx_validate_torsion.PDB_ins_code 
_pdbx_validate_torsion.label_alt_id 
_pdbx_validate_torsion.phi 
_pdbx_validate_torsion.psi 
1 1 TYR A 108 ? ? -107.31 47.95  
2 1 GLU A 219 ? ? -57.76  -72.75 
# 
loop_
_pdbx_validate_planes.id 
_pdbx_validate_planes.PDB_model_num 
_pdbx_validate_planes.auth_comp_id 
_pdbx_validate_planes.auth_asym_id 
_pdbx_validate_planes.auth_seq_id 
_pdbx_validate_planes.PDB_ins_code 
_pdbx_validate_planes.label_alt_id 
_pdbx_validate_planes.rmsd 
_pdbx_validate_planes.type 
1 1 ARG A 26  ? ? 0.215 'SIDE CHAIN' 
2 1 ARG A 98  ? ? 0.083 'SIDE CHAIN' 
3 1 ARG A 109 ? ? 0.255 'SIDE CHAIN' 
4 1 ARG A 110 ? ? 0.232 'SIDE CHAIN' 
5 1 ARG A 146 ? ? 0.193 'SIDE CHAIN' 
# 
loop_
_pdbx_unobs_or_zero_occ_residues.id 
_pdbx_unobs_or_zero_occ_residues.PDB_model_num 
_pdbx_unobs_or_zero_occ_residues.polymer_flag 
_pdbx_unobs_or_zero_occ_residues.occupancy_flag 
_pdbx_unobs_or_zero_occ_residues.auth_asym_id 
_pdbx_unobs_or_zero_occ_residues.auth_comp_id 
_pdbx_unobs_or_zero_occ_residues.auth_seq_id 
_pdbx_unobs_or_zero_occ_residues.PDB_ins_code 
_pdbx_unobs_or_zero_occ_residues.label_asym_id 
_pdbx_unobs_or_zero_occ_residues.label_comp_id 
_pdbx_unobs_or_zero_occ_residues.label_seq_id 
1  1 Y 1 A MET 7   ? A MET 1   
2  1 Y 1 A SER 8   ? A SER 2   
3  1 Y 1 A ASP 31  ? A ASP 25  
4  1 Y 1 A ALA 32  ? A ALA 26  
5  1 Y 1 A GLY 33  ? A GLY 27  
6  1 Y 1 A ASP 34  ? A ASP 28  
7  1 Y 1 A VAL 35  ? A VAL 29  
8  1 Y 1 A GLU 36  ? A GLU 30  
9  1 Y 1 A GLU 37  ? A GLU 31  
10 1 Y 1 A ASN 38  ? A ASN 32  
11 1 Y 1 A ARG 39  ? A ARG 33  
12 1 Y 1 A THR 40  ? A THR 34  
13 1 Y 1 A GLU 41  ? A GLU 35  
14 1 Y 1 A ALA 42  ? A ALA 36  
15 1 Y 1 A PRO 43  ? A PRO 37  
16 1 Y 1 A GLU 44  ? A GLU 38  
17 1 Y 1 A GLY 45  ? A GLY 39  
18 1 Y 1 A THR 46  ? A THR 40  
19 1 Y 1 A HIS 221 ? A HIS 173 
20 1 Y 1 A HIS 222 ? A HIS 174 
21 1 Y 1 A HIS 223 ? A HIS 175 
22 1 Y 1 A HIS 224 ? A HIS 176 
23 1 Y 1 A HIS 225 ? A HIS 177 
# 
loop_
_chem_comp_atom.comp_id 
_chem_comp_atom.atom_id 
_chem_comp_atom.type_symbol 
_chem_comp_atom.pdbx_aromatic_flag 
_chem_comp_atom.pdbx_stereo_config 
_chem_comp_atom.pdbx_ordinal 
1XJ C4   C  Y N 1   
1XJ C5   C  Y N 2   
1XJ C6   C  Y N 3   
1XJ C7   C  Y N 4   
1XJ C8   C  Y N 5   
1XJ C10  C  Y N 6   
1XJ C13  C  Y N 7   
1XJ C15  C  Y N 8   
1XJ C17  C  Y N 9   
1XJ C20  C  Y N 10  
1XJ C21  C  Y N 11  
1XJ C22  C  Y N 12  
1XJ C24  C  Y N 13  
1XJ C26  C  N N 14  
1XJ C28  C  N N 15  
1XJ C1   C  Y N 16  
1XJ C2   C  Y N 17  
1XJ C3   C  Y N 18  
1XJ C9   C  Y N 19  
1XJ C11  C  Y N 20  
1XJ C12  C  Y N 21  
1XJ C14  C  Y N 22  
1XJ C16  C  Y N 23  
1XJ C18  C  Y N 24  
1XJ C19  C  Y N 25  
1XJ C23  C  Y N 26  
1XJ C25  C  N N 27  
1XJ C27  C  N N 28  
1XJ C29  C  N N 29  
1XJ C30  C  N N 30  
1XJ C31  C  N N 31  
1XJ C32  C  N N 32  
1XJ C33  C  N N 33  
1XJ C34  C  N N 34  
1XJ C35  C  N N 35  
1XJ C36  C  N N 36  
1XJ C37  C  N N 37  
1XJ C38  C  N N 38  
1XJ C39  C  N N 39  
1XJ C40  C  N N 40  
1XJ C41  C  N N 41  
1XJ C42  C  N N 42  
1XJ C43  C  N N 43  
1XJ C44  C  N N 44  
1XJ C45  C  N N 45  
1XJ C46  C  N R 46  
1XJ C47  C  N N 47  
1XJ N48  N  N N 48  
1XJ N51  N  N N 49  
1XJ N52  N  N N 50  
1XJ N49  N  N N 51  
1XJ N50  N  N N 52  
1XJ O53  O  N N 53  
1XJ O54  O  N N 54  
1XJ O55  O  N N 55  
1XJ O56  O  N N 56  
1XJ O57  O  N N 57  
1XJ O58  O  N N 58  
1XJ F59  F  N N 59  
1XJ F60  F  N N 60  
1XJ F61  F  N N 61  
1XJ S62  S  N N 62  
1XJ S63  S  N N 63  
1XJ S64  S  N N 64  
1XJ CL6  CL N N 65  
1XJ H1   H  N N 66  
1XJ H2   H  N N 67  
1XJ H3   H  N N 68  
1XJ H4   H  N N 69  
1XJ H5   H  N N 70  
1XJ H6   H  N N 71  
1XJ H7   H  N N 72  
1XJ H8   H  N N 73  
1XJ H9   H  N N 74  
1XJ H10  H  N N 75  
1XJ H11  H  N N 76  
1XJ H12  H  N N 77  
1XJ H13  H  N N 78  
1XJ H14  H  N N 79  
1XJ H15  H  N N 80  
1XJ H16  H  N N 81  
1XJ H17  H  N N 82  
1XJ H18  H  N N 83  
1XJ H19  H  N N 84  
1XJ H20  H  N N 85  
1XJ H21  H  N N 86  
1XJ H22  H  N N 87  
1XJ H23  H  N N 88  
1XJ H24  H  N N 89  
1XJ H25  H  N N 90  
1XJ H26  H  N N 91  
1XJ H27  H  N N 92  
1XJ H28  H  N N 93  
1XJ H29  H  N N 94  
1XJ H30  H  N N 95  
1XJ H31  H  N N 96  
1XJ H32  H  N N 97  
1XJ H33  H  N N 98  
1XJ H34  H  N N 99  
1XJ H35  H  N N 100 
1XJ H36  H  N N 101 
1XJ H37  H  N N 102 
1XJ H38  H  N N 103 
1XJ H39  H  N N 104 
1XJ H40  H  N N 105 
1XJ H41  H  N N 106 
1XJ H42  H  N N 107 
1XJ H43  H  N N 108 
1XJ H44  H  N N 109 
1XJ H45  H  N N 110 
1XJ H46  H  N N 111 
1XJ H47  H  N N 112 
1XJ H48  H  N N 113 
1XJ H49  H  N N 114 
1XJ H50  H  N N 115 
1XJ H51  H  N N 116 
1XJ H52  H  N N 117 
1XJ H53  H  N N 118 
1XJ H54  H  N N 119 
1XJ H55  H  N N 120 
ALA N    N  N N 121 
ALA CA   C  N S 122 
ALA C    C  N N 123 
ALA O    O  N N 124 
ALA CB   C  N N 125 
ALA OXT  O  N N 126 
ALA H    H  N N 127 
ALA H2   H  N N 128 
ALA HA   H  N N 129 
ALA HB1  H  N N 130 
ALA HB2  H  N N 131 
ALA HB3  H  N N 132 
ALA HXT  H  N N 133 
ARG N    N  N N 134 
ARG CA   C  N S 135 
ARG C    C  N N 136 
ARG O    O  N N 137 
ARG CB   C  N N 138 
ARG CG   C  N N 139 
ARG CD   C  N N 140 
ARG NE   N  N N 141 
ARG CZ   C  N N 142 
ARG NH1  N  N N 143 
ARG NH2  N  N N 144 
ARG OXT  O  N N 145 
ARG H    H  N N 146 
ARG H2   H  N N 147 
ARG HA   H  N N 148 
ARG HB2  H  N N 149 
ARG HB3  H  N N 150 
ARG HG2  H  N N 151 
ARG HG3  H  N N 152 
ARG HD2  H  N N 153 
ARG HD3  H  N N 154 
ARG HE   H  N N 155 
ARG HH11 H  N N 156 
ARG HH12 H  N N 157 
ARG HH21 H  N N 158 
ARG HH22 H  N N 159 
ARG HXT  H  N N 160 
ASN N    N  N N 161 
ASN CA   C  N S 162 
ASN C    C  N N 163 
ASN O    O  N N 164 
ASN CB   C  N N 165 
ASN CG   C  N N 166 
ASN OD1  O  N N 167 
ASN ND2  N  N N 168 
ASN OXT  O  N N 169 
ASN H    H  N N 170 
ASN H2   H  N N 171 
ASN HA   H  N N 172 
ASN HB2  H  N N 173 
ASN HB3  H  N N 174 
ASN HD21 H  N N 175 
ASN HD22 H  N N 176 
ASN HXT  H  N N 177 
ASP N    N  N N 178 
ASP CA   C  N S 179 
ASP C    C  N N 180 
ASP O    O  N N 181 
ASP CB   C  N N 182 
ASP CG   C  N N 183 
ASP OD1  O  N N 184 
ASP OD2  O  N N 185 
ASP OXT  O  N N 186 
ASP H    H  N N 187 
ASP H2   H  N N 188 
ASP HA   H  N N 189 
ASP HB2  H  N N 190 
ASP HB3  H  N N 191 
ASP HD2  H  N N 192 
ASP HXT  H  N N 193 
CYS N    N  N N 194 
CYS CA   C  N R 195 
CYS C    C  N N 196 
CYS O    O  N N 197 
CYS CB   C  N N 198 
CYS SG   S  N N 199 
CYS OXT  O  N N 200 
CYS H    H  N N 201 
CYS H2   H  N N 202 
CYS HA   H  N N 203 
CYS HB2  H  N N 204 
CYS HB3  H  N N 205 
CYS HG   H  N N 206 
CYS HXT  H  N N 207 
GLN N    N  N N 208 
GLN CA   C  N S 209 
GLN C    C  N N 210 
GLN O    O  N N 211 
GLN CB   C  N N 212 
GLN CG   C  N N 213 
GLN CD   C  N N 214 
GLN OE1  O  N N 215 
GLN NE2  N  N N 216 
GLN OXT  O  N N 217 
GLN H    H  N N 218 
GLN H2   H  N N 219 
GLN HA   H  N N 220 
GLN HB2  H  N N 221 
GLN HB3  H  N N 222 
GLN HG2  H  N N 223 
GLN HG3  H  N N 224 
GLN HE21 H  N N 225 
GLN HE22 H  N N 226 
GLN HXT  H  N N 227 
GLU N    N  N N 228 
GLU CA   C  N S 229 
GLU C    C  N N 230 
GLU O    O  N N 231 
GLU CB   C  N N 232 
GLU CG   C  N N 233 
GLU CD   C  N N 234 
GLU OE1  O  N N 235 
GLU OE2  O  N N 236 
GLU OXT  O  N N 237 
GLU H    H  N N 238 
GLU H2   H  N N 239 
GLU HA   H  N N 240 
GLU HB2  H  N N 241 
GLU HB3  H  N N 242 
GLU HG2  H  N N 243 
GLU HG3  H  N N 244 
GLU HE2  H  N N 245 
GLU HXT  H  N N 246 
GLY N    N  N N 247 
GLY CA   C  N N 248 
GLY C    C  N N 249 
GLY O    O  N N 250 
GLY OXT  O  N N 251 
GLY H    H  N N 252 
GLY H2   H  N N 253 
GLY HA2  H  N N 254 
GLY HA3  H  N N 255 
GLY HXT  H  N N 256 
HIS N    N  N N 257 
HIS CA   C  N S 258 
HIS C    C  N N 259 
HIS O    O  N N 260 
HIS CB   C  N N 261 
HIS CG   C  Y N 262 
HIS ND1  N  Y N 263 
HIS CD2  C  Y N 264 
HIS CE1  C  Y N 265 
HIS NE2  N  Y N 266 
HIS OXT  O  N N 267 
HIS H    H  N N 268 
HIS H2   H  N N 269 
HIS HA   H  N N 270 
HIS HB2  H  N N 271 
HIS HB3  H  N N 272 
HIS HD1  H  N N 273 
HIS HD2  H  N N 274 
HIS HE1  H  N N 275 
HIS HE2  H  N N 276 
HIS HXT  H  N N 277 
HOH O    O  N N 278 
HOH H1   H  N N 279 
HOH H2   H  N N 280 
ILE N    N  N N 281 
ILE CA   C  N S 282 
ILE C    C  N N 283 
ILE O    O  N N 284 
ILE CB   C  N S 285 
ILE CG1  C  N N 286 
ILE CG2  C  N N 287 
ILE CD1  C  N N 288 
ILE OXT  O  N N 289 
ILE H    H  N N 290 
ILE H2   H  N N 291 
ILE HA   H  N N 292 
ILE HB   H  N N 293 
ILE HG12 H  N N 294 
ILE HG13 H  N N 295 
ILE HG21 H  N N 296 
ILE HG22 H  N N 297 
ILE HG23 H  N N 298 
ILE HD11 H  N N 299 
ILE HD12 H  N N 300 
ILE HD13 H  N N 301 
ILE HXT  H  N N 302 
LEU N    N  N N 303 
LEU CA   C  N S 304 
LEU C    C  N N 305 
LEU O    O  N N 306 
LEU CB   C  N N 307 
LEU CG   C  N N 308 
LEU CD1  C  N N 309 
LEU CD2  C  N N 310 
LEU OXT  O  N N 311 
LEU H    H  N N 312 
LEU H2   H  N N 313 
LEU HA   H  N N 314 
LEU HB2  H  N N 315 
LEU HB3  H  N N 316 
LEU HG   H  N N 317 
LEU HD11 H  N N 318 
LEU HD12 H  N N 319 
LEU HD13 H  N N 320 
LEU HD21 H  N N 321 
LEU HD22 H  N N 322 
LEU HD23 H  N N 323 
LEU HXT  H  N N 324 
LYS N    N  N N 325 
LYS CA   C  N S 326 
LYS C    C  N N 327 
LYS O    O  N N 328 
LYS CB   C  N N 329 
LYS CG   C  N N 330 
LYS CD   C  N N 331 
LYS CE   C  N N 332 
LYS NZ   N  N N 333 
LYS OXT  O  N N 334 
LYS H    H  N N 335 
LYS H2   H  N N 336 
LYS HA   H  N N 337 
LYS HB2  H  N N 338 
LYS HB3  H  N N 339 
LYS HG2  H  N N 340 
LYS HG3  H  N N 341 
LYS HD2  H  N N 342 
LYS HD3  H  N N 343 
LYS HE2  H  N N 344 
LYS HE3  H  N N 345 
LYS HZ1  H  N N 346 
LYS HZ2  H  N N 347 
LYS HZ3  H  N N 348 
LYS HXT  H  N N 349 
MET N    N  N N 350 
MET CA   C  N S 351 
MET C    C  N N 352 
MET O    O  N N 353 
MET CB   C  N N 354 
MET CG   C  N N 355 
MET SD   S  N N 356 
MET CE   C  N N 357 
MET OXT  O  N N 358 
MET H    H  N N 359 
MET H2   H  N N 360 
MET HA   H  N N 361 
MET HB2  H  N N 362 
MET HB3  H  N N 363 
MET HG2  H  N N 364 
MET HG3  H  N N 365 
MET HE1  H  N N 366 
MET HE2  H  N N 367 
MET HE3  H  N N 368 
MET HXT  H  N N 369 
PHE N    N  N N 370 
PHE CA   C  N S 371 
PHE C    C  N N 372 
PHE O    O  N N 373 
PHE CB   C  N N 374 
PHE CG   C  Y N 375 
PHE CD1  C  Y N 376 
PHE CD2  C  Y N 377 
PHE CE1  C  Y N 378 
PHE CE2  C  Y N 379 
PHE CZ   C  Y N 380 
PHE OXT  O  N N 381 
PHE H    H  N N 382 
PHE H2   H  N N 383 
PHE HA   H  N N 384 
PHE HB2  H  N N 385 
PHE HB3  H  N N 386 
PHE HD1  H  N N 387 
PHE HD2  H  N N 388 
PHE HE1  H  N N 389 
PHE HE2  H  N N 390 
PHE HZ   H  N N 391 
PHE HXT  H  N N 392 
PRO N    N  N N 393 
PRO CA   C  N S 394 
PRO C    C  N N 395 
PRO O    O  N N 396 
PRO CB   C  N N 397 
PRO CG   C  N N 398 
PRO CD   C  N N 399 
PRO OXT  O  N N 400 
PRO H    H  N N 401 
PRO HA   H  N N 402 
PRO HB2  H  N N 403 
PRO HB3  H  N N 404 
PRO HG2  H  N N 405 
PRO HG3  H  N N 406 
PRO HD2  H  N N 407 
PRO HD3  H  N N 408 
PRO HXT  H  N N 409 
SER N    N  N N 410 
SER CA   C  N S 411 
SER C    C  N N 412 
SER O    O  N N 413 
SER CB   C  N N 414 
SER OG   O  N N 415 
SER OXT  O  N N 416 
SER H    H  N N 417 
SER H2   H  N N 418 
SER HA   H  N N 419 
SER HB2  H  N N 420 
SER HB3  H  N N 421 
SER HG   H  N N 422 
SER HXT  H  N N 423 
THR N    N  N N 424 
THR CA   C  N S 425 
THR C    C  N N 426 
THR O    O  N N 427 
THR CB   C  N R 428 
THR OG1  O  N N 429 
THR CG2  C  N N 430 
THR OXT  O  N N 431 
THR H    H  N N 432 
THR H2   H  N N 433 
THR HA   H  N N 434 
THR HB   H  N N 435 
THR HG1  H  N N 436 
THR HG21 H  N N 437 
THR HG22 H  N N 438 
THR HG23 H  N N 439 
THR HXT  H  N N 440 
TRP N    N  N N 441 
TRP CA   C  N S 442 
TRP C    C  N N 443 
TRP O    O  N N 444 
TRP CB   C  N N 445 
TRP CG   C  Y N 446 
TRP CD1  C  Y N 447 
TRP CD2  C  Y N 448 
TRP NE1  N  Y N 449 
TRP CE2  C  Y N 450 
TRP CE3  C  Y N 451 
TRP CZ2  C  Y N 452 
TRP CZ3  C  Y N 453 
TRP CH2  C  Y N 454 
TRP OXT  O  N N 455 
TRP H    H  N N 456 
TRP H2   H  N N 457 
TRP HA   H  N N 458 
TRP HB2  H  N N 459 
TRP HB3  H  N N 460 
TRP HD1  H  N N 461 
TRP HE1  H  N N 462 
TRP HE3  H  N N 463 
TRP HZ2  H  N N 464 
TRP HZ3  H  N N 465 
TRP HH2  H  N N 466 
TRP HXT  H  N N 467 
TYR N    N  N N 468 
TYR CA   C  N S 469 
TYR C    C  N N 470 
TYR O    O  N N 471 
TYR CB   C  N N 472 
TYR CG   C  Y N 473 
TYR CD1  C  Y N 474 
TYR CD2  C  Y N 475 
TYR CE1  C  Y N 476 
TYR CE2  C  Y N 477 
TYR CZ   C  Y N 478 
TYR OH   O  N N 479 
TYR OXT  O  N N 480 
TYR H    H  N N 481 
TYR H2   H  N N 482 
TYR HA   H  N N 483 
TYR HB2  H  N N 484 
TYR HB3  H  N N 485 
TYR HD1  H  N N 486 
TYR HD2  H  N N 487 
TYR HE1  H  N N 488 
TYR HE2  H  N N 489 
TYR HH   H  N N 490 
TYR HXT  H  N N 491 
VAL N    N  N N 492 
VAL CA   C  N S 493 
VAL C    C  N N 494 
VAL O    O  N N 495 
VAL CB   C  N N 496 
VAL CG1  C  N N 497 
VAL CG2  C  N N 498 
VAL OXT  O  N N 499 
VAL H    H  N N 500 
VAL H2   H  N N 501 
VAL HA   H  N N 502 
VAL HB   H  N N 503 
VAL HG11 H  N N 504 
VAL HG12 H  N N 505 
VAL HG13 H  N N 506 
VAL HG21 H  N N 507 
VAL HG22 H  N N 508 
VAL HG23 H  N N 509 
VAL HXT  H  N N 510 
# 
loop_
_chem_comp_bond.comp_id 
_chem_comp_bond.atom_id_1 
_chem_comp_bond.atom_id_2 
_chem_comp_bond.value_order 
_chem_comp_bond.pdbx_aromatic_flag 
_chem_comp_bond.pdbx_stereo_config 
_chem_comp_bond.pdbx_ordinal 
1XJ O57 S64  doub N N 1   
1XJ O53 C27  doub N N 2   
1XJ S64 O56  doub N N 3   
1XJ S64 N52  sing N N 4   
1XJ S64 C22  sing N N 5   
1XJ C13 C10  doub Y N 6   
1XJ C13 C22  sing Y N 7   
1XJ C27 N52  sing N N 8   
1XJ C27 C18  sing N N 9   
1XJ C10 C20  sing Y N 10  
1XJ C22 C16  doub Y N 11  
1XJ C6  C18  doub Y N 12  
1XJ C6  C8   sing Y N 13  
1XJ C18 C7   sing Y N 14  
1XJ C8  C19  doub Y N 15  
1XJ C7  C9   doub Y N 16  
1XJ C36 N50  sing N N 17  
1XJ C36 C38  sing N N 18  
1XJ C44 N50  sing N N 19  
1XJ C44 C43  sing N N 20  
1XJ C46 C45  sing N N 21  
1XJ C46 C43  sing N N 22  
1XJ C46 N51  sing N N 23  
1XJ C20 C23  doub Y N 24  
1XJ C20 N51  sing N N 25  
1XJ C45 S62  sing N N 26  
1XJ C16 C23  sing Y N 27  
1XJ C32 N48  sing N N 28  
1XJ C32 C34  sing N N 29  
1XJ C19 C9   sing Y N 30  
1XJ C19 N48  sing N N 31  
1XJ N50 C35  sing N N 32  
1XJ C38 O58  sing N N 33  
1XJ C23 S63  sing N N 34  
1XJ C11 C2   doub Y N 35  
1XJ C11 C21  sing Y N 36  
1XJ C2  C1   sing Y N 37  
1XJ N48 C31  sing N N 38  
1XJ F60 C47  sing N N 39  
1XJ C34 N49  sing N N 40  
1XJ F61 C47  sing N N 41  
1XJ C31 C33  sing N N 42  
1XJ N49 C33  sing N N 43  
1XJ N49 C42  sing N N 44  
1XJ O58 C37  sing N N 45  
1XJ C35 C37  sing N N 46  
1XJ S62 C21  sing N N 47  
1XJ C47 S63  sing N N 48  
1XJ C47 F59  sing N N 49  
1XJ C21 C12  doub Y N 50  
1XJ C40 C39  sing N N 51  
1XJ C1  C3   doub Y N 52  
1XJ S63 O55  doub N N 53  
1XJ S63 O54  doub N N 54  
1XJ C29 C39  sing N N 55  
1XJ C29 C26  sing N N 56  
1XJ C42 C26  sing N N 57  
1XJ C39 C41  sing N N 58  
1XJ C39 C30  sing N N 59  
1XJ C12 C3   sing Y N 60  
1XJ C26 C25  doub N N 61  
1XJ C30 C28  sing N N 62  
1XJ C25 C28  sing N N 63  
1XJ C25 C17  sing N N 64  
1XJ C17 C4   doub Y N 65  
1XJ C17 C5   sing Y N 66  
1XJ C4  C14  sing Y N 67  
1XJ C5  C15  doub Y N 68  
1XJ C14 C24  doub Y N 69  
1XJ C15 C24  sing Y N 70  
1XJ C24 CL6  sing N N 71  
1XJ C4  H1   sing N N 72  
1XJ C5  H2   sing N N 73  
1XJ C6  H3   sing N N 74  
1XJ C7  H4   sing N N 75  
1XJ C8  H5   sing N N 76  
1XJ C10 H6   sing N N 77  
1XJ C13 H7   sing N N 78  
1XJ C15 H8   sing N N 79  
1XJ C28 H9   sing N N 80  
1XJ C28 H10  sing N N 81  
1XJ C1  H11  sing N N 82  
1XJ C2  H12  sing N N 83  
1XJ C3  H13  sing N N 84  
1XJ C9  H14  sing N N 85  
1XJ C11 H15  sing N N 86  
1XJ C12 H16  sing N N 87  
1XJ C14 H17  sing N N 88  
1XJ C16 H18  sing N N 89  
1XJ C29 H19  sing N N 90  
1XJ C29 H20  sing N N 91  
1XJ C30 H21  sing N N 92  
1XJ C30 H22  sing N N 93  
1XJ C31 H23  sing N N 94  
1XJ C31 H24  sing N N 95  
1XJ C32 H25  sing N N 96  
1XJ C32 H26  sing N N 97  
1XJ C33 H27  sing N N 98  
1XJ C33 H28  sing N N 99  
1XJ C34 H29  sing N N 100 
1XJ C34 H30  sing N N 101 
1XJ C35 H31  sing N N 102 
1XJ C35 H32  sing N N 103 
1XJ C36 H33  sing N N 104 
1XJ C36 H34  sing N N 105 
1XJ C37 H35  sing N N 106 
1XJ C37 H36  sing N N 107 
1XJ C38 H37  sing N N 108 
1XJ C38 H38  sing N N 109 
1XJ C40 H39  sing N N 110 
1XJ C40 H40  sing N N 111 
1XJ C40 H41  sing N N 112 
1XJ C41 H42  sing N N 113 
1XJ C41 H43  sing N N 114 
1XJ C41 H44  sing N N 115 
1XJ C42 H45  sing N N 116 
1XJ C42 H46  sing N N 117 
1XJ C43 H47  sing N N 118 
1XJ C43 H48  sing N N 119 
1XJ C44 H49  sing N N 120 
1XJ C44 H50  sing N N 121 
1XJ C45 H51  sing N N 122 
1XJ C45 H52  sing N N 123 
1XJ C46 H53  sing N N 124 
1XJ N51 H54  sing N N 125 
1XJ N52 H55  sing N N 126 
ALA N   CA   sing N N 127 
ALA N   H    sing N N 128 
ALA N   H2   sing N N 129 
ALA CA  C    sing N N 130 
ALA CA  CB   sing N N 131 
ALA CA  HA   sing N N 132 
ALA C   O    doub N N 133 
ALA C   OXT  sing N N 134 
ALA CB  HB1  sing N N 135 
ALA CB  HB2  sing N N 136 
ALA CB  HB3  sing N N 137 
ALA OXT HXT  sing N N 138 
ARG N   CA   sing N N 139 
ARG N   H    sing N N 140 
ARG N   H2   sing N N 141 
ARG CA  C    sing N N 142 
ARG CA  CB   sing N N 143 
ARG CA  HA   sing N N 144 
ARG C   O    doub N N 145 
ARG C   OXT  sing N N 146 
ARG CB  CG   sing N N 147 
ARG CB  HB2  sing N N 148 
ARG CB  HB3  sing N N 149 
ARG CG  CD   sing N N 150 
ARG CG  HG2  sing N N 151 
ARG CG  HG3  sing N N 152 
ARG CD  NE   sing N N 153 
ARG CD  HD2  sing N N 154 
ARG CD  HD3  sing N N 155 
ARG NE  CZ   sing N N 156 
ARG NE  HE   sing N N 157 
ARG CZ  NH1  sing N N 158 
ARG CZ  NH2  doub N N 159 
ARG NH1 HH11 sing N N 160 
ARG NH1 HH12 sing N N 161 
ARG NH2 HH21 sing N N 162 
ARG NH2 HH22 sing N N 163 
ARG OXT HXT  sing N N 164 
ASN N   CA   sing N N 165 
ASN N   H    sing N N 166 
ASN N   H2   sing N N 167 
ASN CA  C    sing N N 168 
ASN CA  CB   sing N N 169 
ASN CA  HA   sing N N 170 
ASN C   O    doub N N 171 
ASN C   OXT  sing N N 172 
ASN CB  CG   sing N N 173 
ASN CB  HB2  sing N N 174 
ASN CB  HB3  sing N N 175 
ASN CG  OD1  doub N N 176 
ASN CG  ND2  sing N N 177 
ASN ND2 HD21 sing N N 178 
ASN ND2 HD22 sing N N 179 
ASN OXT HXT  sing N N 180 
ASP N   CA   sing N N 181 
ASP N   H    sing N N 182 
ASP N   H2   sing N N 183 
ASP CA  C    sing N N 184 
ASP CA  CB   sing N N 185 
ASP CA  HA   sing N N 186 
ASP C   O    doub N N 187 
ASP C   OXT  sing N N 188 
ASP CB  CG   sing N N 189 
ASP CB  HB2  sing N N 190 
ASP CB  HB3  sing N N 191 
ASP CG  OD1  doub N N 192 
ASP CG  OD2  sing N N 193 
ASP OD2 HD2  sing N N 194 
ASP OXT HXT  sing N N 195 
CYS N   CA   sing N N 196 
CYS N   H    sing N N 197 
CYS N   H2   sing N N 198 
CYS CA  C    sing N N 199 
CYS CA  CB   sing N N 200 
CYS CA  HA   sing N N 201 
CYS C   O    doub N N 202 
CYS C   OXT  sing N N 203 
CYS CB  SG   sing N N 204 
CYS CB  HB2  sing N N 205 
CYS CB  HB3  sing N N 206 
CYS SG  HG   sing N N 207 
CYS OXT HXT  sing N N 208 
GLN N   CA   sing N N 209 
GLN N   H    sing N N 210 
GLN N   H2   sing N N 211 
GLN CA  C    sing N N 212 
GLN CA  CB   sing N N 213 
GLN CA  HA   sing N N 214 
GLN C   O    doub N N 215 
GLN C   OXT  sing N N 216 
GLN CB  CG   sing N N 217 
GLN CB  HB2  sing N N 218 
GLN CB  HB3  sing N N 219 
GLN CG  CD   sing N N 220 
GLN CG  HG2  sing N N 221 
GLN CG  HG3  sing N N 222 
GLN CD  OE1  doub N N 223 
GLN CD  NE2  sing N N 224 
GLN NE2 HE21 sing N N 225 
GLN NE2 HE22 sing N N 226 
GLN OXT HXT  sing N N 227 
GLU N   CA   sing N N 228 
GLU N   H    sing N N 229 
GLU N   H2   sing N N 230 
GLU CA  C    sing N N 231 
GLU CA  CB   sing N N 232 
GLU CA  HA   sing N N 233 
GLU C   O    doub N N 234 
GLU C   OXT  sing N N 235 
GLU CB  CG   sing N N 236 
GLU CB  HB2  sing N N 237 
GLU CB  HB3  sing N N 238 
GLU CG  CD   sing N N 239 
GLU CG  HG2  sing N N 240 
GLU CG  HG3  sing N N 241 
GLU CD  OE1  doub N N 242 
GLU CD  OE2  sing N N 243 
GLU OE2 HE2  sing N N 244 
GLU OXT HXT  sing N N 245 
GLY N   CA   sing N N 246 
GLY N   H    sing N N 247 
GLY N   H2   sing N N 248 
GLY CA  C    sing N N 249 
GLY CA  HA2  sing N N 250 
GLY CA  HA3  sing N N 251 
GLY C   O    doub N N 252 
GLY C   OXT  sing N N 253 
GLY OXT HXT  sing N N 254 
HIS N   CA   sing N N 255 
HIS N   H    sing N N 256 
HIS N   H2   sing N N 257 
HIS CA  C    sing N N 258 
HIS CA  CB   sing N N 259 
HIS CA  HA   sing N N 260 
HIS C   O    doub N N 261 
HIS C   OXT  sing N N 262 
HIS CB  CG   sing N N 263 
HIS CB  HB2  sing N N 264 
HIS CB  HB3  sing N N 265 
HIS CG  ND1  sing Y N 266 
HIS CG  CD2  doub Y N 267 
HIS ND1 CE1  doub Y N 268 
HIS ND1 HD1  sing N N 269 
HIS CD2 NE2  sing Y N 270 
HIS CD2 HD2  sing N N 271 
HIS CE1 NE2  sing Y N 272 
HIS CE1 HE1  sing N N 273 
HIS NE2 HE2  sing N N 274 
HIS OXT HXT  sing N N 275 
HOH O   H1   sing N N 276 
HOH O   H2   sing N N 277 
ILE N   CA   sing N N 278 
ILE N   H    sing N N 279 
ILE N   H2   sing N N 280 
ILE CA  C    sing N N 281 
ILE CA  CB   sing N N 282 
ILE CA  HA   sing N N 283 
ILE C   O    doub N N 284 
ILE C   OXT  sing N N 285 
ILE CB  CG1  sing N N 286 
ILE CB  CG2  sing N N 287 
ILE CB  HB   sing N N 288 
ILE CG1 CD1  sing N N 289 
ILE CG1 HG12 sing N N 290 
ILE CG1 HG13 sing N N 291 
ILE CG2 HG21 sing N N 292 
ILE CG2 HG22 sing N N 293 
ILE CG2 HG23 sing N N 294 
ILE CD1 HD11 sing N N 295 
ILE CD1 HD12 sing N N 296 
ILE CD1 HD13 sing N N 297 
ILE OXT HXT  sing N N 298 
LEU N   CA   sing N N 299 
LEU N   H    sing N N 300 
LEU N   H2   sing N N 301 
LEU CA  C    sing N N 302 
LEU CA  CB   sing N N 303 
LEU CA  HA   sing N N 304 
LEU C   O    doub N N 305 
LEU C   OXT  sing N N 306 
LEU CB  CG   sing N N 307 
LEU CB  HB2  sing N N 308 
LEU CB  HB3  sing N N 309 
LEU CG  CD1  sing N N 310 
LEU CG  CD2  sing N N 311 
LEU CG  HG   sing N N 312 
LEU CD1 HD11 sing N N 313 
LEU CD1 HD12 sing N N 314 
LEU CD1 HD13 sing N N 315 
LEU CD2 HD21 sing N N 316 
LEU CD2 HD22 sing N N 317 
LEU CD2 HD23 sing N N 318 
LEU OXT HXT  sing N N 319 
LYS N   CA   sing N N 320 
LYS N   H    sing N N 321 
LYS N   H2   sing N N 322 
LYS CA  C    sing N N 323 
LYS CA  CB   sing N N 324 
LYS CA  HA   sing N N 325 
LYS C   O    doub N N 326 
LYS C   OXT  sing N N 327 
LYS CB  CG   sing N N 328 
LYS CB  HB2  sing N N 329 
LYS CB  HB3  sing N N 330 
LYS CG  CD   sing N N 331 
LYS CG  HG2  sing N N 332 
LYS CG  HG3  sing N N 333 
LYS CD  CE   sing N N 334 
LYS CD  HD2  sing N N 335 
LYS CD  HD3  sing N N 336 
LYS CE  NZ   sing N N 337 
LYS CE  HE2  sing N N 338 
LYS CE  HE3  sing N N 339 
LYS NZ  HZ1  sing N N 340 
LYS NZ  HZ2  sing N N 341 
LYS NZ  HZ3  sing N N 342 
LYS OXT HXT  sing N N 343 
MET N   CA   sing N N 344 
MET N   H    sing N N 345 
MET N   H2   sing N N 346 
MET CA  C    sing N N 347 
MET CA  CB   sing N N 348 
MET CA  HA   sing N N 349 
MET C   O    doub N N 350 
MET C   OXT  sing N N 351 
MET CB  CG   sing N N 352 
MET CB  HB2  sing N N 353 
MET CB  HB3  sing N N 354 
MET CG  SD   sing N N 355 
MET CG  HG2  sing N N 356 
MET CG  HG3  sing N N 357 
MET SD  CE   sing N N 358 
MET CE  HE1  sing N N 359 
MET CE  HE2  sing N N 360 
MET CE  HE3  sing N N 361 
MET OXT HXT  sing N N 362 
PHE N   CA   sing N N 363 
PHE N   H    sing N N 364 
PHE N   H2   sing N N 365 
PHE CA  C    sing N N 366 
PHE CA  CB   sing N N 367 
PHE CA  HA   sing N N 368 
PHE C   O    doub N N 369 
PHE C   OXT  sing N N 370 
PHE CB  CG   sing N N 371 
PHE CB  HB2  sing N N 372 
PHE CB  HB3  sing N N 373 
PHE CG  CD1  doub Y N 374 
PHE CG  CD2  sing Y N 375 
PHE CD1 CE1  sing Y N 376 
PHE CD1 HD1  sing N N 377 
PHE CD2 CE2  doub Y N 378 
PHE CD2 HD2  sing N N 379 
PHE CE1 CZ   doub Y N 380 
PHE CE1 HE1  sing N N 381 
PHE CE2 CZ   sing Y N 382 
PHE CE2 HE2  sing N N 383 
PHE CZ  HZ   sing N N 384 
PHE OXT HXT  sing N N 385 
PRO N   CA   sing N N 386 
PRO N   CD   sing N N 387 
PRO N   H    sing N N 388 
PRO CA  C    sing N N 389 
PRO CA  CB   sing N N 390 
PRO CA  HA   sing N N 391 
PRO C   O    doub N N 392 
PRO C   OXT  sing N N 393 
PRO CB  CG   sing N N 394 
PRO CB  HB2  sing N N 395 
PRO CB  HB3  sing N N 396 
PRO CG  CD   sing N N 397 
PRO CG  HG2  sing N N 398 
PRO CG  HG3  sing N N 399 
PRO CD  HD2  sing N N 400 
PRO CD  HD3  sing N N 401 
PRO OXT HXT  sing N N 402 
SER N   CA   sing N N 403 
SER N   H    sing N N 404 
SER N   H2   sing N N 405 
SER CA  C    sing N N 406 
SER CA  CB   sing N N 407 
SER CA  HA   sing N N 408 
SER C   O    doub N N 409 
SER C   OXT  sing N N 410 
SER CB  OG   sing N N 411 
SER CB  HB2  sing N N 412 
SER CB  HB3  sing N N 413 
SER OG  HG   sing N N 414 
SER OXT HXT  sing N N 415 
THR N   CA   sing N N 416 
THR N   H    sing N N 417 
THR N   H2   sing N N 418 
THR CA  C    sing N N 419 
THR CA  CB   sing N N 420 
THR CA  HA   sing N N 421 
THR C   O    doub N N 422 
THR C   OXT  sing N N 423 
THR CB  OG1  sing N N 424 
THR CB  CG2  sing N N 425 
THR CB  HB   sing N N 426 
THR OG1 HG1  sing N N 427 
THR CG2 HG21 sing N N 428 
THR CG2 HG22 sing N N 429 
THR CG2 HG23 sing N N 430 
THR OXT HXT  sing N N 431 
TRP N   CA   sing N N 432 
TRP N   H    sing N N 433 
TRP N   H2   sing N N 434 
TRP CA  C    sing N N 435 
TRP CA  CB   sing N N 436 
TRP CA  HA   sing N N 437 
TRP C   O    doub N N 438 
TRP C   OXT  sing N N 439 
TRP CB  CG   sing N N 440 
TRP CB  HB2  sing N N 441 
TRP CB  HB3  sing N N 442 
TRP CG  CD1  doub Y N 443 
TRP CG  CD2  sing Y N 444 
TRP CD1 NE1  sing Y N 445 
TRP CD1 HD1  sing N N 446 
TRP CD2 CE2  doub Y N 447 
TRP CD2 CE3  sing Y N 448 
TRP NE1 CE2  sing Y N 449 
TRP NE1 HE1  sing N N 450 
TRP CE2 CZ2  sing Y N 451 
TRP CE3 CZ3  doub Y N 452 
TRP CE3 HE3  sing N N 453 
TRP CZ2 CH2  doub Y N 454 
TRP CZ2 HZ2  sing N N 455 
TRP CZ3 CH2  sing Y N 456 
TRP CZ3 HZ3  sing N N 457 
TRP CH2 HH2  sing N N 458 
TRP OXT HXT  sing N N 459 
TYR N   CA   sing N N 460 
TYR N   H    sing N N 461 
TYR N   H2   sing N N 462 
TYR CA  C    sing N N 463 
TYR CA  CB   sing N N 464 
TYR CA  HA   sing N N 465 
TYR C   O    doub N N 466 
TYR C   OXT  sing N N 467 
TYR CB  CG   sing N N 468 
TYR CB  HB2  sing N N 469 
TYR CB  HB3  sing N N 470 
TYR CG  CD1  doub Y N 471 
TYR CG  CD2  sing Y N 472 
TYR CD1 CE1  sing Y N 473 
TYR CD1 HD1  sing N N 474 
TYR CD2 CE2  doub Y N 475 
TYR CD2 HD2  sing N N 476 
TYR CE1 CZ   doub Y N 477 
TYR CE1 HE1  sing N N 478 
TYR CE2 CZ   sing Y N 479 
TYR CE2 HE2  sing N N 480 
TYR CZ  OH   sing N N 481 
TYR OH  HH   sing N N 482 
TYR OXT HXT  sing N N 483 
VAL N   CA   sing N N 484 
VAL N   H    sing N N 485 
VAL N   H2   sing N N 486 
VAL CA  C    sing N N 487 
VAL CA  CB   sing N N 488 
VAL CA  HA   sing N N 489 
VAL C   O    doub N N 490 
VAL C   OXT  sing N N 491 
VAL CB  CG1  sing N N 492 
VAL CB  CG2  sing N N 493 
VAL CB  HB   sing N N 494 
VAL CG1 HG11 sing N N 495 
VAL CG1 HG12 sing N N 496 
VAL CG1 HG13 sing N N 497 
VAL CG2 HG21 sing N N 498 
VAL CG2 HG22 sing N N 499 
VAL CG2 HG23 sing N N 500 
VAL OXT HXT  sing N N 501 
# 
_pdbx_entity_instance_feature.ordinal        1 
_pdbx_entity_instance_feature.comp_id        1XJ 
_pdbx_entity_instance_feature.asym_id        ? 
_pdbx_entity_instance_feature.seq_num        ? 
_pdbx_entity_instance_feature.auth_comp_id   1XJ 
_pdbx_entity_instance_feature.auth_asym_id   ? 
_pdbx_entity_instance_feature.auth_seq_num   ? 
_pdbx_entity_instance_feature.feature_type   'SUBJECT OF INVESTIGATION' 
_pdbx_entity_instance_feature.details        ? 
# 
_pdbx_initial_refinement_model.id               1 
_pdbx_initial_refinement_model.entity_id_list   ? 
_pdbx_initial_refinement_model.type             'experimental model' 
_pdbx_initial_refinement_model.source_name      PDB 
_pdbx_initial_refinement_model.accession_code   6QGG 
_pdbx_initial_refinement_model.details          ? 
# 
_atom_sites.entry_id                    6QGH 
_atom_sites.fract_transf_matrix[1][1]   -0.01648743 
_atom_sites.fract_transf_matrix[1][2]   0.01312832 
_atom_sites.fract_transf_matrix[1][3]   -0.00791498 
_atom_sites.fract_transf_matrix[2][1]   -0.00089573 
_atom_sites.fract_transf_matrix[2][2]   -0.01016947 
_atom_sites.fract_transf_matrix[2][3]   -0.01500190 
_atom_sites.fract_transf_matrix[3][1]   -0.01049807 
_atom_sites.fract_transf_matrix[3][2]   -0.00909092 
_atom_sites.fract_transf_matrix[3][3]   0.00678936 
_atom_sites.fract_transf_vector[1]      -0.200994 
_atom_sites.fract_transf_vector[2]      -0.025785 
_atom_sites.fract_transf_vector[3]      0.203326 
# 
loop_
_atom_type.symbol 
C  
CL 
F  
N  
O  
S  
# 
loop_
_atom_site.group_PDB 
_atom_site.id 
_atom_site.type_symbol 
_atom_site.label_atom_id 
_atom_site.label_alt_id 
_atom_site.label_comp_id 
_atom_site.label_asym_id 
_atom_site.label_entity_id 
_atom_site.label_seq_id 
_atom_site.pdbx_PDB_ins_code 
_atom_site.Cartn_x 
_atom_site.Cartn_y 
_atom_site.Cartn_z 
_atom_site.occupancy 
_atom_site.B_iso_or_equiv 
_atom_site.pdbx_formal_charge 
_atom_site.auth_seq_id 
_atom_site.auth_comp_id 
_atom_site.auth_asym_id 
_atom_site.auth_atom_id 
_atom_site.pdbx_PDB_model_num 
ATOM   1    N  N   . GLN A 1 3   ? 10.275  -11.844 -2.236  1.00 47.83 ? 9   GLN A N   1 
ATOM   2    C  CA  . GLN A 1 3   ? 9.368   -10.640 -2.191  1.00 49.47 ? 9   GLN A CA  1 
ATOM   3    C  C   . GLN A 1 3   ? 9.761   -9.720  -1.028  1.00 49.51 ? 9   GLN A C   1 
ATOM   4    O  O   . GLN A 1 3   ? 9.917   -8.524  -1.235  1.00 60.63 ? 9   GLN A O   1 
ATOM   5    C  CB  . GLN A 1 3   ? 7.895   -11.059 -2.118  1.00 47.86 ? 9   GLN A CB  1 
ATOM   6    C  CG  . GLN A 1 3   ? 7.307   -11.443 -3.474  1.00 47.33 ? 9   GLN A CG  1 
ATOM   7    C  CD  . GLN A 1 3   ? 5.818   -11.702 -3.421  1.00 46.71 ? 9   GLN A CD  1 
ATOM   8    O  OE1 . GLN A 1 3   ? 5.092   -11.174 -2.574  1.00 41.16 ? 9   GLN A OE1 1 
ATOM   9    N  NE2 . GLN A 1 3   ? 5.344   -12.528 -4.341  1.00 43.95 ? 9   GLN A NE2 1 
ATOM   10   N  N   . ASP A 1 4   ? 9.933   -10.284 0.176   1.00 54.69 ? 10  ASP A N   1 
ATOM   11   C  CA  . ASP A 1 4   ? 10.311  -9.538  1.419   1.00 57.50 ? 10  ASP A CA  1 
ATOM   12   C  C   . ASP A 1 4   ? 9.211   -8.534  1.808   1.00 54.61 ? 10  ASP A C   1 
ATOM   13   O  O   . ASP A 1 4   ? 9.511   -7.405  2.236   1.00 52.93 ? 10  ASP A O   1 
ATOM   14   C  CB  . ASP A 1 4   ? 11.659  -8.817  1.288   1.00 62.37 ? 10  ASP A CB  1 
ATOM   15   C  CG  . ASP A 1 4   ? 12.865  -9.731  1.109   1.00 64.05 ? 10  ASP A CG  1 
ATOM   16   O  OD1 . ASP A 1 4   ? 12.668  -10.950 0.985   1.00 60.02 ? 10  ASP A OD1 1 
ATOM   17   O  OD2 . ASP A 1 4   ? 14.001  -9.203  1.100   1.00 68.98 ? 10  ASP A OD2 1 
ATOM   18   N  N   . ASN A 1 5   ? 7.952   -8.984  1.707   1.00 47.07 ? 11  ASN A N   1 
ATOM   19   C  CA  . ASN A 1 5   ? 6.753   -8.169  1.928   1.00 44.44 ? 11  ASN A CA  1 
ATOM   20   C  C   . ASN A 1 5   ? 6.739   -7.559  3.354   1.00 40.99 ? 11  ASN A C   1 
ATOM   21   O  O   . ASN A 1 5   ? 6.374   -6.388  3.515   1.00 37.71 ? 11  ASN A O   1 
ATOM   22   C  CB  . ASN A 1 5   ? 5.492   -8.958  1.545   1.00 39.44 ? 11  ASN A CB  1 
ATOM   23   C  CG  . ASN A 1 5   ? 5.328   -9.145  0.045   1.00 46.95 ? 11  ASN A CG  1 
ATOM   24   O  OD1 . ASN A 1 5   ? 5.788   -8.330  -0.761  1.00 41.22 ? 11  ASN A OD1 1 
ATOM   25   N  ND2 . ASN A 1 5   ? 4.654   -10.213 -0.362  1.00 44.30 ? 11  ASN A ND2 1 
ATOM   26   N  N   . ARG A 1 6   ? 7.171   -8.288  4.390   1.00 37.30 ? 12  ARG A N   1 
ATOM   27   C  CA  . ARG A 1 6   ? 7.097   -7.742  5.768   1.00 37.75 ? 12  ARG A CA  1 
ATOM   28   C  C   . ARG A 1 6   ? 8.014   -6.515  5.910   1.00 35.69 ? 12  ARG A C   1 
ATOM   29   O  O   . ARG A 1 6   ? 7.671   -5.542  6.568   1.00 32.74 ? 12  ARG A O   1 
ATOM   30   C  CB  . ARG A 1 6   ? 7.461   -8.782  6.840   1.00 41.89 ? 12  ARG A CB  1 
ATOM   31   C  CG  . ARG A 1 6   ? 7.295   -8.270  8.270   1.00 46.81 ? 12  ARG A CG  1 
ATOM   32   C  CD  . ARG A 1 6   ? 7.242   -9.306  9.394   1.00 52.40 ? 12  ARG A CD  1 
ATOM   33   N  NE  . ARG A 1 6   ? 5.905   -9.876  9.640   1.00 58.10 ? 12  ARG A NE  1 
ATOM   34   C  CZ  . ARG A 1 6   ? 4.990   -9.432  10.525  1.00 55.49 ? 12  ARG A CZ  1 
ATOM   35   N  NH1 . ARG A 1 6   ? 5.266   -8.452  11.371  1.00 68.08 ? 12  ARG A NH1 1 
ATOM   36   N  NH2 . ARG A 1 6   ? 3.780   -9.966  10.545  1.00 46.56 ? 12  ARG A NH2 1 
ATOM   37   N  N   . GLU A 1 7   ? 9.223   -6.572  5.356   1.00 33.25 ? 13  GLU A N   1 
ATOM   38   C  CA  . GLU A 1 7   ? 10.140  -5.432  5.502   1.00 33.58 ? 13  GLU A CA  1 
ATOM   39   C  C   . GLU A 1 7   ? 9.625   -4.215  4.708   1.00 27.38 ? 13  GLU A C   1 
ATOM   40   O  O   . GLU A 1 7   ? 9.754   -3.084  5.125   1.00 25.25 ? 13  GLU A O   1 
ATOM   41   C  CB  . GLU A 1 7   ? 11.530  -5.808  5.006   1.00 40.59 ? 13  GLU A CB  1 
ATOM   42   C  CG  . GLU A 1 7   ? 12.610  -4.864  5.503   1.00 48.61 ? 13  GLU A CG  1 
ATOM   43   C  CD  . GLU A 1 7   ? 13.711  -4.618  4.486   1.00 59.02 ? 13  GLU A CD  1 
ATOM   44   O  OE1 . GLU A 1 7   ? 13.643  -5.204  3.370   1.00 66.11 ? 13  GLU A OE1 1 
ATOM   45   O  OE2 . GLU A 1 7   ? 14.620  -3.830  4.800   1.00 63.77 ? 13  GLU A OE2 1 
ATOM   46   N  N   . ILE A 1 8   ? 9.105   -4.456  3.512   1.00 22.27 ? 14  ILE A N   1 
ATOM   47   C  CA  . ILE A 1 8   ? 8.484   -3.398  2.774   1.00 26.58 ? 14  ILE A CA  1 
ATOM   48   C  C   . ILE A 1 8   ? 7.448   -2.689  3.665   1.00 23.36 ? 14  ILE A C   1 
ATOM   49   O  O   . ILE A 1 8   ? 7.425   -1.484  3.709   1.00 22.21 ? 14  ILE A O   1 
ATOM   50   C  CB  . ILE A 1 8   ? 7.889   -3.944  1.464   1.00 27.76 ? 14  ILE A CB  1 
ATOM   51   C  CG1 . ILE A 1 8   ? 8.993   -4.482  0.547   1.00 29.86 ? 14  ILE A CG1 1 
ATOM   52   C  CG2 . ILE A 1 8   ? 7.034   -2.901  0.763   1.00 26.72 ? 14  ILE A CG2 1 
ATOM   53   C  CD1 . ILE A 1 8   ? 8.477   -5.332  -0.596  1.00 29.50 ? 14  ILE A CD1 1 
ATOM   54   N  N   . VAL A 1 9   ? 6.623   -3.443  4.388   1.00 23.52 ? 15  VAL A N   1 
ATOM   55   C  CA  . VAL A 1 9   ? 5.546   -2.862  5.213   1.00 24.60 ? 15  VAL A CA  1 
ATOM   56   C  C   . VAL A 1 9   ? 6.161   -1.939  6.271   1.00 24.78 ? 15  VAL A C   1 
ATOM   57   O  O   . VAL A 1 9   ? 5.768   -0.780  6.394   1.00 24.70 ? 15  VAL A O   1 
ATOM   58   C  CB  . VAL A 1 9   ? 4.675   -3.958  5.866   1.00 23.52 ? 15  VAL A CB  1 
ATOM   59   C  CG1 . VAL A 1 9   ? 3.832   -3.448  7.031   1.00 21.17 ? 15  VAL A CG1 1 
ATOM   60   C  CG2 . VAL A 1 9   ? 3.809   -4.672  4.839   1.00 24.59 ? 15  VAL A CG2 1 
ATOM   61   N  N   . MET A 1 10  ? 7.136   -2.451  7.023   1.00 29.16 ? 16  MET A N   1 
ATOM   62   C  CA  . MET A 1 10  ? 7.689   -1.733  8.208   1.00 31.87 ? 16  MET A CA  1 
ATOM   63   C  C   . MET A 1 10  ? 8.376   -0.434  7.780   1.00 28.31 ? 16  MET A C   1 
ATOM   64   O  O   . MET A 1 10  ? 8.192   0.651   8.392   1.00 29.64 ? 16  MET A O   1 
ATOM   65   C  CB  . MET A 1 10  ? 8.721   -2.602  8.931   1.00 37.49 ? 16  MET A CB  1 
ATOM   66   C  CG  . MET A 1 10  ? 8.182   -3.964  9.362   1.00 43.36 ? 16  MET A CG  1 
ATOM   67   S  SD  . MET A 1 10  ? 6.803   -3.868  10.545  1.00 47.71 ? 16  MET A SD  1 
ATOM   68   C  CE  . MET A 1 10  ? 5.934   -5.387  10.138  1.00 52.49 ? 16  MET A CE  1 
ATOM   69   N  N   . LYS A 1 11  ? 9.179   -0.562  6.723   1.00 28.86 ? 17  LYS A N   1 
ATOM   70   C  CA  . LYS A 1 11  ? 9.872   0.554   6.115   1.00 29.32 ? 17  LYS A CA  1 
ATOM   71   C  C   . LYS A 1 11  ? 8.877   1.604   5.623   1.00 27.74 ? 17  LYS A C   1 
ATOM   72   O  O   . LYS A 1 11  ? 9.100   2.796   5.767   1.00 22.73 ? 17  LYS A O   1 
ATOM   73   C  CB  . LYS A 1 11  ? 10.665  0.077   4.903   1.00 36.10 ? 17  LYS A CB  1 
ATOM   74   C  CG  . LYS A 1 11  ? 12.166  0.206   5.030   1.00 43.08 ? 17  LYS A CG  1 
ATOM   75   C  CD  . LYS A 1 11  ? 12.823  -0.904  5.787   1.00 49.94 ? 17  LYS A CD  1 
ATOM   76   C  CE  . LYS A 1 11  ? 14.220  -1.157  5.255   1.00 55.83 ? 17  LYS A CE  1 
ATOM   77   N  NZ  . LYS A 1 11  ? 15.019  0.093   5.202   1.00 61.59 ? 17  LYS A NZ  1 
ATOM   78   N  N   . TYR A 1 12  ? 7.767   1.144   5.027   1.00 25.29 ? 18  TYR A N   1 
ATOM   79   C  CA  . TYR A 1 12  ? 6.742   2.072   4.528   1.00 24.68 ? 18  TYR A CA  1 
ATOM   80   C  C   . TYR A 1 12  ? 6.086   2.841   5.682   1.00 25.05 ? 18  TYR A C   1 
ATOM   81   O  O   . TYR A 1 12  ? 5.867   4.091   5.594   1.00 25.53 ? 18  TYR A O   1 
ATOM   82   C  CB  . TYR A 1 12  ? 5.671   1.320   3.739   1.00 24.38 ? 18  TYR A CB  1 
ATOM   83   C  CG  . TYR A 1 12  ? 4.700   2.226   3.046   1.00 25.62 ? 18  TYR A CG  1 
ATOM   84   C  CD1 . TYR A 1 12  ? 5.045   2.791   1.847   1.00 26.97 ? 18  TYR A CD1 1 
ATOM   85   C  CD2 . TYR A 1 12  ? 3.443   2.499   3.561   1.00 26.18 ? 18  TYR A CD2 1 
ATOM   86   C  CE1 . TYR A 1 12  ? 4.180   3.620   1.168   1.00 29.46 ? 18  TYR A CE1 1 
ATOM   87   C  CE2 . TYR A 1 12  ? 2.572   3.354   2.910   1.00 25.73 ? 18  TYR A CE2 1 
ATOM   88   C  CZ  . TYR A 1 12  ? 2.942   3.902   1.699   1.00 29.46 ? 18  TYR A CZ  1 
ATOM   89   O  OH  . TYR A 1 12  ? 2.140   4.742   0.982   1.00 39.43 ? 18  TYR A OH  1 
ATOM   90   N  N   . ILE A 1 13  ? 5.659   2.108   6.718   1.00 24.98 ? 19  ILE A N   1 
ATOM   91   C  CA  . ILE A 1 13  ? 4.930   2.736   7.817   1.00 24.54 ? 19  ILE A CA  1 
ATOM   92   C  C   . ILE A 1 13  ? 5.877   3.694   8.537   1.00 27.56 ? 19  ILE A C   1 
ATOM   93   O  O   . ILE A 1 13  ? 5.481   4.788   8.968   1.00 24.70 ? 19  ILE A O   1 
ATOM   94   C  CB  . ILE A 1 13  ? 4.336   1.688   8.782   1.00 23.67 ? 19  ILE A CB  1 
ATOM   95   C  CG1 . ILE A 1 13  ? 3.171   0.941   8.138   1.00 25.63 ? 19  ILE A CG1 1 
ATOM   96   C  CG2 . ILE A 1 13  ? 3.889   2.312   10.095  1.00 20.40 ? 19  ILE A CG2 1 
ATOM   97   C  CD1 . ILE A 1 13  ? 2.939   -0.408  8.780   1.00 30.90 ? 19  ILE A CD1 1 
ATOM   98   N  N   . SER A 1 14  ? 7.121   3.253   8.706   1.00 33.28 ? 20  SER A N   1 
ATOM   99   C  CA  . SER A 1 14  ? 8.100   4.058   9.420   1.00 38.85 ? 20  SER A CA  1 
ATOM   100  C  C   . SER A 1 14  ? 8.289   5.420   8.724   1.00 40.61 ? 20  SER A C   1 
ATOM   101  O  O   . SER A 1 14  ? 8.386   6.435   9.410   1.00 40.47 ? 20  SER A O   1 
ATOM   102  C  CB  . SER A 1 14  ? 9.379   3.315   9.576   1.00 37.70 ? 20  SER A CB  1 
ATOM   103  O  OG  . SER A 1 14  ? 10.310  4.137   10.244  1.00 44.15 ? 20  SER A OG  1 
ATOM   104  N  N   . TYR A 1 15  ? 8.248   5.444   7.378   1.00 41.35 ? 21  TYR A N   1 
ATOM   105  C  CA  . TYR A 1 15  ? 8.342   6.674   6.590   1.00 43.09 ? 21  TYR A CA  1 
ATOM   106  C  C   . TYR A 1 15  ? 7.064   7.522   6.682   1.00 42.33 ? 21  TYR A C   1 
ATOM   107  O  O   . TYR A 1 15  ? 7.204   8.732   6.835   1.00 45.85 ? 21  TYR A O   1 
ATOM   108  C  CB  . TYR A 1 15  ? 8.703   6.393   5.123   1.00 50.59 ? 21  TYR A CB  1 
ATOM   109  C  CG  . TYR A 1 15  ? 8.411   7.513   4.144   1.00 54.27 ? 21  TYR A CG  1 
ATOM   110  C  CD1 . TYR A 1 15  ? 9.274   8.597   3.995   1.00 51.19 ? 21  TYR A CD1 1 
ATOM   111  C  CD2 . TYR A 1 15  ? 7.279   7.471   3.328   1.00 59.87 ? 21  TYR A CD2 1 
ATOM   112  C  CE1 . TYR A 1 15  ? 9.001   9.621   3.097   1.00 53.92 ? 21  TYR A CE1 1 
ATOM   113  C  CE2 . TYR A 1 15  ? 7.002   8.478   2.410   1.00 59.08 ? 21  TYR A CE2 1 
ATOM   114  C  CZ  . TYR A 1 15  ? 7.867   9.557   2.293   1.00 59.85 ? 21  TYR A CZ  1 
ATOM   115  O  OH  . TYR A 1 15  ? 7.589   10.535  1.373   1.00 59.14 ? 21  TYR A OH  1 
ATOM   116  N  N   . LYS A 1 16  ? 5.853   6.950   6.536   1.00 38.61 ? 22  LYS A N   1 
ATOM   117  C  CA  . LYS A 1 16  ? 4.617   7.793   6.531   1.00 40.65 ? 22  LYS A CA  1 
ATOM   118  C  C   . LYS A 1 16  ? 4.464   8.482   7.891   1.00 40.42 ? 22  LYS A C   1 
ATOM   119  O  O   . LYS A 1 16  ? 3.791   9.517   7.976   1.00 39.68 ? 22  LYS A O   1 
ATOM   120  C  CB  . LYS A 1 16  ? 3.284   7.057   6.313   1.00 41.52 ? 22  LYS A CB  1 
ATOM   121  C  CG  . LYS A 1 16  ? 3.081   6.273   5.017   1.00 42.50 ? 22  LYS A CG  1 
ATOM   122  C  CD  . LYS A 1 16  ? 3.333   7.029   3.722   1.00 45.23 ? 22  LYS A CD  1 
ATOM   123  C  CE  . LYS A 1 16  ? 2.252   8.011   3.335   1.00 42.44 ? 22  LYS A CE  1 
ATOM   124  N  NZ  . LYS A 1 16  ? 2.573   8.638   2.020   1.00 47.49 ? 22  LYS A NZ  1 
ATOM   125  N  N   . LEU A 1 17  ? 4.993   7.845   8.950   1.00 40.02 ? 23  LEU A N   1 
ATOM   126  C  CA  . LEU A 1 17  ? 4.897   8.365   10.323  1.00 40.65 ? 23  LEU A CA  1 
ATOM   127  C  C   . LEU A 1 17  ? 5.937   9.474   10.541  1.00 41.54 ? 23  LEU A C   1 
ATOM   128  O  O   . LEU A 1 17  ? 5.701   10.373  11.327  1.00 44.13 ? 23  LEU A O   1 
ATOM   129  C  CB  . LEU A 1 17  ? 5.083   7.225   11.333  1.00 35.73 ? 23  LEU A CB  1 
ATOM   130  C  CG  . LEU A 1 17  ? 3.876   6.312   11.535  1.00 36.41 ? 23  LEU A CG  1 
ATOM   131  C  CD1 . LEU A 1 17  ? 4.167   5.265   12.596  1.00 35.57 ? 23  LEU A CD1 1 
ATOM   132  C  CD2 . LEU A 1 17  ? 2.633   7.111   11.900  1.00 36.65 ? 23  LEU A CD2 1 
ATOM   133  N  N   . SER A 1 18  ? 7.097   9.379   9.875   1.00 48.14 ? 24  SER A N   1 
ATOM   134  C  CA  . SER A 1 18  ? 8.080   10.497  9.777   1.00 46.89 ? 24  SER A CA  1 
ATOM   135  C  C   . SER A 1 18  ? 7.467   11.686  9.012   1.00 45.30 ? 24  SER A C   1 
ATOM   136  O  O   . SER A 1 18  ? 7.491   12.817  9.478   1.00 44.53 ? 24  SER A O   1 
ATOM   137  C  CB  . SER A 1 18  ? 9.353   10.027  9.147   1.00 50.34 ? 24  SER A CB  1 
ATOM   138  O  OG  . SER A 1 18  ? 10.098  9.221   10.055  1.00 56.61 ? 24  SER A OG  1 
ATOM   139  N  N   . GLN A 1 19  ? 6.844   11.415  7.860   1.00 50.32 ? 25  GLN A N   1 
ATOM   140  C  CA  . GLN A 1 19  ? 6.131   12.447  7.086   1.00 57.82 ? 25  GLN A CA  1 
ATOM   141  C  C   . GLN A 1 19  ? 5.221   13.276  8.011   1.00 63.87 ? 25  GLN A C   1 
ATOM   142  O  O   . GLN A 1 19  ? 4.845   14.408  7.671   1.00 63.41 ? 25  GLN A O   1 
ATOM   143  C  CB  . GLN A 1 19  ? 5.278   11.839  5.960   1.00 59.55 ? 25  GLN A CB  1 
ATOM   144  C  CG  . GLN A 1 19  ? 5.974   11.718  4.603   1.00 60.34 ? 25  GLN A CG  1 
ATOM   145  C  CD  . GLN A 1 19  ? 5.026   11.237  3.522   1.00 61.50 ? 25  GLN A CD  1 
ATOM   146  O  OE1 . GLN A 1 19  ? 4.030   10.573  3.794   1.00 59.09 ? 25  GLN A OE1 1 
ATOM   147  N  NE2 . GLN A 1 19  ? 5.308   11.577  2.269   1.00 58.71 ? 25  GLN A NE2 1 
ATOM   148  N  N   . ARG A 1 20  ? 4.817   12.696  9.153   1.00 67.16 ? 26  ARG A N   1 
ATOM   149  C  CA  . ARG A 1 20  ? 3.829   13.322  10.045  1.00 58.02 ? 26  ARG A CA  1 
ATOM   150  C  C   . ARG A 1 20  ? 4.487   13.770  11.355  1.00 56.63 ? 26  ARG A C   1 
ATOM   151  O  O   . ARG A 1 20  ? 3.871   14.521  12.103  1.00 62.51 ? 26  ARG A O   1 
ATOM   152  C  CB  . ARG A 1 20  ? 2.648   12.382  10.309  1.00 53.18 ? 26  ARG A CB  1 
ATOM   153  C  CG  . ARG A 1 20  ? 1.741   12.175  9.105   1.00 54.42 ? 26  ARG A CG  1 
ATOM   154  C  CD  . ARG A 1 20  ? 0.683   13.243  8.883   1.00 54.72 ? 26  ARG A CD  1 
ATOM   155  N  NE  . ARG A 1 20  ? 0.591   13.449  7.448   1.00 60.81 ? 26  ARG A NE  1 
ATOM   156  C  CZ  . ARG A 1 20  ? -0.332  12.916  6.658   1.00 69.89 ? 26  ARG A CZ  1 
ATOM   157  N  NH1 . ARG A 1 20  ? -1.613  12.970  6.984   1.00 72.02 ? 26  ARG A NH1 1 
ATOM   158  N  NH2 . ARG A 1 20  ? 0.039   12.315  5.541   1.00 71.99 ? 26  ARG A NH2 1 
ATOM   159  N  N   . GLY A 1 21  ? 5.709   13.308  11.640  1.00 49.01 ? 27  GLY A N   1 
ATOM   160  C  CA  . GLY A 1 21  ? 6.479   13.858  12.731  1.00 46.67 ? 27  GLY A CA  1 
ATOM   161  C  C   . GLY A 1 21  ? 6.825   12.865  13.824  1.00 47.01 ? 27  GLY A C   1 
ATOM   162  O  O   . GLY A 1 21  ? 7.447   13.273  14.779  1.00 54.30 ? 27  GLY A O   1 
ATOM   163  N  N   . TYR A 1 22  ? 6.466   11.577  13.694  1.00 47.96 ? 28  TYR A N   1 
ATOM   164  C  CA  . TYR A 1 22  ? 6.662   10.600  14.790  1.00 46.12 ? 28  TYR A CA  1 
ATOM   165  C  C   . TYR A 1 22  ? 7.675   9.506   14.415  1.00 50.30 ? 28  TYR A C   1 
ATOM   166  O  O   . TYR A 1 22  ? 7.917   9.250   13.255  1.00 55.99 ? 28  TYR A O   1 
ATOM   167  C  CB  . TYR A 1 22  ? 5.363   9.881   15.153  1.00 52.52 ? 28  TYR A CB  1 
ATOM   168  C  CG  . TYR A 1 22  ? 4.115   10.710  15.357  1.00 55.62 ? 28  TYR A CG  1 
ATOM   169  C  CD1 . TYR A 1 22  ? 3.284   11.012  14.289  1.00 54.96 ? 28  TYR A CD1 1 
ATOM   170  C  CD2 . TYR A 1 22  ? 3.689   11.081  16.628  1.00 59.29 ? 28  TYR A CD2 1 
ATOM   171  C  CE1 . TYR A 1 22  ? 2.099   11.711  14.465  1.00 55.29 ? 28  TYR A CE1 1 
ATOM   172  C  CE2 . TYR A 1 22  ? 2.510   11.788  16.823  1.00 58.64 ? 28  TYR A CE2 1 
ATOM   173  C  CZ  . TYR A 1 22  ? 1.709   12.105  15.735  1.00 58.69 ? 28  TYR A CZ  1 
ATOM   174  O  OH  . TYR A 1 22  ? 0.520   12.759  15.908  1.00 54.55 ? 28  TYR A OH  1 
ATOM   175  N  N   . GLU A 1 23  ? 8.183   8.809   15.435  1.00 45.71 ? 29  GLU A N   1 
ATOM   176  C  CA  . GLU A 1 23  ? 9.284   7.891   15.335  1.00 50.13 ? 29  GLU A CA  1 
ATOM   177  C  C   . GLU A 1 23  ? 8.781   6.465   15.567  1.00 52.68 ? 29  GLU A C   1 
ATOM   178  O  O   . GLU A 1 23  ? 8.295   6.158   16.647  1.00 53.59 ? 29  GLU A O   1 
ATOM   179  C  CB  . GLU A 1 23  ? 10.341  8.224   16.391  1.00 55.42 ? 29  GLU A CB  1 
ATOM   180  N  N   . TRP A 1 24  ? 8.939   5.595   14.562  1.00 53.30 ? 30  TRP A N   1 
ATOM   181  C  CA  . TRP A 1 24  ? 8.539   4.212   14.687  1.00 48.69 ? 30  TRP A CA  1 
ATOM   182  C  C   . TRP A 1 24  ? 9.476   3.321   13.873  1.00 48.23 ? 30  TRP A C   1 
ATOM   183  O  O   . TRP A 1 24  ? 10.044  2.392   14.431  1.00 56.89 ? 30  TRP A O   1 
ATOM   184  C  CB  . TRP A 1 24  ? 7.087   4.071   14.242  1.00 44.47 ? 30  TRP A CB  1 
ATOM   185  C  CG  . TRP A 1 24  ? 6.520   2.710   14.435  1.00 39.48 ? 30  TRP A CG  1 
ATOM   186  C  CD1 . TRP A 1 24  ? 5.850   2.258   15.532  1.00 40.26 ? 30  TRP A CD1 1 
ATOM   187  C  CD2 . TRP A 1 24  ? 6.527   1.631   13.479  1.00 43.54 ? 30  TRP A CD2 1 
ATOM   188  N  NE1 . TRP A 1 24  ? 5.454   0.960   15.336  1.00 45.44 ? 30  TRP A NE1 1 
ATOM   189  C  CE2 . TRP A 1 24  ? 5.857   0.545   14.091  1.00 41.61 ? 30  TRP A CE2 1 
ATOM   190  C  CE3 . TRP A 1 24  ? 7.004   1.482   12.165  1.00 38.52 ? 30  TRP A CE3 1 
ATOM   191  C  CZ2 . TRP A 1 24  ? 5.664   -0.669  13.432  1.00 43.18 ? 30  TRP A CZ2 1 
ATOM   192  C  CZ3 . TRP A 1 24  ? 6.816   0.280   11.516  1.00 38.91 ? 30  TRP A CZ3 1 
ATOM   193  C  CH2 . TRP A 1 24  ? 6.155   -0.782  12.144  1.00 41.90 ? 30  TRP A CH2 1 
ATOM   194  N  N   . GLU A 1 41  ? 15.032  -6.952  0.047   1.00 68.43 ? 47  GLU A N   1 
ATOM   195  C  CA  . GLU A 1 41  ? 14.302  -5.975  -0.783  1.00 77.75 ? 47  GLU A CA  1 
ATOM   196  C  C   . GLU A 1 41  ? 15.187  -4.731  -0.986  1.00 75.45 ? 47  GLU A C   1 
ATOM   197  O  O   . GLU A 1 41  ? 15.707  -4.161  -0.010  1.00 72.20 ? 47  GLU A O   1 
ATOM   198  C  CB  . GLU A 1 41  ? 12.946  -5.622  -0.158  1.00 73.31 ? 47  GLU A CB  1 
ATOM   199  N  N   . SER A 1 42  ? 15.346  -4.324  -2.257  1.00 68.95 ? 48  SER A N   1 
ATOM   200  C  CA  . SER A 1 42  ? 16.240  -3.215  -2.689  1.00 66.89 ? 48  SER A CA  1 
ATOM   201  C  C   . SER A 1 42  ? 15.698  -1.857  -2.209  1.00 59.23 ? 48  SER A C   1 
ATOM   202  O  O   . SER A 1 42  ? 14.491  -1.688  -2.010  1.00 58.44 ? 48  SER A O   1 
ATOM   203  C  CB  . SER A 1 42  ? 16.419  -3.241  -4.202  1.00 68.92 ? 48  SER A CB  1 
ATOM   204  O  OG  . SER A 1 42  ? 17.523  -2.442  -4.610  1.00 73.14 ? 48  SER A OG  1 
ATOM   205  N  N   . GLU A 1 43  ? 16.595  -0.881  -2.038  1.00 45.16 ? 49  GLU A N   1 
ATOM   206  C  CA  . GLU A 1 43  ? 16.206  0.481   -1.692  1.00 41.81 ? 49  GLU A CA  1 
ATOM   207  C  C   . GLU A 1 43  ? 15.288  1.076   -2.772  1.00 34.46 ? 49  GLU A C   1 
ATOM   208  O  O   . GLU A 1 43  ? 14.447  1.911   -2.468  1.00 30.04 ? 49  GLU A O   1 
ATOM   209  C  CB  . GLU A 1 43  ? 17.455  1.345   -1.492  1.00 45.15 ? 49  GLU A CB  1 
ATOM   210  C  CG  . GLU A 1 43  ? 17.186  2.824   -1.261  1.00 50.59 ? 49  GLU A CG  1 
ATOM   211  C  CD  . GLU A 1 43  ? 16.449  3.192   0.018   1.00 61.21 ? 49  GLU A CD  1 
ATOM   212  O  OE1 . GLU A 1 43  ? 16.345  2.337   0.930   1.00 63.41 ? 49  GLU A OE1 1 
ATOM   213  O  OE2 . GLU A 1 43  ? 15.971  4.346   0.094   1.00 73.77 ? 49  GLU A OE2 1 
ATOM   214  N  N   . VAL A 1 44  ? 15.486  0.686   -4.033  1.00 30.22 ? 92  VAL A N   1 
ATOM   215  C  CA  A VAL A 1 44  ? 14.711  1.215   -5.149  0.33 29.79 ? 92  VAL A CA  1 
ATOM   216  C  CA  B VAL A 1 44  ? 14.701  1.249   -5.130  0.33 30.45 ? 92  VAL A CA  1 
ATOM   217  C  CA  C VAL A 1 44  ? 14.710  1.228   -5.146  0.33 29.36 ? 92  VAL A CA  1 
ATOM   218  C  C   . VAL A 1 44  ? 13.232  0.843   -4.962  1.00 27.22 ? 92  VAL A C   1 
ATOM   219  O  O   . VAL A 1 44  ? 12.337  1.631   -5.227  1.00 23.48 ? 92  VAL A O   1 
ATOM   220  C  CB  A VAL A 1 44  ? 15.256  0.693   -6.491  0.33 30.13 ? 92  VAL A CB  1 
ATOM   221  C  CB  B VAL A 1 44  ? 15.240  0.861   -6.522  0.33 31.73 ? 92  VAL A CB  1 
ATOM   222  C  CB  C VAL A 1 44  ? 15.279  0.784   -6.515  0.33 29.10 ? 92  VAL A CB  1 
ATOM   223  C  CG1 A VAL A 1 44  ? 14.642  1.418   -7.678  0.33 29.45 ? 92  VAL A CG1 1 
ATOM   224  C  CG1 B VAL A 1 44  ? 16.436  1.714   -6.898  0.33 33.57 ? 92  VAL A CG1 1 
ATOM   225  C  CG1 C VAL A 1 44  ? 15.234  -0.726  -6.732  0.33 29.33 ? 92  VAL A CG1 1 
ATOM   226  C  CG2 A VAL A 1 44  ? 16.772  0.768   -6.546  0.33 31.13 ? 92  VAL A CG2 1 
ATOM   227  C  CG2 B VAL A 1 44  ? 15.559  -0.626  -6.649  0.33 32.09 ? 92  VAL A CG2 1 
ATOM   228  C  CG2 C VAL A 1 44  ? 14.593  1.502   -7.665  0.33 28.51 ? 92  VAL A CG2 1 
ATOM   229  N  N   . VAL A 1 45  ? 12.979  -0.374  -4.487  1.00 28.16 ? 93  VAL A N   1 
ATOM   230  C  CA  . VAL A 1 45  ? 11.559  -0.841  -4.268  1.00 26.48 ? 93  VAL A CA  1 
ATOM   231  C  C   . VAL A 1 45  ? 10.925  0.056   -3.203  1.00 23.87 ? 93  VAL A C   1 
ATOM   232  O  O   . VAL A 1 45  ? 9.854   0.629   -3.402  1.00 25.44 ? 93  VAL A O   1 
ATOM   233  C  CB  . VAL A 1 45  ? 11.436  -2.340  -3.907  1.00 26.81 ? 93  VAL A CB  1 
ATOM   234  C  CG1 . VAL A 1 45  ? 9.990   -2.747  -3.680  1.00 27.13 ? 93  VAL A CG1 1 
ATOM   235  C  CG2 . VAL A 1 45  ? 12.069  -3.271  -4.952  1.00 28.69 ? 93  VAL A CG2 1 
ATOM   236  N  N   . HIS A 1 46  ? 11.627  0.254   -2.090  1.00 24.55 ? 94  HIS A N   1 
ATOM   237  C  CA  . HIS A 1 46  ? 11.122  1.091   -0.993  1.00 25.76 ? 94  HIS A CA  1 
ATOM   238  C  C   . HIS A 1 46  ? 10.827  2.510   -1.495  1.00 26.41 ? 94  HIS A C   1 
ATOM   239  O  O   . HIS A 1 46  ? 9.741   3.068   -1.226  1.00 23.69 ? 94  HIS A O   1 
ATOM   240  C  CB  . HIS A 1 46  ? 12.090  1.075   0.197   1.00 29.11 ? 94  HIS A CB  1 
ATOM   241  C  CG  . HIS A 1 46  ? 12.322  -0.304  0.728   1.00 33.66 ? 94  HIS A CG  1 
ATOM   242  N  ND1 . HIS A 1 46  ? 11.292  -1.088  1.209   1.00 34.17 ? 94  HIS A ND1 1 
ATOM   243  C  CD2 . HIS A 1 46  ? 13.437  -1.065  0.796   1.00 39.66 ? 94  HIS A CD2 1 
ATOM   244  C  CE1 . HIS A 1 46  ? 11.764  -2.261  1.582   1.00 39.60 ? 94  HIS A CE1 1 
ATOM   245  N  NE2 . HIS A 1 46  ? 13.079  -2.282  1.331   1.00 41.01 ? 94  HIS A NE2 1 
ATOM   246  N  N   . GLN A 1 47  ? 11.794  3.105   -2.194  1.00 24.04 ? 95  GLN A N   1 
ATOM   247  C  CA  . GLN A 1 47  ? 11.701  4.508   -2.638  1.00 24.23 ? 95  GLN A CA  1 
ATOM   248  C  C   . GLN A 1 47  ? 10.577  4.657   -3.673  1.00 22.77 ? 95  GLN A C   1 
ATOM   249  O  O   . GLN A 1 47  ? 9.794   5.609   -3.621  1.00 22.80 ? 95  GLN A O   1 
ATOM   250  C  CB  . GLN A 1 47  ? 13.067  4.948   -3.191  1.00 27.43 ? 95  GLN A CB  1 
ATOM   251  C  CG  . GLN A 1 47  ? 13.023  6.179   -4.099  1.00 33.36 ? 95  GLN A CG  1 
ATOM   252  C  CD  . GLN A 1 47  ? 14.297  6.398   -4.894  1.00 36.72 ? 95  GLN A CD  1 
ATOM   253  O  OE1 . GLN A 1 47  ? 14.339  6.238   -6.122  1.00 35.95 ? 95  GLN A OE1 1 
ATOM   254  N  NE2 . GLN A 1 47  ? 15.352  6.786   -4.191  1.00 36.11 ? 95  GLN A NE2 1 
ATOM   255  N  N   . THR A 1 48  ? 10.469  3.683   -4.583  1.00 22.56 ? 96  THR A N   1 
ATOM   256  C  CA  . THR A 1 48  ? 9.482   3.706   -5.659  1.00 21.55 ? 96  THR A CA  1 
ATOM   257  C  C   . THR A 1 48  ? 8.078   3.549   -5.049  1.00 23.73 ? 96  THR A C   1 
ATOM   258  O  O   . THR A 1 48  ? 7.126   4.302   -5.398  1.00 19.25 ? 96  THR A O   1 
ATOM   259  C  CB  . THR A 1 48  ? 9.825   2.662   -6.726  1.00 20.73 ? 96  THR A CB  1 
ATOM   260  O  OG1 . THR A 1 48  ? 11.155  2.917   -7.215  1.00 22.14 ? 96  THR A OG1 1 
ATOM   261  C  CG2 . THR A 1 48  ? 8.811   2.643   -7.854  1.00 19.87 ? 96  THR A CG2 1 
ATOM   262  N  N   . LEU A 1 49  ? 7.946   2.616   -4.090  1.00 23.72 ? 97  LEU A N   1 
ATOM   263  C  CA  . LEU A 1 49  ? 6.649   2.438   -3.411  1.00 26.15 ? 97  LEU A CA  1 
ATOM   264  C  C   . LEU A 1 49  ? 6.227   3.733   -2.705  1.00 27.14 ? 97  LEU A C   1 
ATOM   265  O  O   . LEU A 1 49  ? 5.075   4.135   -2.888  1.00 27.30 ? 97  LEU A O   1 
ATOM   266  C  CB  . LEU A 1 49  ? 6.660   1.233   -2.460  1.00 26.78 ? 97  LEU A CB  1 
ATOM   267  C  CG  . LEU A 1 49  ? 5.351   0.981   -1.708  1.00 27.17 ? 97  LEU A CG  1 
ATOM   268  C  CD1 . LEU A 1 49  ? 4.159   0.815   -2.658  1.00 27.93 ? 97  LEU A CD1 1 
ATOM   269  C  CD2 . LEU A 1 49  ? 5.486   -0.222  -0.794  1.00 27.96 ? 97  LEU A CD2 1 
ATOM   270  N  N   . ARG A 1 50  ? 7.154   4.403   -1.993  1.00 28.08 ? 98  ARG A N   1 
ATOM   271  C  CA  . ARG A 1 50  ? 6.886   5.730   -1.361  1.00 29.42 ? 98  ARG A CA  1 
ATOM   272  C  C   . ARG A 1 50  ? 6.359   6.734   -2.404  1.00 24.78 ? 98  ARG A C   1 
ATOM   273  O  O   . ARG A 1 50  ? 5.363   7.461   -2.182  1.00 22.44 ? 98  ARG A O   1 
ATOM   274  C  CB  . ARG A 1 50  ? 8.127   6.367   -0.716  1.00 34.63 ? 98  ARG A CB  1 
ATOM   275  C  CG  . ARG A 1 50  ? 8.947   5.456   0.192   1.00 43.67 ? 98  ARG A CG  1 
ATOM   276  C  CD  . ARG A 1 50  ? 9.843   6.137   1.228   1.00 48.80 ? 98  ARG A CD  1 
ATOM   277  N  NE  . ARG A 1 50  ? 10.361  7.415   0.756   1.00 51.18 ? 98  ARG A NE  1 
ATOM   278  C  CZ  . ARG A 1 50  ? 11.559  7.595   0.210   1.00 57.90 ? 98  ARG A CZ  1 
ATOM   279  N  NH1 . ARG A 1 50  ? 12.494  6.668   0.344   1.00 54.77 ? 98  ARG A NH1 1 
ATOM   280  N  NH2 . ARG A 1 50  ? 11.804  8.695   -0.485  1.00 61.52 ? 98  ARG A NH2 1 
ATOM   281  N  N   . GLN A 1 51  ? 7.075   6.844   -3.521  1.00 24.16 ? 99  GLN A N   1 
ATOM   282  C  CA  . GLN A 1 51  ? 6.761   7.864   -4.513  1.00 26.29 ? 99  GLN A CA  1 
ATOM   283  C  C   . GLN A 1 51  ? 5.397   7.576   -5.136  1.00 23.60 ? 99  GLN A C   1 
ATOM   284  O  O   . GLN A 1 51  ? 4.596   8.503   -5.334  1.00 22.41 ? 99  GLN A O   1 
ATOM   285  C  CB  . GLN A 1 51  ? 7.834   7.930   -5.593  1.00 30.76 ? 99  GLN A CB  1 
ATOM   286  C  CG  . GLN A 1 51  ? 9.154   8.499   -5.091  1.00 36.06 ? 99  GLN A CG  1 
ATOM   287  C  CD  . GLN A 1 51  ? 10.234  8.486   -6.147  1.00 39.99 ? 99  GLN A CD  1 
ATOM   288  O  OE1 . GLN A 1 51  ? 10.470  7.480   -6.812  1.00 43.18 ? 99  GLN A OE1 1 
ATOM   289  N  NE2 . GLN A 1 51  ? 10.916  9.607   -6.291  1.00 41.20 ? 99  GLN A NE2 1 
ATOM   290  N  N   . ALA A 1 52  ? 5.185   6.312   -5.508  1.00 24.34 ? 100 ALA A N   1 
ATOM   291  C  CA  . ALA A 1 52  ? 3.922   5.842   -6.084  1.00 24.63 ? 100 ALA A CA  1 
ATOM   292  C  C   . ALA A 1 52  ? 2.759   6.163   -5.136  1.00 23.23 ? 100 ALA A C   1 
ATOM   293  O  O   . ALA A 1 52  ? 1.710   6.615   -5.564  1.00 23.23 ? 100 ALA A O   1 
ATOM   294  C  CB  . ALA A 1 52  ? 3.986   4.362   -6.371  1.00 26.22 ? 100 ALA A CB  1 
ATOM   295  N  N   . GLY A 1 53  ? 2.973   5.909   -3.847  1.00 23.99 ? 101 GLY A N   1 
ATOM   296  C  CA  . GLY A 1 53  ? 1.994   6.204   -2.811  1.00 23.25 ? 101 GLY A CA  1 
ATOM   297  C  C   . GLY A 1 53  ? 1.615   7.681   -2.745  1.00 22.85 ? 101 GLY A C   1 
ATOM   298  O  O   . GLY A 1 53  ? 0.443   7.994   -2.628  1.00 21.15 ? 101 GLY A O   1 
ATOM   299  N  N   . ASP A 1 54  ? 2.612   8.569   -2.802  1.00 24.80 ? 102 ASP A N   1 
ATOM   300  C  CA  . ASP A 1 54  ? 2.400   10.027  -2.793  1.00 24.28 ? 102 ASP A CA  1 
ATOM   301  C  C   . ASP A 1 54  ? 1.665   10.431  -4.081  1.00 23.79 ? 102 ASP A C   1 
ATOM   302  O  O   . ASP A 1 54  ? 0.706   11.232  -4.027  1.00 24.00 ? 102 ASP A O   1 
ATOM   303  C  CB  . ASP A 1 54  ? 3.717   10.780  -2.608  1.00 28.57 ? 102 ASP A CB  1 
ATOM   304  C  CG  . ASP A 1 54  ? 4.365   10.668  -1.233  1.00 31.41 ? 102 ASP A CG  1 
ATOM   305  O  OD1 . ASP A 1 54  ? 3.656   10.489  -0.264  1.00 34.82 ? 102 ASP A OD1 1 
ATOM   306  O  OD2 . ASP A 1 54  ? 5.597   10.760  -1.149  1.00 37.20 ? 102 ASP A OD2 1 
ATOM   307  N  N   . ASP A 1 55  ? 2.028   9.811   -5.214  1.00 23.10 ? 103 ASP A N   1 
ATOM   308  C  CA  . ASP A 1 55  ? 1.342   10.057  -6.513  1.00 23.67 ? 103 ASP A CA  1 
ATOM   309  C  C   . ASP A 1 55  ? -0.141  9.683   -6.417  1.00 25.51 ? 103 ASP A C   1 
ATOM   310  O  O   . ASP A 1 55  ? -1.025  10.454  -6.838  1.00 23.27 ? 103 ASP A O   1 
ATOM   311  C  CB  . ASP A 1 55  ? 2.008   9.305   -7.670  1.00 26.00 ? 103 ASP A CB  1 
ATOM   312  C  CG  . ASP A 1 55  ? 3.426   9.773   -8.015  1.00 26.15 ? 103 ASP A CG  1 
ATOM   313  O  OD1 . ASP A 1 55  ? 3.872   10.799  -7.475  1.00 24.64 ? 103 ASP A OD1 1 
ATOM   314  O  OD2 . ASP A 1 55  ? 4.098   9.063   -8.771  1.00 27.01 ? 103 ASP A OD2 1 
ATOM   315  N  N   . PHE A 1 56  ? -0.408  8.486   -5.865  1.00 25.32 ? 104 PHE A N   1 
ATOM   316  C  CA  . PHE A 1 56  ? -1.765  7.995   -5.725  1.00 24.01 ? 104 PHE A CA  1 
ATOM   317  C  C   . PHE A 1 56  ? -2.567  8.967   -4.846  1.00 25.42 ? 104 PHE A C   1 
ATOM   318  O  O   . PHE A 1 56  ? -3.710  9.265   -5.156  1.00 26.51 ? 104 PHE A O   1 
ATOM   319  C  CB  . PHE A 1 56  ? -1.825  6.570   -5.137  1.00 22.47 ? 104 PHE A CB  1 
ATOM   320  C  CG  . PHE A 1 56  ? -3.216  6.193   -4.674  1.00 20.51 ? 104 PHE A CG  1 
ATOM   321  C  CD1 . PHE A 1 56  ? -3.621  6.432   -3.367  1.00 20.49 ? 104 PHE A CD1 1 
ATOM   322  C  CD2 . PHE A 1 56  ? -4.137  5.653   -5.559  1.00 19.57 ? 104 PHE A CD2 1 
ATOM   323  C  CE1 . PHE A 1 56  ? -4.906  6.138   -2.943  1.00 20.65 ? 104 PHE A CE1 1 
ATOM   324  C  CE2 . PHE A 1 56  ? -5.414  5.324   -5.133  1.00 20.74 ? 104 PHE A CE2 1 
ATOM   325  C  CZ  . PHE A 1 56  ? -5.805  5.585   -3.832  1.00 22.01 ? 104 PHE A CZ  1 
ATOM   326  N  N   . SER A 1 57  ? -1.980  9.441   -3.744  1.00 24.79 ? 105 SER A N   1 
ATOM   327  C  CA  A SER A 1 57  ? -2.705  10.275  -2.787  0.50 27.03 ? 105 SER A CA  1 
ATOM   328  C  CA  B SER A 1 57  ? -2.690  10.288  -2.760  0.50 26.69 ? 105 SER A CA  1 
ATOM   329  C  C   . SER A 1 57  ? -2.970  11.688  -3.334  1.00 27.60 ? 105 SER A C   1 
ATOM   330  O  O   . SER A 1 57  ? -3.910  12.391  -2.889  1.00 26.85 ? 105 SER A O   1 
ATOM   331  C  CB  A SER A 1 57  ? -1.961  10.293  -1.493  0.50 28.60 ? 105 SER A CB  1 
ATOM   332  C  CB  B SER A 1 57  ? -1.936  10.364  -1.440  0.50 27.73 ? 105 SER A CB  1 
ATOM   333  O  OG  A SER A 1 57  ? -1.983  8.983   -0.936  0.50 29.94 ? 105 SER A OG  1 
ATOM   334  O  OG  B SER A 1 57  ? -0.887  11.331  -1.473  0.50 28.10 ? 105 SER A OG  1 
ATOM   335  N  N   . LEU A 1 58  ? -2.172  12.105  -4.322  1.00 28.73 ? 106 LEU A N   1 
ATOM   336  C  CA  . LEU A 1 58  ? -2.393  13.379  -4.991  1.00 29.92 ? 106 LEU A CA  1 
ATOM   337  C  C   . LEU A 1 58  ? -3.490  13.221  -6.050  1.00 28.66 ? 106 LEU A C   1 
ATOM   338  O  O   . LEU A 1 58  ? -4.438  14.014  -6.094  1.00 29.46 ? 106 LEU A O   1 
ATOM   339  C  CB  . LEU A 1 58  ? -1.079  13.870  -5.606  1.00 35.14 ? 106 LEU A CB  1 
ATOM   340  C  CG  . LEU A 1 58  ? -0.594  15.233  -5.110  1.00 43.41 ? 106 LEU A CG  1 
ATOM   341  C  CD1 . LEU A 1 58  ? 0.755   15.586  -5.729  1.00 47.99 ? 106 LEU A CD1 1 
ATOM   342  C  CD2 . LEU A 1 58  ? -1.615  16.323  -5.402  1.00 41.35 ? 106 LEU A CD2 1 
ATOM   343  N  N   . ARG A 1 59  ? -3.356  12.194  -6.897  1.00 29.52 ? 107 ARG A N   1 
ATOM   344  C  CA  . ARG A 1 59  ? -4.317  11.889  -7.977  1.00 28.61 ? 107 ARG A CA  1 
ATOM   345  C  C   . ARG A 1 59  ? -5.711  11.557  -7.413  1.00 27.63 ? 107 ARG A C   1 
ATOM   346  O  O   . ARG A 1 59  ? -6.703  12.017  -7.944  1.00 28.03 ? 107 ARG A O   1 
ATOM   347  C  CB  . ARG A 1 59  ? -3.749  10.766  -8.846  1.00 30.76 ? 107 ARG A CB  1 
ATOM   348  C  CG  . ARG A 1 59  ? -4.517  10.530  -10.141 1.00 36.01 ? 107 ARG A CG  1 
ATOM   349  C  CD  . ARG A 1 59  ? -3.785  9.702   -11.186 1.00 39.68 ? 107 ARG A CD  1 
ATOM   350  N  NE  . ARG A 1 59  ? -2.379  10.083  -11.430 1.00 45.41 ? 107 ARG A NE  1 
ATOM   351  C  CZ  . ARG A 1 59  ? -1.707  9.812   -12.549 1.00 42.68 ? 107 ARG A CZ  1 
ATOM   352  N  NH1 . ARG A 1 59  ? -2.342  9.236   -13.548 1.00 49.12 ? 107 ARG A NH1 1 
ATOM   353  N  NH2 . ARG A 1 59  ? -0.422  10.105  -12.669 1.00 42.05 ? 107 ARG A NH2 1 
ATOM   354  N  N   . TYR A 1 60  ? -5.783  10.783  -6.323  1.00 24.23 ? 108 TYR A N   1 
ATOM   355  C  CA  . TYR A 1 60  ? -7.023  10.417  -5.700  1.00 24.49 ? 108 TYR A CA  1 
ATOM   356  C  C   . TYR A 1 60  ? -7.177  11.189  -4.372  1.00 26.24 ? 108 TYR A C   1 
ATOM   357  O  O   . TYR A 1 60  ? -7.496  10.614  -3.344  1.00 21.88 ? 108 TYR A O   1 
ATOM   358  C  CB  . TYR A 1 60  ? -7.093  8.887   -5.601  1.00 24.81 ? 108 TYR A CB  1 
ATOM   359  C  CG  . TYR A 1 60  ? -7.202  8.232   -6.957  1.00 22.99 ? 108 TYR A CG  1 
ATOM   360  C  CD1 . TYR A 1 60  ? -8.441  8.020   -7.526  1.00 23.28 ? 108 TYR A CD1 1 
ATOM   361  C  CD2 . TYR A 1 60  ? -6.083  7.927   -7.709  1.00 21.54 ? 108 TYR A CD2 1 
ATOM   362  C  CE1 . TYR A 1 60  ? -8.572  7.500   -8.796  1.00 22.14 ? 108 TYR A CE1 1 
ATOM   363  C  CE2 . TYR A 1 60  ? -6.191  7.383   -8.976  1.00 22.44 ? 108 TYR A CE2 1 
ATOM   364  C  CZ  . TYR A 1 60  ? -7.449  7.176   -9.526  1.00 22.13 ? 108 TYR A CZ  1 
ATOM   365  O  OH  . TYR A 1 60  ? -7.629  6.642   -10.764 1.00 22.31 ? 108 TYR A OH  1 
ATOM   366  N  N   . ARG A 1 61  ? -6.944  12.507  -4.399  1.00 26.56 ? 109 ARG A N   1 
ATOM   367  C  CA  . ARG A 1 61  ? -6.930  13.294  -3.157  1.00 31.32 ? 109 ARG A CA  1 
ATOM   368  C  C   . ARG A 1 61  ? -8.316  13.324  -2.506  1.00 28.67 ? 109 ARG A C   1 
ATOM   369  O  O   . ARG A 1 61  ? -8.385  13.315  -1.293  1.00 29.63 ? 109 ARG A O   1 
ATOM   370  C  CB  . ARG A 1 61  ? -6.398  14.713  -3.364  1.00 36.41 ? 109 ARG A CB  1 
ATOM   371  C  CG  . ARG A 1 61  ? -7.198  15.521  -4.369  1.00 44.68 ? 109 ARG A CG  1 
ATOM   372  C  CD  . ARG A 1 61  ? -6.631  16.914  -4.550  1.00 51.25 ? 109 ARG A CD  1 
ATOM   373  N  NE  . ARG A 1 61  ? -5.217  16.949  -4.906  1.00 58.02 ? 109 ARG A NE  1 
ATOM   374  C  CZ  . ARG A 1 61  ? -4.759  17.312  -6.097  1.00 65.62 ? 109 ARG A CZ  1 
ATOM   375  N  NH1 . ARG A 1 61  ? -5.159  16.695  -7.196  1.00 68.69 ? 109 ARG A NH1 1 
ATOM   376  N  NH2 . ARG A 1 61  ? -3.948  18.352  -6.181  1.00 72.65 ? 109 ARG A NH2 1 
ATOM   377  N  N   . ARG A 1 62  ? -9.401  13.288  -3.281  1.00 28.24 ? 110 ARG A N   1 
ATOM   378  C  CA  . ARG A 1 62  ? -10.759 13.257  -2.691  1.00 31.70 ? 110 ARG A CA  1 
ATOM   379  C  C   . ARG A 1 62  ? -10.974 11.955  -1.925  1.00 27.51 ? 110 ARG A C   1 
ATOM   380  O  O   . ARG A 1 62  ? -11.386 12.002  -0.792  1.00 24.89 ? 110 ARG A O   1 
ATOM   381  C  CB  . ARG A 1 62  ? -11.876 13.383  -3.729  1.00 36.63 ? 110 ARG A CB  1 
ATOM   382  C  CG  . ARG A 1 62  ? -11.857 14.681  -4.522  1.00 45.49 ? 110 ARG A CG  1 
ATOM   383  C  CD  . ARG A 1 62  ? -13.290 15.094  -4.770  1.00 54.80 ? 110 ARG A CD  1 
ATOM   384  N  NE  . ARG A 1 62  ? -13.507 16.165  -5.727  1.00 62.59 ? 110 ARG A NE  1 
ATOM   385  C  CZ  . ARG A 1 62  ? -13.437 17.459  -5.436  1.00 67.58 ? 110 ARG A CZ  1 
ATOM   386  N  NH1 . ARG A 1 62  ? -12.377 17.955  -4.816  1.00 70.58 ? 110 ARG A NH1 1 
ATOM   387  N  NH2 . ARG A 1 62  ? -14.453 18.245  -5.744  1.00 68.99 ? 110 ARG A NH2 1 
ATOM   388  N  N   . ASP A 1 63  ? -10.691 10.807  -2.565  1.00 23.74 ? 111 ASP A N   1 
ATOM   389  C  CA  . ASP A 1 63  ? -10.791 9.504   -1.914  1.00 23.84 ? 111 ASP A CA  1 
ATOM   390  C  C   . ASP A 1 63  ? -9.927  9.457   -0.643  1.00 22.21 ? 111 ASP A C   1 
ATOM   391  O  O   . ASP A 1 63  ? -10.354 8.929   0.360   1.00 21.86 ? 111 ASP A O   1 
ATOM   392  C  CB  . ASP A 1 63  ? -10.337 8.367   -2.834  1.00 25.56 ? 111 ASP A CB  1 
ATOM   393  C  CG  . ASP A 1 63  ? -11.304 8.053   -3.964  1.00 26.55 ? 111 ASP A CG  1 
ATOM   394  O  OD1 . ASP A 1 63  ? -12.389 8.655   -4.004  1.00 25.61 ? 111 ASP A OD1 1 
ATOM   395  O  OD2 . ASP A 1 63  ? -10.952 7.220   -4.800  1.00 27.56 ? 111 ASP A OD2 1 
ATOM   396  N  N   . PHE A 1 64  ? -8.700  9.969   -0.725  1.00 22.48 ? 112 PHE A N   1 
ATOM   397  C  CA  . PHE A 1 64  ? -7.725  9.949   0.390   1.00 24.65 ? 112 PHE A CA  1 
ATOM   398  C  C   . PHE A 1 64  ? -8.265  10.685  1.617   1.00 24.62 ? 112 PHE A C   1 
ATOM   399  O  O   . PHE A 1 64  ? -8.233  10.174  2.774   1.00 22.36 ? 112 PHE A O   1 
ATOM   400  C  CB  . PHE A 1 64  ? -6.411  10.595  -0.033  1.00 26.02 ? 112 PHE A CB  1 
ATOM   401  C  CG  . PHE A 1 64  ? -5.316  10.465  0.987   1.00 28.02 ? 112 PHE A CG  1 
ATOM   402  C  CD1 . PHE A 1 64  ? -4.477  9.366   0.980   1.00 28.91 ? 112 PHE A CD1 1 
ATOM   403  C  CD2 . PHE A 1 64  ? -5.135  11.428  1.959   1.00 30.72 ? 112 PHE A CD2 1 
ATOM   404  C  CE1 . PHE A 1 64  ? -3.450  9.260   1.899   1.00 27.91 ? 112 PHE A CE1 1 
ATOM   405  C  CE2 . PHE A 1 64  ? -4.112  11.309  2.885   1.00 31.79 ? 112 PHE A CE2 1 
ATOM   406  C  CZ  . PHE A 1 64  ? -3.272  10.226  2.851   1.00 31.15 ? 112 PHE A CZ  1 
ATOM   407  N  N   . ALA A 1 65  ? -8.778  11.881  1.357   1.00 27.82 ? 113 ALA A N   1 
ATOM   408  C  CA  . ALA A 1 65  ? -9.266  12.776  2.396   1.00 29.63 ? 113 ALA A CA  1 
ATOM   409  C  C   . ALA A 1 65  ? -10.568 12.220  2.979   1.00 28.02 ? 113 ALA A C   1 
ATOM   410  O  O   . ALA A 1 65  ? -10.780 12.263  4.174   1.00 29.11 ? 113 ALA A O   1 
ATOM   411  C  CB  . ALA A 1 65  ? -9.469  14.154  1.813   1.00 28.76 ? 113 ALA A CB  1 
ATOM   412  N  N   . GLU A 1 66  ? -11.417 11.678  2.101   1.00 29.46 ? 114 GLU A N   1 
ATOM   413  C  CA  . GLU A 1 66  ? -12.722 11.198  2.491   1.00 28.82 ? 114 GLU A CA  1 
ATOM   414  C  C   . GLU A 1 66  ? -12.543 9.917   3.311   1.00 28.45 ? 114 GLU A C   1 
ATOM   415  O  O   . GLU A 1 66  ? -13.190 9.773   4.359   1.00 24.88 ? 114 GLU A O   1 
ATOM   416  C  CB  . GLU A 1 66  ? -13.609 11.048  1.254   1.00 33.33 ? 114 GLU A CB  1 
ATOM   417  C  CG  . GLU A 1 66  ? -14.924 10.349  1.519   1.00 40.87 ? 114 GLU A CG  1 
ATOM   418  C  CD  . GLU A 1 66  ? -15.803 10.065  0.298   1.00 50.66 ? 114 GLU A CD  1 
ATOM   419  O  OE1 . GLU A 1 66  ? -15.382 10.429  -0.859  1.00 51.75 ? 114 GLU A OE1 1 
ATOM   420  O  OE2 . GLU A 1 66  ? -16.918 9.490   0.498   1.00 43.92 ? 114 GLU A OE2 1 
ATOM   421  N  N   . MET A 1 67  ? -11.642 9.021   2.880   1.00 25.03 ? 115 MET A N   1 
ATOM   422  C  CA  . MET A 1 67  ? -11.372 7.805   3.644   1.00 25.48 ? 115 MET A CA  1 
ATOM   423  C  C   . MET A 1 67  ? -10.872 8.193   5.034   1.00 25.65 ? 115 MET A C   1 
ATOM   424  O  O   . MET A 1 67  ? -11.277 7.612   6.017   1.00 24.66 ? 115 MET A O   1 
ATOM   425  C  CB  . MET A 1 67  ? -10.341 6.921   2.942   1.00 27.50 ? 115 MET A CB  1 
ATOM   426  C  CG  . MET A 1 67  ? -10.041 5.592   3.630   1.00 28.19 ? 115 MET A CG  1 
ATOM   427  S  SD  . MET A 1 67  ? -11.481 4.542   3.942   1.00 29.12 ? 115 MET A SD  1 
ATOM   428  C  CE  . MET A 1 67  ? -11.873 3.869   2.324   1.00 28.94 ? 115 MET A CE  1 
ATOM   429  N  N   . SER A 1 68  ? -9.948  9.150   5.089   1.00 28.98 ? 116 SER A N   1 
ATOM   430  C  CA  . SER A 1 68  ? -9.389  9.668   6.359   1.00 30.41 ? 116 SER A CA  1 
ATOM   431  C  C   . SER A 1 68  ? -10.518 10.095  7.319   1.00 27.24 ? 116 SER A C   1 
ATOM   432  O  O   . SER A 1 68  ? -10.540 9.657   8.461   1.00 28.49 ? 116 SER A O   1 
ATOM   433  C  CB  . SER A 1 68  ? -8.434  10.802  6.079   1.00 32.08 ? 116 SER A CB  1 
ATOM   434  O  OG  . SER A 1 68  ? -7.303  10.347  5.348   1.00 38.89 ? 116 SER A OG  1 
ATOM   435  N  N   . SER A 1 69  ? -11.463 10.898  6.802   1.00 24.47 ? 117 SER A N   1 
ATOM   436  C  CA  . SER A 1 69  ? -12.611 11.487  7.526   1.00 24.93 ? 117 SER A CA  1 
ATOM   437  C  C   . SER A 1 69  ? -13.609 10.428  7.998   1.00 26.90 ? 117 SER A C   1 
ATOM   438  O  O   . SER A 1 69  ? -14.324 10.663  8.975   1.00 24.33 ? 117 SER A O   1 
ATOM   439  C  CB  . SER A 1 69  ? -13.369 12.454  6.628   1.00 27.02 ? 117 SER A CB  1 
ATOM   440  O  OG  . SER A 1 69  ? -12.538 13.515  6.177   1.00 29.14 ? 117 SER A OG  1 
ATOM   441  N  N   . GLN A 1 70  ? -13.748 9.338   7.225   1.00 27.02 ? 118 GLN A N   1 
ATOM   442  C  CA  . GLN A 1 70  ? -14.833 8.376   7.385   1.00 29.97 ? 118 GLN A CA  1 
ATOM   443  C  C   . GLN A 1 70  ? -14.400 7.133   8.174   1.00 30.05 ? 118 GLN A C   1 
ATOM   444  O  O   . GLN A 1 70  ? -15.242 6.308   8.558   1.00 25.54 ? 118 GLN A O   1 
ATOM   445  C  CB  . GLN A 1 70  ? -15.277 7.836   6.033   1.00 37.01 ? 118 GLN A CB  1 
ATOM   446  C  CG  . GLN A 1 70  ? -16.725 8.103   5.734   1.00 47.05 ? 118 GLN A CG  1 
ATOM   447  C  CD  . GLN A 1 70  ? -16.823 9.460   5.106   1.00 52.17 ? 118 GLN A CD  1 
ATOM   448  O  OE1 . GLN A 1 70  ? -16.871 10.462  5.808   1.00 68.58 ? 118 GLN A OE1 1 
ATOM   449  N  NE2 . GLN A 1 70  ? -16.825 9.480   3.780   1.00 50.50 ? 118 GLN A NE2 1 
ATOM   450  N  N   . LEU A 1 71  ? -13.088 6.931   8.331   1.00 28.23 ? 119 LEU A N   1 
ATOM   451  C  CA  . LEU A 1 71  ? -12.623 5.977   9.312   1.00 29.51 ? 119 LEU A CA  1 
ATOM   452  C  C   . LEU A 1 71  ? -12.993 6.533   10.695  1.00 28.50 ? 119 LEU A C   1 
ATOM   453  O  O   . LEU A 1 71  ? -12.960 7.758   10.948  1.00 28.88 ? 119 LEU A O   1 
ATOM   454  C  CB  . LEU A 1 71  ? -11.107 5.779   9.225   1.00 29.02 ? 119 LEU A CB  1 
ATOM   455  C  CG  . LEU A 1 71  ? -10.606 5.023   8.005   1.00 36.98 ? 119 LEU A CG  1 
ATOM   456  C  CD1 . LEU A 1 71  ? -9.113  5.301   7.776   1.00 37.89 ? 119 LEU A CD1 1 
ATOM   457  C  CD2 . LEU A 1 71  ? -10.894 3.528   8.148   1.00 36.04 ? 119 LEU A CD2 1 
ATOM   458  N  N   . HIS A 1 72  ? -13.318 5.620   11.591  1.00 25.81 ? 120 HIS A N   1 
ATOM   459  C  CA  . HIS A 1 72  ? -13.519 5.956   12.958  1.00 25.00 ? 120 HIS A CA  1 
ATOM   460  C  C   . HIS A 1 72  ? -12.773 4.914   13.767  1.00 23.61 ? 120 HIS A C   1 
ATOM   461  O  O   . HIS A 1 72  ? -13.364 4.041   14.308  1.00 25.93 ? 120 HIS A O   1 
ATOM   462  C  CB  . HIS A 1 72  ? -15.020 6.083   13.219  1.00 25.70 ? 120 HIS A CB  1 
ATOM   463  C  CG  . HIS A 1 72  ? -15.650 7.236   12.497  1.00 24.77 ? 120 HIS A CG  1 
ATOM   464  N  ND1 . HIS A 1 72  ? -16.582 7.070   11.470  1.00 24.99 ? 120 HIS A ND1 1 
ATOM   465  C  CD2 . HIS A 1 72  ? -15.463 8.565   12.610  1.00 23.07 ? 120 HIS A CD2 1 
ATOM   466  C  CE1 . HIS A 1 72  ? -16.919 8.256   10.982  1.00 23.24 ? 120 HIS A CE1 1 
ATOM   467  N  NE2 . HIS A 1 72  ? -16.267 9.197   11.691  1.00 22.18 ? 120 HIS A NE2 1 
ATOM   468  N  N   . LEU A 1 73  ? -11.447 4.998   13.743  1.00 25.38 ? 121 LEU A N   1 
ATOM   469  C  CA  . LEU A 1 73  ? -10.618 3.994   14.408  1.00 28.30 ? 121 LEU A CA  1 
ATOM   470  C  C   . LEU A 1 73  ? -10.813 4.041   15.926  1.00 27.06 ? 121 LEU A C   1 
ATOM   471  O  O   . LEU A 1 73  ? -10.649 5.061   16.568  1.00 27.04 ? 121 LEU A O   1 
ATOM   472  C  CB  . LEU A 1 73  ? -9.132  4.190   14.115  1.00 29.73 ? 121 LEU A CB  1 
ATOM   473  C  CG  . LEU A 1 73  ? -8.704  4.013   12.669  1.00 37.05 ? 121 LEU A CG  1 
ATOM   474  C  CD1 . LEU A 1 73  ? -7.191  4.184   12.573  1.00 41.30 ? 121 LEU A CD1 1 
ATOM   475  C  CD2 . LEU A 1 73  ? -9.144  2.656   12.119  1.00 42.48 ? 121 LEU A CD2 1 
ATOM   476  N  N   . THR A 1 74  ? -11.082 2.861   16.477  1.00 24.49 ? 122 THR A N   1 
ATOM   477  C  CA  . THR A 1 74  ? -10.886 2.542   17.858  1.00 25.71 ? 122 THR A CA  1 
ATOM   478  C  C   . THR A 1 74  ? -10.126 1.224   17.874  1.00 25.97 ? 122 THR A C   1 
ATOM   479  O  O   . THR A 1 74  ? -10.130 0.522   16.861  1.00 26.99 ? 122 THR A O   1 
ATOM   480  C  CB  . THR A 1 74  ? -12.246 2.429   18.548  1.00 28.31 ? 122 THR A CB  1 
ATOM   481  O  OG1 . THR A 1 74  ? -12.922 1.338   17.932  1.00 26.04 ? 122 THR A OG1 1 
ATOM   482  C  CG2 . THR A 1 74  ? -13.080 3.685   18.419  1.00 27.22 ? 122 THR A CG2 1 
ATOM   483  N  N   . PRO A 1 75  ? -9.455  0.833   18.978  1.00 26.00 ? 123 PRO A N   1 
ATOM   484  C  CA  . PRO A 1 75  ? -8.878  -0.515  19.076  1.00 25.37 ? 123 PRO A CA  1 
ATOM   485  C  C   . PRO A 1 75  ? -9.895  -1.610  18.715  1.00 25.92 ? 123 PRO A C   1 
ATOM   486  O  O   . PRO A 1 75  ? -9.550  -2.577  18.028  1.00 28.09 ? 123 PRO A O   1 
ATOM   487  C  CB  . PRO A 1 75  ? -8.382  -0.580  20.526  1.00 25.56 ? 123 PRO A CB  1 
ATOM   488  C  CG  . PRO A 1 75  ? -8.093  0.860   20.876  1.00 25.21 ? 123 PRO A CG  1 
ATOM   489  C  CD  . PRO A 1 75  ? -9.148  1.661   20.156  1.00 27.58 ? 123 PRO A CD  1 
ATOM   490  N  N   . GLY A 1 76  ? -11.168 -1.417  19.111  1.00 26.01 ? 124 GLY A N   1 
ATOM   491  C  CA  . GLY A 1 76  ? -12.191 -2.420  18.914  1.00 22.45 ? 124 GLY A CA  1 
ATOM   492  C  C   . GLY A 1 76  ? -12.721 -2.509  17.503  1.00 21.32 ? 124 GLY A C   1 
ATOM   493  O  O   . GLY A 1 76  ? -13.342 -3.524  17.167  1.00 22.85 ? 124 GLY A O   1 
ATOM   494  N  N   . THR A 1 77  ? -12.548 -1.462  16.687  1.00 22.27 ? 125 THR A N   1 
ATOM   495  C  CA  . THR A 1 77  ? -13.072 -1.455  15.298  1.00 22.97 ? 125 THR A CA  1 
ATOM   496  C  C   . THR A 1 77  ? -11.954 -1.457  14.240  1.00 24.27 ? 125 THR A C   1 
ATOM   497  O  O   . THR A 1 77  ? -12.236 -1.492  13.024  1.00 21.89 ? 125 THR A O   1 
ATOM   498  C  CB  . THR A 1 77  ? -13.990 -0.257  15.015  1.00 24.44 ? 125 THR A CB  1 
ATOM   499  O  OG1 . THR A 1 77  ? -13.239 0.961   15.074  1.00 22.38 ? 125 THR A OG1 1 
ATOM   500  C  CG2 . THR A 1 77  ? -15.192 -0.206  15.934  1.00 27.03 ? 125 THR A CG2 1 
ATOM   501  N  N   . ALA A 1 78  ? -10.688 -1.445  14.672  1.00 26.41 ? 126 ALA A N   1 
ATOM   502  C  CA  . ALA A 1 78  ? -9.562  -1.313  13.735  1.00 24.36 ? 126 ALA A CA  1 
ATOM   503  C  C   . ALA A 1 78  ? -9.555  -2.484  12.735  1.00 22.67 ? 126 ALA A C   1 
ATOM   504  O  O   . ALA A 1 78  ? -9.378  -2.289  11.529  1.00 21.98 ? 126 ALA A O   1 
ATOM   505  C  CB  . ALA A 1 78  ? -8.255  -1.247  14.472  1.00 24.40 ? 126 ALA A CB  1 
ATOM   506  N  N   . TYR A 1 79  ? -9.669  -3.707  13.236  1.00 21.20 ? 127 TYR A N   1 
ATOM   507  C  CA  . TYR A 1 79  ? -9.508  -4.856  12.348  1.00 21.24 ? 127 TYR A CA  1 
ATOM   508  C  C   . TYR A 1 79  ? -10.665 -4.921  11.363  1.00 19.92 ? 127 TYR A C   1 
ATOM   509  O  O   . TYR A 1 79  ? -10.442 -5.114  10.183  1.00 19.76 ? 127 TYR A O   1 
ATOM   510  C  CB  . TYR A 1 79  ? -9.355  -6.179  13.091  1.00 22.53 ? 127 TYR A CB  1 
ATOM   511  C  CG  . TYR A 1 79  ? -9.136  -7.297  12.112  1.00 21.90 ? 127 TYR A CG  1 
ATOM   512  C  CD1 . TYR A 1 79  ? -7.983  -7.351  11.347  1.00 25.04 ? 127 TYR A CD1 1 
ATOM   513  C  CD2 . TYR A 1 79  ? -10.129 -8.223  11.859  1.00 21.94 ? 127 TYR A CD2 1 
ATOM   514  C  CE1 . TYR A 1 79  ? -7.787  -8.355  10.412  1.00 24.86 ? 127 TYR A CE1 1 
ATOM   515  C  CE2 . TYR A 1 79  ? -9.956  -9.212  10.914  1.00 21.55 ? 127 TYR A CE2 1 
ATOM   516  C  CZ  . TYR A 1 79  ? -8.777  -9.299  10.206  1.00 22.18 ? 127 TYR A CZ  1 
ATOM   517  O  OH  . TYR A 1 79  ? -8.628  -10.288 9.271   1.00 23.86 ? 127 TYR A OH  1 
ATOM   518  N  N   . ALA A 1 80  ? -11.883 -4.698  11.855  1.00 20.64 ? 128 ALA A N   1 
ATOM   519  C  CA  . ALA A 1 80  ? -13.069 -4.711  11.023  1.00 21.40 ? 128 ALA A CA  1 
ATOM   520  C  C   . ALA A 1 80  ? -12.928 -3.690  9.909   1.00 20.77 ? 128 ALA A C   1 
ATOM   521  O  O   . ALA A 1 80  ? -13.299 -4.004  8.771   1.00 23.85 ? 128 ALA A O   1 
ATOM   522  C  CB  . ALA A 1 80  ? -14.331 -4.446  11.807  1.00 21.37 ? 128 ALA A CB  1 
ATOM   523  N  N   . SER A 1 81  ? -12.410 -2.510  10.256  1.00 19.38 ? 129 SER A N   1 
ATOM   524  C  CA  . SER A 1 81  ? -12.176 -1.424  9.318   1.00 21.14 ? 129 SER A CA  1 
ATOM   525  C  C   . SER A 1 81  ? -11.167 -1.806  8.236   1.00 21.29 ? 129 SER A C   1 
ATOM   526  O  O   . SER A 1 81  ? -11.417 -1.632  7.039   1.00 20.58 ? 129 SER A O   1 
ATOM   527  C  CB  . SER A 1 81  ? -11.776 -0.168  10.035  1.00 22.83 ? 129 SER A CB  1 
ATOM   528  O  OG  . SER A 1 81  ? -12.931 0.348   10.697  1.00 24.49 ? 129 SER A OG  1 
ATOM   529  N  N   . PHE A 1 82  ? -10.051 -2.366  8.679   1.00 21.35 ? 130 PHE A N   1 
ATOM   530  C  CA  . PHE A 1 82  ? -9.027  -2.815  7.813   1.00 20.88 ? 130 PHE A CA  1 
ATOM   531  C  C   . PHE A 1 82  ? -9.588  -3.870  6.864   1.00 20.74 ? 130 PHE A C   1 
ATOM   532  O  O   . PHE A 1 82  ? -9.437  -3.737  5.671   1.00 21.97 ? 130 PHE A O   1 
ATOM   533  C  CB  . PHE A 1 82  ? -7.856  -3.371  8.626   1.00 21.60 ? 130 PHE A CB  1 
ATOM   534  C  CG  . PHE A 1 82  ? -6.751  -3.910  7.769   1.00 22.67 ? 130 PHE A CG  1 
ATOM   535  C  CD1 . PHE A 1 82  ? -5.746  -3.073  7.313   1.00 24.91 ? 130 PHE A CD1 1 
ATOM   536  C  CD2 . PHE A 1 82  ? -6.720  -5.251  7.402   1.00 24.51 ? 130 PHE A CD2 1 
ATOM   537  C  CE1 . PHE A 1 82  ? -4.721  -3.578  6.520   1.00 23.90 ? 130 PHE A CE1 1 
ATOM   538  C  CE2 . PHE A 1 82  ? -5.722  -5.739  6.570   1.00 25.40 ? 130 PHE A CE2 1 
ATOM   539  C  CZ  . PHE A 1 82  ? -4.714  -4.899  6.139   1.00 23.88 ? 130 PHE A CZ  1 
ATOM   540  N  N   . ALA A 1 83  ? -10.229 -4.911  7.420   1.00 21.48 ? 131 ALA A N   1 
ATOM   541  C  CA  . ALA A 1 83  ? -10.646 -6.061  6.623   1.00 21.60 ? 131 ALA A CA  1 
ATOM   542  C  C   . ALA A 1 83  ? -11.740 -5.635  5.628   1.00 20.68 ? 131 ALA A C   1 
ATOM   543  O  O   . ALA A 1 83  ? -11.751 -6.086  4.486   1.00 22.25 ? 131 ALA A O   1 
ATOM   544  C  CB  . ALA A 1 83  ? -11.086 -7.176  7.532   1.00 21.71 ? 131 ALA A CB  1 
ATOM   545  N  N   . THR A 1 84  ? -12.609 -4.702  6.027   1.00 19.40 ? 132 THR A N   1 
ATOM   546  C  CA  . THR A 1 84  ? -13.689 -4.278  5.161   1.00 21.16 ? 132 THR A CA  1 
ATOM   547  C  C   . THR A 1 84  ? -13.057 -3.645  3.935   1.00 20.98 ? 132 THR A C   1 
ATOM   548  O  O   . THR A 1 84  ? -13.373 -4.001  2.834   1.00 22.63 ? 132 THR A O   1 
ATOM   549  C  CB  . THR A 1 84  ? -14.667 -3.341  5.866   1.00 23.86 ? 132 THR A CB  1 
ATOM   550  O  OG1 . THR A 1 84  ? -15.162 -4.079  6.984   1.00 24.30 ? 132 THR A OG1 1 
ATOM   551  C  CG2 . THR A 1 84  ? -15.818 -2.863  5.002   1.00 23.91 ? 132 THR A CG2 1 
ATOM   552  N  N   . VAL A 1 85  ? -12.167 -2.694  4.166   1.00 21.21 ? 133 VAL A N   1 
ATOM   553  C  CA  . VAL A 1 85  ? -11.624 -1.897  3.077   1.00 22.41 ? 133 VAL A CA  1 
ATOM   554  C  C   . VAL A 1 85  ? -10.784 -2.783  2.153   1.00 21.04 ? 133 VAL A C   1 
ATOM   555  O  O   . VAL A 1 85  ? -10.905 -2.722  0.974   1.00 19.22 ? 133 VAL A O   1 
ATOM   556  C  CB  . VAL A 1 85  ? -10.827 -0.700  3.608   1.00 21.76 ? 133 VAL A CB  1 
ATOM   557  C  CG1 . VAL A 1 85  ? -10.037 -0.025  2.498   1.00 22.56 ? 133 VAL A CG1 1 
ATOM   558  C  CG2 . VAL A 1 85  ? -11.764 0.275   4.295   1.00 22.85 ? 133 VAL A CG2 1 
ATOM   559  N  N   . VAL A 1 86  ? -9.952  -3.647  2.724   1.00 23.66 ? 134 VAL A N   1 
ATOM   560  C  CA  . VAL A 1 86  ? -9.067  -4.456  1.904   1.00 24.48 ? 134 VAL A CA  1 
ATOM   561  C  C   . VAL A 1 86  ? -9.893  -5.447  1.075   1.00 24.21 ? 134 VAL A C   1 
ATOM   562  O  O   . VAL A 1 86  ? -9.595  -5.704  -0.087  1.00 24.03 ? 134 VAL A O   1 
ATOM   563  C  CB  . VAL A 1 86  ? -7.990  -5.109  2.783   1.00 27.46 ? 134 VAL A CB  1 
ATOM   564  C  CG1 . VAL A 1 86  ? -7.140  -6.090  2.011   1.00 30.48 ? 134 VAL A CG1 1 
ATOM   565  C  CG2 . VAL A 1 86  ? -7.098  -4.025  3.387   1.00 27.62 ? 134 VAL A CG2 1 
ATOM   566  N  N   . GLU A 1 87  ? -10.973 -5.975  1.643   1.00 25.68 ? 135 GLU A N   1 
ATOM   567  C  CA  . GLU A 1 87  ? -11.848 -6.867  0.882   1.00 28.77 ? 135 GLU A CA  1 
ATOM   568  C  C   . GLU A 1 87  ? -12.428 -6.107  -0.322  1.00 27.71 ? 135 GLU A C   1 
ATOM   569  O  O   . GLU A 1 87  ? -12.442 -6.614  -1.446  1.00 25.76 ? 135 GLU A O   1 
ATOM   570  C  CB  . GLU A 1 87  ? -12.962 -7.421  1.776   1.00 32.19 ? 135 GLU A CB  1 
ATOM   571  C  CG  . GLU A 1 87  ? -13.667 -8.625  1.171   1.00 36.45 ? 135 GLU A CG  1 
ATOM   572  C  CD  . GLU A 1 87  ? -14.741 -8.307  0.149   1.00 44.43 ? 135 GLU A CD  1 
ATOM   573  O  OE1 . GLU A 1 87  ? -15.347 -7.185  0.231   1.00 40.57 ? 135 GLU A OE1 1 
ATOM   574  O  OE2 . GLU A 1 87  ? -14.965 -9.179  -0.740  1.00 48.76 ? 135 GLU A OE2 1 
ATOM   575  N  N   . GLU A 1 88  ? -12.917 -4.887  -0.083  1.00 26.23 ? 136 GLU A N   1 
ATOM   576  C  CA  . GLU A 1 88  ? -13.517 -4.095  -1.161  1.00 27.55 ? 136 GLU A CA  1 
ATOM   577  C  C   . GLU A 1 88  ? -12.471 -3.736  -2.223  1.00 26.78 ? 136 GLU A C   1 
ATOM   578  O  O   . GLU A 1 88  ? -12.793 -3.618  -3.369  1.00 26.67 ? 136 GLU A O   1 
ATOM   579  C  CB  . GLU A 1 88  ? -14.124 -2.803  -0.633  1.00 28.70 ? 136 GLU A CB  1 
ATOM   580  C  CG  . GLU A 1 88  ? -15.251 -3.004  0.372   1.00 30.25 ? 136 GLU A CG  1 
ATOM   581  C  CD  . GLU A 1 88  ? -15.747 -1.702  0.982   1.00 33.08 ? 136 GLU A CD  1 
ATOM   582  O  OE1 . GLU A 1 88  ? -15.009 -0.685  0.966   1.00 30.52 ? 136 GLU A OE1 1 
ATOM   583  O  OE2 . GLU A 1 88  ? -16.869 -1.703  1.470   1.00 38.19 ? 136 GLU A OE2 1 
ATOM   584  N  N   . LEU A 1 89  ? -11.214 -3.574  -1.817  1.00 27.15 ? 137 LEU A N   1 
ATOM   585  C  CA  . LEU A 1 89  ? -10.201 -3.036  -2.683  1.00 24.52 ? 137 LEU A CA  1 
ATOM   586  C  C   . LEU A 1 89  ? -9.852  -4.108  -3.713  1.00 23.43 ? 137 LEU A C   1 
ATOM   587  O  O   . LEU A 1 89  ? -9.685  -3.792  -4.890  1.00 22.51 ? 137 LEU A O   1 
ATOM   588  C  CB  . LEU A 1 89  ? -9.025  -2.619  -1.797  1.00 26.34 ? 137 LEU A CB  1 
ATOM   589  C  CG  . LEU A 1 89  ? -7.803  -2.004  -2.471  1.00 24.92 ? 137 LEU A CG  1 
ATOM   590  C  CD1 . LEU A 1 89  ? -8.172  -0.854  -3.400  1.00 25.74 ? 137 LEU A CD1 1 
ATOM   591  C  CD2 . LEU A 1 89  ? -6.825  -1.516  -1.416  1.00 25.36 ? 137 LEU A CD2 1 
ATOM   592  N  N   . PHE A 1 90  ? -9.823  -5.376  -3.274  1.00 24.13 ? 138 PHE A N   1 
ATOM   593  C  CA  . PHE A 1 90  ? -9.312  -6.486  -4.095  1.00 27.14 ? 138 PHE A CA  1 
ATOM   594  C  C   . PHE A 1 90  ? -10.427 -7.428  -4.591  1.00 29.58 ? 138 PHE A C   1 
ATOM   595  O  O   . PHE A 1 90  ? -10.119 -8.431  -5.227  1.00 30.13 ? 138 PHE A O   1 
ATOM   596  C  CB  . PHE A 1 90  ? -8.245  -7.264  -3.318  1.00 24.00 ? 138 PHE A CB  1 
ATOM   597  C  CG  . PHE A 1 90  ? -7.000  -6.447  -3.085  1.00 22.60 ? 138 PHE A CG  1 
ATOM   598  C  CD1 . PHE A 1 90  ? -6.220  -6.040  -4.149  1.00 21.26 ? 138 PHE A CD1 1 
ATOM   599  C  CD2 . PHE A 1 90  ? -6.648  -6.014  -1.817  1.00 21.84 ? 138 PHE A CD2 1 
ATOM   600  C  CE1 . PHE A 1 90  ? -5.088  -5.272  -3.942  1.00 19.39 ? 138 PHE A CE1 1 
ATOM   601  C  CE2 . PHE A 1 90  ? -5.510  -5.247  -1.613  1.00 20.73 ? 138 PHE A CE2 1 
ATOM   602  C  CZ  . PHE A 1 90  ? -4.739  -4.874  -2.684  1.00 20.15 ? 138 PHE A CZ  1 
ATOM   603  N  N   . ARG A 1 91  ? -11.691 -7.098  -4.296  1.00 33.03 ? 139 ARG A N   1 
ATOM   604  C  CA  . ARG A 1 91  ? -12.856 -7.906  -4.658  1.00 34.44 ? 139 ARG A CA  1 
ATOM   605  C  C   . ARG A 1 91  ? -12.806 -8.299  -6.148  1.00 35.98 ? 139 ARG A C   1 
ATOM   606  O  O   . ARG A 1 91  ? -12.985 -9.461  -6.449  1.00 33.96 ? 139 ARG A O   1 
ATOM   607  C  CB  . ARG A 1 91  ? -14.162 -7.160  -4.354  1.00 35.15 ? 139 ARG A CB  1 
ATOM   608  C  CG  . ARG A 1 91  ? -15.402 -8.027  -4.534  1.00 38.12 ? 139 ARG A CG  1 
ATOM   609  C  CD  . ARG A 1 91  ? -16.686 -7.357  -4.085  1.00 43.33 ? 139 ARG A CD  1 
ATOM   610  N  NE  . ARG A 1 91  ? -16.717 -7.097  -2.647  1.00 44.61 ? 139 ARG A NE  1 
ATOM   611  C  CZ  . ARG A 1 91  ? -17.398 -6.096  -2.088  1.00 44.12 ? 139 ARG A CZ  1 
ATOM   612  N  NH1 . ARG A 1 91  ? -17.980 -5.195  -2.859  1.00 46.50 ? 139 ARG A NH1 1 
ATOM   613  N  NH2 . ARG A 1 91  ? -17.503 -5.994  -0.775  1.00 42.46 ? 139 ARG A NH2 1 
ATOM   614  N  N   . ASP A 1 92  ? -12.593 -7.328  -7.048  1.00 35.41 ? 140 ASP A N   1 
ATOM   615  C  CA  . ASP A 1 92  ? -12.593 -7.529  -8.509  1.00 40.86 ? 140 ASP A CA  1 
ATOM   616  C  C   . ASP A 1 92  ? -11.204 -7.882  -9.057  1.00 40.27 ? 140 ASP A C   1 
ATOM   617  O  O   . ASP A 1 92  ? -10.999 -7.796  -10.242 1.00 40.69 ? 140 ASP A O   1 
ATOM   618  C  CB  . ASP A 1 92  ? -13.012 -6.262  -9.251  1.00 42.91 ? 140 ASP A CB  1 
ATOM   619  C  CG  . ASP A 1 92  ? -14.484 -5.944  -9.104  1.00 53.98 ? 140 ASP A CG  1 
ATOM   620  O  OD1 . ASP A 1 92  ? -15.218 -6.826  -8.561  1.00 53.50 ? 140 ASP A OD1 1 
ATOM   621  O  OD2 . ASP A 1 92  ? -14.889 -4.818  -9.545  1.00 57.09 ? 140 ASP A OD2 1 
ATOM   622  N  N   . GLY A 1 93  ? -10.257 -8.240  -8.187  1.00 38.67 ? 141 GLY A N   1 
ATOM   623  C  CA  . GLY A 1 93  ? -8.895  -8.612  -8.596  1.00 38.99 ? 141 GLY A CA  1 
ATOM   624  C  C   . GLY A 1 93  ? -7.832  -7.619  -8.138  1.00 36.88 ? 141 GLY A C   1 
ATOM   625  O  O   . GLY A 1 93  ? -8.114  -6.652  -7.417  1.00 34.75 ? 141 GLY A O   1 
ATOM   626  N  N   . VAL A 1 94  ? -6.602  -7.873  -8.594  1.00 31.48 ? 142 VAL A N   1 
ATOM   627  C  CA  . VAL A 1 94  ? -5.398  -7.191  -8.145  1.00 28.88 ? 142 VAL A CA  1 
ATOM   628  C  C   . VAL A 1 94  ? -4.751  -6.468  -9.334  1.00 27.27 ? 142 VAL A C   1 
ATOM   629  O  O   . VAL A 1 94  ? -4.770  -6.946  -10.459 1.00 25.84 ? 142 VAL A O   1 
ATOM   630  C  CB  . VAL A 1 94  ? -4.417  -8.187  -7.509  1.00 29.92 ? 142 VAL A CB  1 
ATOM   631  C  CG1 . VAL A 1 94  ? -3.157  -7.516  -6.996  1.00 28.91 ? 142 VAL A CG1 1 
ATOM   632  C  CG2 . VAL A 1 94  ? -5.053  -9.009  -6.403  1.00 31.85 ? 142 VAL A CG2 1 
ATOM   633  N  N   . ASN A 1 95  ? -4.222  -5.278  -9.062  1.00 26.02 ? 143 ASN A N   1 
ATOM   634  C  CA  . ASN A 1 95  ? -3.288  -4.614  -9.929  1.00 24.47 ? 143 ASN A CA  1 
ATOM   635  C  C   . ASN A 1 95  ? -2.333  -3.822  -9.037  1.00 21.41 ? 143 ASN A C   1 
ATOM   636  O  O   . ASN A 1 95  ? -2.514  -3.753  -7.841  1.00 19.99 ? 143 ASN A O   1 
ATOM   637  C  CB  . ASN A 1 95  ? -3.989  -3.766  -10.989 1.00 24.76 ? 143 ASN A CB  1 
ATOM   638  C  CG  . ASN A 1 95  ? -4.750  -2.563  -10.469 1.00 29.17 ? 143 ASN A CG  1 
ATOM   639  O  OD1 . ASN A 1 95  ? -4.504  -2.055  -9.376  1.00 26.17 ? 143 ASN A OD1 1 
ATOM   640  N  ND2 . ASN A 1 95  ? -5.621  -2.030  -11.310 1.00 29.92 ? 143 ASN A ND2 1 
ATOM   641  N  N   . TRP A 1 96  ? -1.304  -3.230  -9.640  1.00 22.18 ? 144 TRP A N   1 
ATOM   642  C  CA  . TRP A 1 96  ? -0.243  -2.638  -8.869  1.00 22.07 ? 144 TRP A CA  1 
ATOM   643  C  C   . TRP A 1 96  ? -0.769  -1.399  -8.154  1.00 20.60 ? 144 TRP A C   1 
ATOM   644  O  O   . TRP A 1 96  ? -0.319  -1.104  -7.084  1.00 19.67 ? 144 TRP A O   1 
ATOM   645  C  CB  . TRP A 1 96  ? 0.970   -2.282  -9.736  1.00 21.41 ? 144 TRP A CB  1 
ATOM   646  C  CG  . TRP A 1 96  ? 1.830   -3.460  -10.037 1.00 19.08 ? 144 TRP A CG  1 
ATOM   647  C  CD1 . TRP A 1 96  ? 2.063   -4.019  -11.252 1.00 20.43 ? 144 TRP A CD1 1 
ATOM   648  C  CD2 . TRP A 1 96  ? 2.587   -4.217  -9.087  1.00 19.98 ? 144 TRP A CD2 1 
ATOM   649  N  NE1 . TRP A 1 96  ? 2.933   -5.065  -11.126 1.00 20.64 ? 144 TRP A NE1 1 
ATOM   650  C  CE2 . TRP A 1 96  ? 3.255   -5.226  -9.808  1.00 20.12 ? 144 TRP A CE2 1 
ATOM   651  C  CE3 . TRP A 1 96  ? 2.752   -4.139  -7.699  1.00 20.67 ? 144 TRP A CE3 1 
ATOM   652  C  CZ2 . TRP A 1 96  ? 4.090   -6.151  -9.184  1.00 22.30 ? 144 TRP A CZ2 1 
ATOM   653  C  CZ3 . TRP A 1 96  ? 3.550   -5.070  -7.075  1.00 20.91 ? 144 TRP A CZ3 1 
ATOM   654  C  CH2 . TRP A 1 96  ? 4.228   -6.046  -7.813  1.00 22.24 ? 144 TRP A CH2 1 
ATOM   655  N  N   . GLY A 1 97  ? -1.667  -0.669  -8.815  1.00 20.96 ? 145 GLY A N   1 
ATOM   656  C  CA  . GLY A 1 97  ? -2.261  0.539   -8.260  1.00 21.55 ? 145 GLY A CA  1 
ATOM   657  C  C   . GLY A 1 97  ? -3.125  0.258   -7.038  1.00 20.92 ? 145 GLY A C   1 
ATOM   658  O  O   . GLY A 1 97  ? -3.207  1.099   -6.111  1.00 21.63 ? 145 GLY A O   1 
ATOM   659  N  N   . ARG A 1 98  ? -3.816  -0.894  -7.038  1.00 20.36 ? 146 ARG A N   1 
ATOM   660  C  CA  . ARG A 1 98  ? -4.607  -1.303  -5.887  1.00 20.26 ? 146 ARG A CA  1 
ATOM   661  C  C   . ARG A 1 98  ? -3.650  -1.635  -4.728  1.00 20.21 ? 146 ARG A C   1 
ATOM   662  O  O   . ARG A 1 98  ? -3.929  -1.303  -3.566  1.00 20.14 ? 146 ARG A O   1 
ATOM   663  C  CB  . ARG A 1 98  ? -5.591  -2.416  -6.260  1.00 23.22 ? 146 ARG A CB  1 
ATOM   664  C  CG  . ARG A 1 98  ? -6.751  -1.910  -7.112  1.00 24.72 ? 146 ARG A CG  1 
ATOM   665  C  CD  . ARG A 1 98  ? -7.823  -2.904  -7.569  1.00 27.95 ? 146 ARG A CD  1 
ATOM   666  N  NE  . ARG A 1 98  ? -8.805  -2.165  -8.388  1.00 34.10 ? 146 ARG A NE  1 
ATOM   667  C  CZ  . ARG A 1 98  ? -9.620  -1.171  -7.958  1.00 40.87 ? 146 ARG A CZ  1 
ATOM   668  N  NH1 . ARG A 1 98  ? -9.806  -0.077  -8.694  1.00 33.93 ? 146 ARG A NH1 1 
ATOM   669  N  NH2 . ARG A 1 98  ? -10.217 -1.249  -6.777  1.00 42.75 ? 146 ARG A NH2 1 
ATOM   670  N  N   . ILE A 1 99  ? -2.502  -2.248  -5.040  1.00 19.04 ? 147 ILE A N   1 
ATOM   671  C  CA  . ILE A 1 99  ? -1.483  -2.567  -4.024  1.00 18.88 ? 147 ILE A CA  1 
ATOM   672  C  C   . ILE A 1 99  ? -0.948  -1.265  -3.405  1.00 19.92 ? 147 ILE A C   1 
ATOM   673  O  O   . ILE A 1 99  ? -0.844  -1.154  -2.179  1.00 19.79 ? 147 ILE A O   1 
ATOM   674  C  CB  . ILE A 1 99  ? -0.405  -3.490  -4.610  1.00 18.72 ? 147 ILE A CB  1 
ATOM   675  C  CG1 . ILE A 1 99  ? -1.022  -4.859  -4.907  1.00 19.02 ? 147 ILE A CG1 1 
ATOM   676  C  CG2 . ILE A 1 99  ? 0.815   -3.570  -3.702  1.00 18.25 ? 147 ILE A CG2 1 
ATOM   677  C  CD1 . ILE A 1 99  ? -0.126  -5.816  -5.629  1.00 20.54 ? 147 ILE A CD1 1 
ATOM   678  N  N   . VAL A 1 100 ? -0.721  -0.244  -4.230  1.00 19.69 ? 148 VAL A N   1 
ATOM   679  C  CA  . VAL A 1 100 ? -0.275  1.060   -3.741  1.00 18.80 ? 148 VAL A CA  1 
ATOM   680  C  C   . VAL A 1 100 ? -1.366  1.690   -2.861  1.00 18.35 ? 148 VAL A C   1 
ATOM   681  O  O   . VAL A 1 100 ? -1.066  2.206   -1.791  1.00 18.84 ? 148 VAL A O   1 
ATOM   682  C  CB  . VAL A 1 100 ? 0.144   1.992   -4.895  1.00 19.25 ? 148 VAL A CB  1 
ATOM   683  C  CG1 . VAL A 1 100 ? 0.520   3.370   -4.407  1.00 20.32 ? 148 VAL A CG1 1 
ATOM   684  C  CG2 . VAL A 1 100 ? 1.316   1.423   -5.678  1.00 18.89 ? 148 VAL A CG2 1 
ATOM   685  N  N   . ALA A 1 101 ? -2.622  1.676   -3.323  1.00 18.10 ? 149 ALA A N   1 
ATOM   686  C  CA  . ALA A 1 101 ? -3.781  2.150   -2.524  1.00 18.43 ? 149 ALA A CA  1 
ATOM   687  C  C   . ALA A 1 101 ? -3.855  1.424   -1.159  1.00 19.72 ? 149 ALA A C   1 
ATOM   688  O  O   . ALA A 1 101 ? -4.233  2.026   -0.189  1.00 17.86 ? 149 ALA A O   1 
ATOM   689  C  CB  . ALA A 1 101 ? -5.061  1.978   -3.306  1.00 19.12 ? 149 ALA A CB  1 
ATOM   690  N  N   . PHE A 1 102 ? -3.498  0.134   -1.124  1.00 18.55 ? 150 PHE A N   1 
ATOM   691  C  CA  . PHE A 1 102 ? -3.459  -0.699  0.106   1.00 18.74 ? 150 PHE A CA  1 
ATOM   692  C  C   . PHE A 1 102 ? -2.387  -0.188  1.080   1.00 17.85 ? 150 PHE A C   1 
ATOM   693  O  O   . PHE A 1 102 ? -2.636  -0.032  2.279   1.00 17.94 ? 150 PHE A O   1 
ATOM   694  C  CB  . PHE A 1 102 ? -3.234  -2.166  -0.295  1.00 18.24 ? 150 PHE A CB  1 
ATOM   695  C  CG  . PHE A 1 102 ? -2.732  -3.114  0.762   1.00 18.28 ? 150 PHE A CG  1 
ATOM   696  C  CD1 . PHE A 1 102 ? -3.625  -3.828  1.557   1.00 17.84 ? 150 PHE A CD1 1 
ATOM   697  C  CD2 . PHE A 1 102 ? -1.373  -3.357  0.896   1.00 18.82 ? 150 PHE A CD2 1 
ATOM   698  C  CE1 . PHE A 1 102 ? -3.154  -4.723  2.502   1.00 18.67 ? 150 PHE A CE1 1 
ATOM   699  C  CE2 . PHE A 1 102 ? -0.907  -4.283  1.816   1.00 19.33 ? 150 PHE A CE2 1 
ATOM   700  C  CZ  . PHE A 1 102 ? -1.798  -4.936  2.642   1.00 19.37 ? 150 PHE A CZ  1 
ATOM   701  N  N   . PHE A 1 103 ? -1.197  0.089   0.559   1.00 18.48 ? 151 PHE A N   1 
ATOM   702  C  CA  . PHE A 1 103 ? -0.155  0.689   1.360   1.00 19.27 ? 151 PHE A CA  1 
ATOM   703  C  C   . PHE A 1 103 ? -0.616  2.040   1.905   1.00 20.45 ? 151 PHE A C   1 
ATOM   704  O  O   . PHE A 1 103 ? -0.431  2.297   3.100   1.00 18.81 ? 151 PHE A O   1 
ATOM   705  C  CB  . PHE A 1 103 ? 1.150   0.787   0.568   1.00 20.76 ? 151 PHE A CB  1 
ATOM   706  C  CG  . PHE A 1 103 ? 1.938   -0.493  0.627   1.00 20.52 ? 151 PHE A CG  1 
ATOM   707  C  CD1 . PHE A 1 103 ? 2.758   -0.760  1.713   1.00 20.37 ? 151 PHE A CD1 1 
ATOM   708  C  CD2 . PHE A 1 103 ? 1.791   -1.464  -0.357  1.00 21.92 ? 151 PHE A CD2 1 
ATOM   709  C  CE1 . PHE A 1 103 ? 3.452   -1.951  1.781   1.00 21.11 ? 151 PHE A CE1 1 
ATOM   710  C  CE2 . PHE A 1 103 ? 2.498   -2.657  -0.291  1.00 21.00 ? 151 PHE A CE2 1 
ATOM   711  C  CZ  . PHE A 1 103 ? 3.314   -2.901  0.788   1.00 21.78 ? 151 PHE A CZ  1 
ATOM   712  N  N   . GLU A 1 104 ? -1.169  2.884   1.027   1.00 19.36 ? 152 GLU A N   1 
ATOM   713  C  CA  . GLU A 1 104 ? -1.621  4.230   1.422   1.00 22.21 ? 152 GLU A CA  1 
ATOM   714  C  C   . GLU A 1 104 ? -2.715  4.145   2.490   1.00 21.22 ? 152 GLU A C   1 
ATOM   715  O  O   . GLU A 1 104 ? -2.687  4.917   3.456   1.00 20.95 ? 152 GLU A O   1 
ATOM   716  C  CB  . GLU A 1 104 ? -2.117  5.042   0.235   1.00 22.92 ? 152 GLU A CB  1 
ATOM   717  C  CG  . GLU A 1 104 ? -0.972  5.619   -0.593  1.00 25.73 ? 152 GLU A CG  1 
ATOM   718  C  CD  . GLU A 1 104 ? -0.212  6.706   0.146   1.00 25.26 ? 152 GLU A CD  1 
ATOM   719  O  OE1 . GLU A 1 104 ? -0.840  7.651   0.592   1.00 24.03 ? 152 GLU A OE1 1 
ATOM   720  O  OE2 . GLU A 1 104 ? 0.985   6.541   0.333   1.00 27.92 ? 152 GLU A OE2 1 
ATOM   721  N  N   . PHE A 1 105 ? -3.647  3.213   2.306   1.00 19.23 ? 153 PHE A N   1 
ATOM   722  C  CA  . PHE A 1 105 ? -4.733  2.966   3.262   1.00 20.27 ? 153 PHE A CA  1 
ATOM   723  C  C   . PHE A 1 105 ? -4.161  2.553   4.620   1.00 19.06 ? 153 PHE A C   1 
ATOM   724  O  O   . PHE A 1 105 ? -4.594  3.070   5.635   1.00 19.23 ? 153 PHE A O   1 
ATOM   725  C  CB  . PHE A 1 105 ? -5.695  1.887   2.771   1.00 19.67 ? 153 PHE A CB  1 
ATOM   726  C  CG  . PHE A 1 105 ? -6.700  1.482   3.811   1.00 20.16 ? 153 PHE A CG  1 
ATOM   727  C  CD1 . PHE A 1 105 ? -7.632  2.392   4.272   1.00 20.97 ? 153 PHE A CD1 1 
ATOM   728  C  CD2 . PHE A 1 105 ? -6.679  0.218   4.364   1.00 21.05 ? 153 PHE A CD2 1 
ATOM   729  C  CE1 . PHE A 1 105 ? -8.534  2.040   5.261   1.00 22.40 ? 153 PHE A CE1 1 
ATOM   730  C  CE2 . PHE A 1 105 ? -7.591  -0.143  5.344   1.00 21.80 ? 153 PHE A CE2 1 
ATOM   731  C  CZ  . PHE A 1 105 ? -8.522  0.774   5.793   1.00 22.45 ? 153 PHE A CZ  1 
ATOM   732  N  N   . GLY A 1 106 ? -3.210  1.616   4.614   1.00 18.27 ? 154 GLY A N   1 
ATOM   733  C  CA  . GLY A 1 106 ? -2.544  1.222   5.816   1.00 19.60 ? 154 GLY A CA  1 
ATOM   734  C  C   . GLY A 1 106 ? -1.863  2.409   6.486   1.00 20.37 ? 154 GLY A C   1 
ATOM   735  O  O   . GLY A 1 106 ? -1.915  2.551   7.707   1.00 20.84 ? 154 GLY A O   1 
ATOM   736  N  N   . GLY A 1 107 ? -1.216  3.249   5.671   1.00 19.50 ? 155 GLY A N   1 
ATOM   737  C  CA  . GLY A 1 107 ? -0.587  4.511   6.105   1.00 21.73 ? 155 GLY A CA  1 
ATOM   738  C  C   . GLY A 1 107 ? -1.544  5.425   6.842   1.00 21.81 ? 155 GLY A C   1 
ATOM   739  O  O   . GLY A 1 107 ? -1.263  5.893   7.963   1.00 19.91 ? 155 GLY A O   1 
ATOM   740  N  N   . VAL A 1 108 ? -2.709  5.633   6.233   1.00 21.16 ? 156 VAL A N   1 
ATOM   741  C  CA  . VAL A 1 108 ? -3.721  6.412   6.836   1.00 20.88 ? 156 VAL A CA  1 
ATOM   742  C  C   . VAL A 1 108 ? -4.103  5.804   8.190   1.00 21.55 ? 156 VAL A C   1 
ATOM   743  O  O   . VAL A 1 108 ? -4.214  6.511   9.179   1.00 22.13 ? 156 VAL A O   1 
ATOM   744  C  CB  . VAL A 1 108 ? -4.932  6.556   5.888   1.00 23.33 ? 156 VAL A CB  1 
ATOM   745  C  CG1 . VAL A 1 108 ? -6.165  7.089   6.623   1.00 23.66 ? 156 VAL A CG1 1 
ATOM   746  C  CG2 . VAL A 1 108 ? -4.596  7.444   4.697   1.00 22.36 ? 156 VAL A CG2 1 
ATOM   747  N  N   . MET A 1 109 ? -4.307  4.491   8.249   1.00 19.63 ? 157 MET A N   1 
ATOM   748  C  CA  . MET A 1 109 ? -4.743  3.897   9.495   1.00 21.53 ? 157 MET A CA  1 
ATOM   749  C  C   . MET A 1 109 ? -3.676  4.103   10.581  1.00 20.77 ? 157 MET A C   1 
ATOM   750  O  O   . MET A 1 109 ? -4.005  4.401   11.714  1.00 20.31 ? 157 MET A O   1 
ATOM   751  C  CB  . MET A 1 109 ? -5.020  2.406   9.327   1.00 21.69 ? 157 MET A CB  1 
ATOM   752  C  CG  . MET A 1 109 ? -6.361  2.105   8.682   1.00 21.75 ? 157 MET A CG  1 
ATOM   753  S  SD  . MET A 1 109 ? -6.772  0.326   8.826   1.00 21.58 ? 157 MET A SD  1 
ATOM   754  C  CE  . MET A 1 109 ? -7.189  0.184   10.558  1.00 22.86 ? 157 MET A CE  1 
ATOM   755  N  N   . CYS A 1 110 ? -2.400  4.016   10.203  1.00 21.89 ? 158 CYS A N   1 
ATOM   756  C  CA  . CYS A 1 110 ? -1.316  4.150   11.156  1.00 22.68 ? 158 CYS A CA  1 
ATOM   757  C  C   . CYS A 1 110 ? -1.212  5.583   11.689  1.00 22.32 ? 158 CYS A C   1 
ATOM   758  O  O   . CYS A 1 110 ? -1.025  5.791   12.912  1.00 20.65 ? 158 CYS A O   1 
ATOM   759  C  CB  . CYS A 1 110 ? 0.005   3.694   10.548  1.00 22.27 ? 158 CYS A CB  1 
ATOM   760  S  SG  . CYS A 1 110 ? 0.045   1.896   10.367  1.00 21.01 ? 158 CYS A SG  1 
ATOM   761  N  N   . VAL A 1 111 ? -1.265  6.546   10.771  1.00 22.09 ? 159 VAL A N   1 
ATOM   762  C  CA  . VAL A 1 111 ? -1.187  7.964   11.102  1.00 24.21 ? 159 VAL A CA  1 
ATOM   763  C  C   . VAL A 1 111 ? -2.357  8.349   12.028  1.00 24.76 ? 159 VAL A C   1 
ATOM   764  O  O   . VAL A 1 111 ? -2.153  8.999   13.028  1.00 23.32 ? 159 VAL A O   1 
ATOM   765  C  CB  . VAL A 1 111 ? -1.152  8.825   9.828   1.00 24.46 ? 159 VAL A CB  1 
ATOM   766  C  CG1 . VAL A 1 111 ? -1.417  10.305  10.136  1.00 25.81 ? 159 VAL A CG1 1 
ATOM   767  C  CG2 . VAL A 1 111 ? 0.172   8.655   9.088   1.00 24.32 ? 159 VAL A CG2 1 
ATOM   768  N  N   . GLU A 1 112 ? -3.587  7.943   11.684  1.00 24.18 ? 160 GLU A N   1 
ATOM   769  C  CA  A GLU A 1 112 ? -4.709  8.312   12.529  0.50 24.18 ? 160 GLU A CA  1 
ATOM   770  C  CA  B GLU A 1 112 ? -4.782  8.192   12.473  0.50 22.33 ? 160 GLU A CA  1 
ATOM   771  C  C   . GLU A 1 112 ? -4.631  7.540   13.860  1.00 22.03 ? 160 GLU A C   1 
ATOM   772  O  O   . GLU A 1 112 ? -4.988  8.096   14.849  1.00 22.17 ? 160 GLU A O   1 
ATOM   773  C  CB  A GLU A 1 112 ? -6.044  8.195   11.794  0.50 25.57 ? 160 GLU A CB  1 
ATOM   774  C  CB  B GLU A 1 112 ? -5.991  7.685   11.683  0.50 20.97 ? 160 GLU A CB  1 
ATOM   775  C  CG  A GLU A 1 112 ? -6.429  9.488   11.069  0.50 25.02 ? 160 GLU A CG  1 
ATOM   776  C  CG  B GLU A 1 112 ? -6.166  8.447   10.369  0.50 19.59 ? 160 GLU A CG  1 
ATOM   777  C  CD  A GLU A 1 112 ? -6.173  10.794  11.824  0.50 25.26 ? 160 GLU A CD  1 
ATOM   778  C  CD  B GLU A 1 112 ? -7.589  8.669   9.896   0.50 16.74 ? 160 GLU A CD  1 
ATOM   779  O  OE1 A GLU A 1 112 ? -5.177  11.479  11.501  0.50 22.83 ? 160 GLU A OE1 1 
ATOM   780  O  OE1 B GLU A 1 112 ? -8.469  7.969   10.377  0.50 15.55 ? 160 GLU A OE1 1 
ATOM   781  O  OE2 A GLU A 1 112 ? -6.973  11.138  12.748  0.50 23.18 ? 160 GLU A OE2 1 
ATOM   782  O  OE2 B GLU A 1 112 ? -7.795  9.560   9.037   0.50 16.15 ? 160 GLU A OE2 1 
ATOM   783  N  N   . SER A 1 113 ? -4.056  6.320   13.897  1.00 23.81 ? 161 SER A N   1 
ATOM   784  C  CA  . SER A 1 113 ? -3.851  5.587   15.166  1.00 23.65 ? 161 SER A CA  1 
ATOM   785  C  C   . SER A 1 113 ? -3.019  6.439   16.138  1.00 23.61 ? 161 SER A C   1 
ATOM   786  O  O   . SER A 1 113 ? -3.358  6.592   17.306  1.00 20.32 ? 161 SER A O   1 
ATOM   787  C  CB  . SER A 1 113 ? -3.224  4.230   14.956  1.00 25.39 ? 161 SER A CB  1 
ATOM   788  O  OG  . SER A 1 113 ? -4.177  3.361   14.381  1.00 25.55 ? 161 SER A OG  1 
ATOM   789  N  N   . VAL A 1 114 ? -1.994  7.078   15.603  1.00 22.02 ? 162 VAL A N   1 
ATOM   790  C  CA  . VAL A 1 114 ? -1.056  7.820   16.411  1.00 25.33 ? 162 VAL A CA  1 
ATOM   791  C  C   . VAL A 1 114 ? -1.721  9.154   16.792  1.00 23.68 ? 162 VAL A C   1 
ATOM   792  O  O   . VAL A 1 114 ? -1.766  9.511   17.993  1.00 24.20 ? 162 VAL A O   1 
ATOM   793  C  CB  . VAL A 1 114 ? 0.303   7.968   15.681  1.00 27.28 ? 162 VAL A CB  1 
ATOM   794  C  CG1 . VAL A 1 114 ? 1.209   8.959   16.374  1.00 29.37 ? 162 VAL A CG1 1 
ATOM   795  C  CG2 . VAL A 1 114 ? 1.030   6.629   15.547  1.00 27.67 ? 162 VAL A CG2 1 
ATOM   796  N  N   . ASN A 1 115 ? -2.328  9.842   15.814  1.00 22.89 ? 163 ASN A N   1 
ATOM   797  C  CA  . ASN A 1 115 ? -3.063  11.102  16.062  1.00 23.92 ? 163 ASN A CA  1 
ATOM   798  C  C   . ASN A 1 115 ? -4.086  10.971  17.207  1.00 23.29 ? 163 ASN A C   1 
ATOM   799  O  O   . ASN A 1 115 ? -4.281  11.935  17.945  1.00 22.16 ? 163 ASN A O   1 
ATOM   800  C  CB  . ASN A 1 115 ? -3.787  11.627  14.828  1.00 26.35 ? 163 ASN A CB  1 
ATOM   801  C  CG  . ASN A 1 115 ? -2.843  12.077  13.730  1.00 31.31 ? 163 ASN A CG  1 
ATOM   802  O  OD1 . ASN A 1 115 ? -1.656  12.282  13.974  1.00 30.46 ? 163 ASN A OD1 1 
ATOM   803  N  ND2 . ASN A 1 115 ? -3.369  12.247  12.522  1.00 31.59 ? 163 ASN A ND2 1 
ATOM   804  N  N   . ARG A 1 116 ? -4.720  9.796   17.343  1.00 20.33 ? 164 ARG A N   1 
ATOM   805  C  CA  . ARG A 1 116 ? -5.824  9.574   18.223  1.00 22.57 ? 164 ARG A CA  1 
ATOM   806  C  C   . ARG A 1 116 ? -5.358  8.932   19.528  1.00 20.90 ? 164 ARG A C   1 
ATOM   807  O  O   . ARG A 1 116 ? -6.190  8.495   20.322  1.00 21.28 ? 164 ARG A O   1 
ATOM   808  C  CB  . ARG A 1 116 ? -6.820  8.606   17.588  1.00 24.65 ? 164 ARG A CB  1 
ATOM   809  C  CG  . ARG A 1 116 ? -7.467  9.160   16.335  1.00 28.17 ? 164 ARG A CG  1 
ATOM   810  C  CD  . ARG A 1 116 ? -8.474  8.174   15.775  1.00 33.52 ? 164 ARG A CD  1 
ATOM   811  N  NE  . ARG A 1 116 ? -9.360  9.011   14.988  1.00 39.21 ? 164 ARG A NE  1 
ATOM   812  C  CZ  . ARG A 1 116 ? -10.650 8.823   14.869  1.00 36.21 ? 164 ARG A CZ  1 
ATOM   813  N  NH1 . ARG A 1 116 ? -11.246 7.784   15.440  1.00 28.78 ? 164 ARG A NH1 1 
ATOM   814  N  NH2 . ARG A 1 116 ? -11.319 9.693   14.145  1.00 42.05 ? 164 ARG A NH2 1 
ATOM   815  N  N   . GLU A 1 117 ? -4.031  8.836   19.688  1.00 23.82 ? 165 GLU A N   1 
ATOM   816  C  CA  . GLU A 1 117 ? -3.389  8.305   20.880  1.00 24.47 ? 165 GLU A CA  1 
ATOM   817  C  C   . GLU A 1 117 ? -3.818  6.854   21.082  1.00 25.90 ? 165 GLU A C   1 
ATOM   818  O  O   . GLU A 1 117 ? -4.150  6.454   22.185  1.00 26.00 ? 165 GLU A O   1 
ATOM   819  C  CB  . GLU A 1 117 ? -3.709  9.238   22.045  1.00 27.68 ? 165 GLU A CB  1 
ATOM   820  C  CG  . GLU A 1 117 ? -3.131  10.621  21.762  1.00 26.29 ? 165 GLU A CG  1 
ATOM   821  C  CD  . GLU A 1 117 ? -3.642  11.745  22.624  1.00 27.08 ? 165 GLU A CD  1 
ATOM   822  O  OE1 . GLU A 1 117 ? -3.595  12.887  22.138  1.00 27.62 ? 165 GLU A OE1 1 
ATOM   823  O  OE2 . GLU A 1 117 ? -4.086  11.472  23.761  1.00 28.25 ? 165 GLU A OE2 1 
ATOM   824  N  N   . MET A 1 118 ? -3.808  6.106   19.975  1.00 26.24 ? 166 MET A N   1 
ATOM   825  C  CA  . MET A 1 118 ? -4.024  4.660   19.916  1.00 29.17 ? 166 MET A CA  1 
ATOM   826  C  C   . MET A 1 118 ? -2.828  3.981   19.250  1.00 27.39 ? 166 MET A C   1 
ATOM   827  O  O   . MET A 1 118 ? -3.006  3.113   18.375  1.00 28.04 ? 166 MET A O   1 
ATOM   828  C  CB  . MET A 1 118 ? -5.237  4.316   19.047  1.00 30.21 ? 166 MET A CB  1 
ATOM   829  C  CG  . MET A 1 118 ? -6.495  4.852   19.561  1.00 32.90 ? 166 MET A CG  1 
ATOM   830  S  SD  . MET A 1 118 ? -7.781  4.716   18.309  1.00 31.05 ? 166 MET A SD  1 
ATOM   831  C  CE  . MET A 1 118 ? -9.009  5.562   19.294  1.00 29.44 ? 166 MET A CE  1 
ATOM   832  N  N   . SER A 1 119 ? -1.626  4.330   19.689  1.00 28.38 ? 167 SER A N   1 
ATOM   833  C  CA  . SER A 1 119 ? -0.396  3.993   18.961  1.00 30.34 ? 167 SER A CA  1 
ATOM   834  C  C   . SER A 1 119 ? -0.144  2.481   18.941  1.00 27.81 ? 167 SER A C   1 
ATOM   835  O  O   . SER A 1 119 ? 0.594   2.020   18.108  1.00 25.86 ? 167 SER A O   1 
ATOM   836  C  CB  . SER A 1 119 ? 0.784   4.735   19.538  1.00 33.64 ? 167 SER A CB  1 
ATOM   837  O  OG  . SER A 1 119 ? 0.974   4.360   20.899  1.00 39.72 ? 167 SER A OG  1 
ATOM   838  N  N   . VAL A 1 120 ? -0.737  1.733   19.881  1.00 27.33 ? 168 VAL A N   1 
ATOM   839  C  CA  . VAL A 1 120 ? -0.628  0.291   19.943  1.00 27.38 ? 168 VAL A CA  1 
ATOM   840  C  C   . VAL A 1 120 ? -1.112  -0.353  18.627  1.00 28.14 ? 168 VAL A C   1 
ATOM   841  O  O   . VAL A 1 120 ? -0.614  -1.389  18.225  1.00 25.88 ? 168 VAL A O   1 
ATOM   842  C  CB  . VAL A 1 120 ? -1.395  -0.257  21.162  1.00 30.97 ? 168 VAL A CB  1 
ATOM   843  C  CG1 . VAL A 1 120 ? -2.897  -0.076  21.029  1.00 32.51 ? 168 VAL A CG1 1 
ATOM   844  C  CG2 . VAL A 1 120 ? -1.074  -1.715  21.422  1.00 31.55 ? 168 VAL A CG2 1 
ATOM   845  N  N   . LEU A 1 121 ? -2.060  0.293   17.937  1.00 24.61 ? 169 LEU A N   1 
ATOM   846  C  CA  . LEU A 1 121 ? -2.645  -0.250  16.709  1.00 22.61 ? 169 LEU A CA  1 
ATOM   847  C  C   . LEU A 1 121 ? -1.611  -0.323  15.584  1.00 21.25 ? 169 LEU A C   1 
ATOM   848  O  O   . LEU A 1 121 ? -1.807  -1.091  14.649  1.00 21.70 ? 169 LEU A O   1 
ATOM   849  C  CB  . LEU A 1 121 ? -3.825  0.629   16.273  1.00 21.23 ? 169 LEU A CB  1 
ATOM   850  C  CG  . LEU A 1 121 ? -5.049  0.522   17.157  1.00 23.75 ? 169 LEU A CG  1 
ATOM   851  C  CD1 . LEU A 1 121 ? -6.194  1.336   16.584  1.00 25.18 ? 169 LEU A CD1 1 
ATOM   852  C  CD2 . LEU A 1 121 ? -5.435  -0.949  17.354  1.00 25.02 ? 169 LEU A CD2 1 
ATOM   853  N  N   . VAL A 1 122 ? -0.543  0.485   15.648  1.00 21.68 ? 170 VAL A N   1 
ATOM   854  C  CA  . VAL A 1 122 ? 0.374   0.576   14.552  1.00 21.67 ? 170 VAL A CA  1 
ATOM   855  C  C   . VAL A 1 122 ? 0.997   -0.801  14.265  1.00 22.52 ? 170 VAL A C   1 
ATOM   856  O  O   . VAL A 1 122 ? 1.020   -1.204  13.122  1.00 22.39 ? 170 VAL A O   1 
ATOM   857  C  CB  . VAL A 1 122 ? 1.450   1.652   14.742  1.00 23.88 ? 170 VAL A CB  1 
ATOM   858  C  CG1 . VAL A 1 122 ? 2.401   1.658   13.550  1.00 26.09 ? 170 VAL A CG1 1 
ATOM   859  C  CG2 . VAL A 1 122 ? 0.838   3.024   14.901  1.00 24.02 ? 170 VAL A CG2 1 
ATOM   860  N  N   . ASP A 1 123 ? 1.501   -1.485  15.293  1.00 21.80 ? 171 ASP A N   1 
ATOM   861  C  CA  . ASP A 1 123 ? 2.069   -2.820  15.203  1.00 22.35 ? 171 ASP A CA  1 
ATOM   862  C  C   . ASP A 1 123 ? 1.034   -3.798  14.662  1.00 22.82 ? 171 ASP A C   1 
ATOM   863  O  O   . ASP A 1 123 ? 1.374   -4.640  13.877  1.00 23.16 ? 171 ASP A O   1 
ATOM   864  C  CB  . ASP A 1 123 ? 2.539   -3.308  16.573  1.00 25.61 ? 171 ASP A CB  1 
ATOM   865  C  CG  . ASP A 1 123 ? 3.711   -2.493  17.096  1.00 29.35 ? 171 ASP A CG  1 
ATOM   866  O  OD1 . ASP A 1 123 ? 4.394   -1.899  16.277  1.00 32.77 ? 171 ASP A OD1 1 
ATOM   867  O  OD2 . ASP A 1 123 ? 3.914   -2.441  18.313  1.00 36.67 ? 171 ASP A OD2 1 
ATOM   868  N  N   . ASN A 1 124 ? -0.227  -3.646  15.091  1.00 24.28 ? 172 ASN A N   1 
ATOM   869  C  CA  . ASN A 1 124 ? -1.330  -4.488  14.645  1.00 24.36 ? 172 ASN A CA  1 
ATOM   870  C  C   . ASN A 1 124 ? -1.524  -4.313  13.128  1.00 24.32 ? 172 ASN A C   1 
ATOM   871  O  O   . ASN A 1 124 ? -1.573  -5.307  12.352  1.00 23.65 ? 172 ASN A O   1 
ATOM   872  C  CB  . ASN A 1 124 ? -2.628  -4.191  15.385  1.00 26.15 ? 172 ASN A CB  1 
ATOM   873  C  CG  . ASN A 1 124 ? -2.598  -4.428  16.880  1.00 28.59 ? 172 ASN A CG  1 
ATOM   874  O  OD1 . ASN A 1 124 ? -1.600  -4.857  17.452  1.00 27.49 ? 172 ASN A OD1 1 
ATOM   875  N  ND2 . ASN A 1 124 ? -3.744  -4.208  17.498  1.00 27.49 ? 172 ASN A ND2 1 
ATOM   876  N  N   . ILE A 1 125 ? -1.622  -3.058  12.693  1.00 22.57 ? 173 ILE A N   1 
ATOM   877  C  CA  . ILE A 1 125 ? -1.879  -2.739  11.283  1.00 22.72 ? 173 ILE A CA  1 
ATOM   878  C  C   . ILE A 1 125 ? -0.738  -3.287  10.429  1.00 22.71 ? 173 ILE A C   1 
ATOM   879  O  O   . ILE A 1 125 ? -0.988  -3.925  9.425   1.00 22.94 ? 173 ILE A O   1 
ATOM   880  C  CB  . ILE A 1 125 ? -2.140  -1.231  11.062  1.00 22.77 ? 173 ILE A CB  1 
ATOM   881  C  CG1 . ILE A 1 125 ? -3.429  -0.786  11.755  1.00 22.12 ? 173 ILE A CG1 1 
ATOM   882  C  CG2 . ILE A 1 125 ? -2.148  -0.843  9.581   1.00 22.45 ? 173 ILE A CG2 1 
ATOM   883  C  CD1 . ILE A 1 125 ? -3.412  0.643   12.282  1.00 21.68 ? 173 ILE A CD1 1 
ATOM   884  N  N   . ALA A 1 126 ? 0.506   -3.062  10.853  1.00 24.26 ? 174 ALA A N   1 
ATOM   885  C  CA  . ALA A 1 126 ? 1.697   -3.591  10.149  1.00 25.17 ? 174 ALA A CA  1 
ATOM   886  C  C   . ALA A 1 126 ? 1.624   -5.131  10.020  1.00 23.90 ? 174 ALA A C   1 
ATOM   887  O  O   . ALA A 1 126 ? 1.860   -5.675  8.925   1.00 23.44 ? 174 ALA A O   1 
ATOM   888  C  CB  . ALA A 1 126 ? 2.967   -3.123  10.855  1.00 24.84 ? 174 ALA A CB  1 
ATOM   889  N  N   . ALA A 1 127 ? 1.275   -5.843  11.107  1.00 25.99 ? 175 ALA A N   1 
ATOM   890  C  CA  . ALA A 1 127 ? 1.029   -7.318  11.071  1.00 24.20 ? 175 ALA A CA  1 
ATOM   891  C  C   . ALA A 1 127 ? -0.062  -7.688  10.059  1.00 25.42 ? 175 ALA A C   1 
ATOM   892  O  O   . ALA A 1 127 ? 0.112   -8.634  9.310   1.00 25.75 ? 175 ALA A O   1 
ATOM   893  C  CB  . ALA A 1 127 ? 0.629   -7.806  12.431  1.00 26.85 ? 175 ALA A CB  1 
ATOM   894  N  N   . TRP A 1 128 ? -1.208  -6.997  10.101  1.00 23.10 ? 176 TRP A N   1 
ATOM   895  C  CA  . TRP A 1 128 ? -2.328  -7.282  9.211   1.00 23.92 ? 176 TRP A CA  1 
ATOM   896  C  C   . TRP A 1 128 ? -1.908  -7.111  7.749   1.00 23.87 ? 176 TRP A C   1 
ATOM   897  O  O   . TRP A 1 128 ? -2.375  -7.848  6.866   1.00 22.59 ? 176 TRP A O   1 
ATOM   898  C  CB  . TRP A 1 128 ? -3.546  -6.384  9.510   1.00 24.22 ? 176 TRP A CB  1 
ATOM   899  C  CG  . TRP A 1 128 ? -4.084  -6.549  10.905  1.00 23.45 ? 176 TRP A CG  1 
ATOM   900  C  CD1 . TRP A 1 128 ? -4.000  -7.673  11.685  1.00 21.66 ? 176 TRP A CD1 1 
ATOM   901  C  CD2 . TRP A 1 128 ? -4.828  -5.590  11.666  1.00 22.48 ? 176 TRP A CD2 1 
ATOM   902  N  NE1 . TRP A 1 128 ? -4.620  -7.465  12.881  1.00 21.42 ? 176 TRP A NE1 1 
ATOM   903  C  CE2 . TRP A 1 128 ? -5.121  -6.191  12.909  1.00 23.18 ? 176 TRP A CE2 1 
ATOM   904  C  CE3 . TRP A 1 128 ? -5.254  -4.275  11.437  1.00 22.97 ? 176 TRP A CE3 1 
ATOM   905  C  CZ2 . TRP A 1 128 ? -5.807  -5.516  13.920  1.00 23.52 ? 176 TRP A CZ2 1 
ATOM   906  C  CZ3 . TRP A 1 128 ? -5.923  -3.613  12.442  1.00 23.06 ? 176 TRP A CZ3 1 
ATOM   907  C  CH2 . TRP A 1 128 ? -6.189  -4.224  13.669  1.00 23.42 ? 176 TRP A CH2 1 
ATOM   908  N  N   . MET A 1 129 ? -1.095  -6.080  7.493   1.00 22.50 ? 177 MET A N   1 
ATOM   909  C  CA  . MET A 1 129 ? -0.680  -5.757  6.136   1.00 22.18 ? 177 MET A CA  1 
ATOM   910  C  C   . MET A 1 129 ? 0.278   -6.827  5.619   1.00 21.74 ? 177 MET A C   1 
ATOM   911  O  O   . MET A 1 129 ? 0.085   -7.337  4.502   1.00 23.73 ? 177 MET A O   1 
ATOM   912  C  CB  . MET A 1 129 ? 0.010   -4.394  6.061   1.00 22.74 ? 177 MET A CB  1 
ATOM   913  C  CG  . MET A 1 129 ? -0.965  -3.229  6.219   1.00 22.56 ? 177 MET A CG  1 
ATOM   914  S  SD  . MET A 1 129 ? -0.134  -1.609  6.275   1.00 21.07 ? 177 MET A SD  1 
ATOM   915  C  CE  . MET A 1 129 ? 0.404   -1.529  4.572   1.00 21.63 ? 177 MET A CE  1 
ATOM   916  N  N   . ALA A 1 130 ? 1.263   -7.194  6.438   1.00 21.80 ? 178 ALA A N   1 
ATOM   917  C  CA  . ALA A 1 130 ? 2.210   -8.237  6.062   1.00 23.87 ? 178 ALA A CA  1 
ATOM   918  C  C   . ALA A 1 130 ? 1.507   -9.588  5.838   1.00 24.04 ? 178 ALA A C   1 
ATOM   919  O  O   . ALA A 1 130 ? 1.750   -10.276 4.846   1.00 25.03 ? 178 ALA A O   1 
ATOM   920  C  CB  . ALA A 1 130 ? 3.305   -8.318  7.094   1.00 25.08 ? 178 ALA A CB  1 
ATOM   921  N  N   . THR A 1 131 ? 0.603   -9.964  6.733   1.00 25.28 ? 179 THR A N   1 
ATOM   922  C  CA  . THR A 1 131 ? -0.195  -11.189 6.570   1.00 25.67 ? 179 THR A CA  1 
ATOM   923  C  C   . THR A 1 131 ? -1.000  -11.166 5.268   1.00 24.56 ? 179 THR A C   1 
ATOM   924  O  O   . THR A 1 131 ? -1.003  -12.152 4.524   1.00 25.96 ? 179 THR A O   1 
ATOM   925  C  CB  . THR A 1 131 ? -1.128  -11.412 7.766   1.00 26.66 ? 179 THR A CB  1 
ATOM   926  O  OG1 . THR A 1 131 ? -0.250  -11.642 8.860   1.00 26.70 ? 179 THR A OG1 1 
ATOM   927  C  CG2 . THR A 1 131 ? -2.049  -12.605 7.620   1.00 27.00 ? 179 THR A CG2 1 
ATOM   928  N  N   . TYR A 1 132 ? -1.675  -10.053 4.976   1.00 22.88 ? 180 TYR A N   1 
ATOM   929  C  CA  . TYR A 1 132 ? -2.449  -9.982  3.750   1.00 24.03 ? 180 TYR A CA  1 
ATOM   930  C  C   . TYR A 1 132 ? -1.537  -10.102 2.514   1.00 24.25 ? 180 TYR A C   1 
ATOM   931  O  O   . TYR A 1 132 ? -1.943  -10.707 1.522   1.00 23.48 ? 180 TYR A O   1 
ATOM   932  C  CB  . TYR A 1 132 ? -3.331  -8.728  3.646   1.00 23.53 ? 180 TYR A CB  1 
ATOM   933  C  CG  . TYR A 1 132 ? -4.289  -8.780  2.478   1.00 24.24 ? 180 TYR A CG  1 
ATOM   934  C  CD1 . TYR A 1 132 ? -5.509  -9.424  2.597   1.00 23.86 ? 180 TYR A CD1 1 
ATOM   935  C  CD2 . TYR A 1 132 ? -3.969  -8.240  1.237   1.00 23.63 ? 180 TYR A CD2 1 
ATOM   936  C  CE1 . TYR A 1 132 ? -6.386  -9.518  1.531   1.00 24.42 ? 180 TYR A CE1 1 
ATOM   937  C  CE2 . TYR A 1 132 ? -4.846  -8.315  0.165   1.00 22.89 ? 180 TYR A CE2 1 
ATOM   938  C  CZ  . TYR A 1 132 ? -6.051  -8.977  0.300   1.00 22.61 ? 180 TYR A CZ  1 
ATOM   939  O  OH  . TYR A 1 132 ? -6.941  -9.089  -0.736  1.00 22.16 ? 180 TYR A OH  1 
ATOM   940  N  N   . LEU A 1 133 ? -0.366  -9.465  2.529   1.00 23.51 ? 181 LEU A N   1 
ATOM   941  C  CA  . LEU A 1 133 ? 0.517   -9.515  1.384   1.00 27.25 ? 181 LEU A CA  1 
ATOM   942  C  C   . LEU A 1 133 ? 0.987   -10.954 1.171   1.00 29.56 ? 181 LEU A C   1 
ATOM   943  O  O   . LEU A 1 133 ? 0.885   -11.483 0.059   1.00 32.18 ? 181 LEU A O   1 
ATOM   944  C  CB  . LEU A 1 133 ? 1.719   -8.602  1.604   1.00 29.34 ? 181 LEU A CB  1 
ATOM   945  C  CG  . LEU A 1 133 ? 1.477   -7.153  1.214   1.00 32.06 ? 181 LEU A CG  1 
ATOM   946  C  CD1 . LEU A 1 133 ? 2.436   -6.248  1.965   1.00 33.68 ? 181 LEU A CD1 1 
ATOM   947  C  CD2 . LEU A 1 133 ? 1.598   -6.967  -0.307  1.00 29.89 ? 181 LEU A CD2 1 
ATOM   948  N  N   . ASN A 1 134 ? 1.447   -11.576 2.261   1.00 29.35 ? 182 ASN A N   1 
ATOM   949  C  CA  . ASN A 1 134 ? 1.975   -12.938 2.229   1.00 32.09 ? 182 ASN A CA  1 
ATOM   950  C  C   . ASN A 1 134 ? 0.880   -13.978 1.930   1.00 32.62 ? 182 ASN A C   1 
ATOM   951  O  O   . ASN A 1 134 ? 1.070   -14.829 1.052   1.00 35.40 ? 182 ASN A O   1 
ATOM   952  C  CB  . ASN A 1 134 ? 2.816   -13.189 3.478   1.00 33.35 ? 182 ASN A CB  1 
ATOM   953  C  CG  . ASN A 1 134 ? 4.127   -12.439 3.367   1.00 34.71 ? 182 ASN A CG  1 
ATOM   954  O  OD1 . ASN A 1 134 ? 4.654   -12.236 2.262   1.00 37.96 ? 182 ASN A OD1 1 
ATOM   955  N  ND2 . ASN A 1 134 ? 4.642   -11.988 4.491   1.00 37.97 ? 182 ASN A ND2 1 
ATOM   956  N  N   . ASP A 1 135 ? -0.293  -13.861 2.545   1.00 30.75 ? 183 ASP A N   1 
ATOM   957  C  CA  . ASP A 1 135 ? -1.346  -14.847 2.370   1.00 31.77 ? 183 ASP A CA  1 
ATOM   958  C  C   . ASP A 1 135 ? -2.232  -14.597 1.153   1.00 29.65 ? 183 ASP A C   1 
ATOM   959  O  O   . ASP A 1 135 ? -2.843  -15.526 0.754   1.00 32.81 ? 183 ASP A O   1 
ATOM   960  C  CB  . ASP A 1 135 ? -2.258  -14.951 3.599   1.00 34.57 ? 183 ASP A CB  1 
ATOM   961  C  CG  . ASP A 1 135 ? -1.526  -15.535 4.783   1.00 31.18 ? 183 ASP A CG  1 
ATOM   962  O  OD1 . ASP A 1 135 ? -0.355  -15.859 4.612   1.00 38.22 ? 183 ASP A OD1 1 
ATOM   963  O  OD2 . ASP A 1 135 ? -2.121  -15.641 5.852   1.00 33.66 ? 183 ASP A OD2 1 
ATOM   964  N  N   . HIS A 1 136 ? -2.363  -13.373 0.617   1.00 30.39 ? 184 HIS A N   1 
ATOM   965  C  CA  . HIS A 1 136 ? -3.355  -13.118 -0.469  1.00 31.49 ? 184 HIS A CA  1 
ATOM   966  C  C   . HIS A 1 136 ? -2.799  -12.328 -1.665  1.00 29.66 ? 184 HIS A C   1 
ATOM   967  O  O   . HIS A 1 136 ? -3.455  -12.262 -2.690  1.00 30.07 ? 184 HIS A O   1 
ATOM   968  C  CB  . HIS A 1 136 ? -4.596  -12.403 0.082   1.00 35.61 ? 184 HIS A CB  1 
ATOM   969  C  CG  . HIS A 1 136 ? -5.279  -13.185 1.144   1.00 41.84 ? 184 HIS A CG  1 
ATOM   970  N  ND1 . HIS A 1 136 ? -6.107  -14.250 0.850   1.00 44.22 ? 184 HIS A ND1 1 
ATOM   971  C  CD2 . HIS A 1 136 ? -5.211  -13.103 2.495   1.00 43.47 ? 184 HIS A CD2 1 
ATOM   972  C  CE1 . HIS A 1 136 ? -6.553  -14.773 1.981   1.00 42.68 ? 184 HIS A CE1 1 
ATOM   973  N  NE2 . HIS A 1 136 ? -6.019  -14.083 3.003   1.00 40.64 ? 184 HIS A NE2 1 
ATOM   974  N  N   . LEU A 1 137 ? -1.635  -11.688 -1.551  1.00 26.78 ? 185 LEU A N   1 
ATOM   975  C  CA  . LEU A 1 137 ? -1.091  -10.931 -2.694  1.00 26.75 ? 185 LEU A CA  1 
ATOM   976  C  C   . LEU A 1 137 ? 0.150   -11.629 -3.280  1.00 28.03 ? 185 LEU A C   1 
ATOM   977  O  O   . LEU A 1 137 ? 0.503   -11.344 -4.418  1.00 26.58 ? 185 LEU A O   1 
ATOM   978  C  CB  . LEU A 1 137 ? -0.791  -9.494  -2.264  1.00 23.78 ? 185 LEU A CB  1 
ATOM   979  C  CG  . LEU A 1 137 ? -2.018  -8.635  -1.976  1.00 25.06 ? 185 LEU A CG  1 
ATOM   980  C  CD1 . LEU A 1 137 ? -1.624  -7.251  -1.452  1.00 25.34 ? 185 LEU A CD1 1 
ATOM   981  C  CD2 . LEU A 1 137 ? -2.905  -8.502  -3.203  1.00 25.60 ? 185 LEU A CD2 1 
ATOM   982  N  N   . HIS A 1 138 ? 0.764   -12.548 -2.516  1.00 29.47 ? 186 HIS A N   1 
ATOM   983  C  CA  . HIS A 1 138 ? 2.054   -13.155 -2.848  1.00 31.42 ? 186 HIS A CA  1 
ATOM   984  C  C   . HIS A 1 138 ? 2.017   -13.831 -4.223  1.00 27.95 ? 186 HIS A C   1 
ATOM   985  O  O   . HIS A 1 138 ? 2.892   -13.605 -5.031  1.00 26.80 ? 186 HIS A O   1 
ATOM   986  C  CB  . HIS A 1 138 ? 2.481   -14.144 -1.772  1.00 33.05 ? 186 HIS A CB  1 
ATOM   987  C  CG  . HIS A 1 138 ? 3.912   -14.531 -1.893  1.00 38.25 ? 186 HIS A CG  1 
ATOM   988  N  ND1 . HIS A 1 138 ? 4.325   -15.576 -2.699  1.00 37.53 ? 186 HIS A ND1 1 
ATOM   989  C  CD2 . HIS A 1 138 ? 5.027   -13.987 -1.359  1.00 41.02 ? 186 HIS A CD2 1 
ATOM   990  C  CE1 . HIS A 1 138 ? 5.636   -15.671 -2.643  1.00 43.16 ? 186 HIS A CE1 1 
ATOM   991  N  NE2 . HIS A 1 138 ? 6.095   -14.696 -1.836  1.00 44.07 ? 186 HIS A NE2 1 
ATOM   992  N  N   . THR A 1 139 ? 0.978   -14.620 -4.488  1.00 29.56 ? 187 THR A N   1 
ATOM   993  C  CA  . THR A 1 139 ? 0.887   -15.365 -5.755  1.00 30.85 ? 187 THR A CA  1 
ATOM   994  C  C   . THR A 1 139 ? 0.767   -14.377 -6.921  1.00 29.96 ? 187 THR A C   1 
ATOM   995  O  O   . THR A 1 139 ? 1.502   -14.496 -7.913  1.00 32.28 ? 187 THR A O   1 
ATOM   996  C  CB  . THR A 1 139 ? -0.232  -16.417 -5.674  1.00 31.89 ? 187 THR A CB  1 
ATOM   997  O  OG1 . THR A 1 139 ? 0.127   -17.306 -4.617  1.00 30.49 ? 187 THR A OG1 1 
ATOM   998  C  CG2 . THR A 1 139 ? -0.436  -17.227 -6.934  1.00 32.52 ? 187 THR A CG2 1 
ATOM   999  N  N   . TRP A 1 140 ? -0.157  -13.413 -6.812  1.00 25.89 ? 188 TRP A N   1 
ATOM   1000 C  CA  . TRP A 1 140 ? -0.322  -12.418 -7.839  1.00 26.19 ? 188 TRP A CA  1 
ATOM   1001 C  C   . TRP A 1 140 ? 1.009   -11.692 -8.115  1.00 24.41 ? 188 TRP A C   1 
ATOM   1002 O  O   . TRP A 1 140 ? 1.374   -11.453 -9.250  1.00 24.39 ? 188 TRP A O   1 
ATOM   1003 C  CB  . TRP A 1 140 ? -1.430  -11.421 -7.488  1.00 23.76 ? 188 TRP A CB  1 
ATOM   1004 C  CG  . TRP A 1 140 ? -1.693  -10.483 -8.622  1.00 22.82 ? 188 TRP A CG  1 
ATOM   1005 C  CD1 . TRP A 1 140 ? -2.619  -10.634 -9.602  1.00 24.08 ? 188 TRP A CD1 1 
ATOM   1006 C  CD2 . TRP A 1 140 ? -1.001  -9.258  -8.918  1.00 21.90 ? 188 TRP A CD2 1 
ATOM   1007 N  NE1 . TRP A 1 140 ? -2.542  -9.594  -10.484 1.00 24.67 ? 188 TRP A NE1 1 
ATOM   1008 C  CE2 . TRP A 1 140 ? -1.588  -8.718  -10.077 1.00 21.87 ? 188 TRP A CE2 1 
ATOM   1009 C  CE3 . TRP A 1 140 ? 0.006   -8.526  -8.289  1.00 20.31 ? 188 TRP A CE3 1 
ATOM   1010 C  CZ2 . TRP A 1 140 ? -1.149  -7.531  -10.661 1.00 22.60 ? 188 TRP A CZ2 1 
ATOM   1011 C  CZ3 . TRP A 1 140 ? 0.434   -7.344  -8.853  1.00 20.83 ? 188 TRP A CZ3 1 
ATOM   1012 C  CH2 . TRP A 1 140 ? -0.117  -6.865  -10.039 1.00 22.11 ? 188 TRP A CH2 1 
ATOM   1013 N  N   . ILE A 1 141 ? 1.676   -11.240 -7.062  1.00 25.66 ? 189 ILE A N   1 
ATOM   1014 C  CA  . ILE A 1 141 ? 2.920   -10.467 -7.199  1.00 25.36 ? 189 ILE A CA  1 
ATOM   1015 C  C   . ILE A 1 141 ? 3.916   -11.312 -8.012  1.00 27.50 ? 189 ILE A C   1 
ATOM   1016 O  O   . ILE A 1 141 ? 4.452   -10.832 -8.996  1.00 26.39 ? 189 ILE A O   1 
ATOM   1017 C  CB  . ILE A 1 141 ? 3.494   -10.041 -5.823  1.00 24.34 ? 189 ILE A CB  1 
ATOM   1018 C  CG1 . ILE A 1 141 ? 2.741   -8.847  -5.218  1.00 24.78 ? 189 ILE A CG1 1 
ATOM   1019 C  CG2 . ILE A 1 141 ? 4.975   -9.727  -5.947  1.00 26.62 ? 189 ILE A CG2 1 
ATOM   1020 C  CD1 . ILE A 1 141 ? 2.991   -8.623  -3.745  1.00 25.05 ? 189 ILE A CD1 1 
ATOM   1021 N  N   . GLN A 1 142 ? 4.082   -12.582 -7.630  1.00 29.42 ? 190 GLN A N   1 
ATOM   1022 C  CA  . GLN A 1 142 ? 5.048   -13.499 -8.276  1.00 34.32 ? 190 GLN A CA  1 
ATOM   1023 C  C   . GLN A 1 142 ? 4.679   -13.735 -9.741  1.00 32.36 ? 190 GLN A C   1 
ATOM   1024 O  O   . GLN A 1 142 ? 5.562   -13.762 -10.585 1.00 33.03 ? 190 GLN A O   1 
ATOM   1025 C  CB  . GLN A 1 142 ? 5.128   -14.862 -7.595  1.00 40.55 ? 190 GLN A CB  1 
ATOM   1026 C  CG  . GLN A 1 142 ? 5.804   -14.843 -6.225  1.00 47.81 ? 190 GLN A CG  1 
ATOM   1027 C  CD  . GLN A 1 142 ? 7.300   -14.655 -6.275  1.00 50.36 ? 190 GLN A CD  1 
ATOM   1028 O  OE1 . GLN A 1 142 ? 7.932   -14.291 -5.285  1.00 51.31 ? 190 GLN A OE1 1 
ATOM   1029 N  NE2 . GLN A 1 142 ? 7.888   -14.905 -7.434  1.00 55.72 ? 190 GLN A NE2 1 
ATOM   1030 N  N   . ASP A 1 143 ? 3.383   -13.903 -10.015 1.00 31.83 ? 191 ASP A N   1 
ATOM   1031 C  CA  . ASP A 1 143 ? 2.895   -14.173 -11.347 1.00 30.84 ? 191 ASP A CA  1 
ATOM   1032 C  C   . ASP A 1 143 ? 2.980   -12.928 -12.235 1.00 31.73 ? 191 ASP A C   1 
ATOM   1033 O  O   . ASP A 1 143 ? 2.853   -13.037 -13.438 1.00 34.95 ? 191 ASP A O   1 
ATOM   1034 C  CB  . ASP A 1 143 ? 1.432   -14.608 -11.327 1.00 33.53 ? 191 ASP A CB  1 
ATOM   1035 C  CG  . ASP A 1 143 ? 1.231   -16.010 -10.795 1.00 35.22 ? 191 ASP A CG  1 
ATOM   1036 O  OD1 . ASP A 1 143 ? 2.235   -16.720 -10.651 1.00 39.44 ? 191 ASP A OD1 1 
ATOM   1037 O  OD2 . ASP A 1 143 ? 0.072   -16.368 -10.512 1.00 37.39 ? 191 ASP A OD2 1 
ATOM   1038 N  N   . ASN A 1 144 ? 3.128   -11.745 -11.650 1.00 28.90 ? 192 ASN A N   1 
ATOM   1039 C  CA  . ASN A 1 144 ? 3.087   -10.522 -12.420 1.00 28.46 ? 192 ASN A CA  1 
ATOM   1040 C  C   . ASN A 1 144 ? 4.460   -9.851  -12.451 1.00 27.46 ? 192 ASN A C   1 
ATOM   1041 O  O   . ASN A 1 144 ? 4.574   -8.669  -12.857 1.00 30.15 ? 192 ASN A O   1 
ATOM   1042 C  CB  . ASN A 1 144 ? 1.993   -9.571  -11.941 1.00 29.40 ? 192 ASN A CB  1 
ATOM   1043 C  CG  . ASN A 1 144 ? 0.628   -9.934  -12.479 1.00 31.38 ? 192 ASN A CG  1 
ATOM   1044 O  OD1 . ASN A 1 144 ? 0.129   -9.293  -13.409 1.00 37.16 ? 192 ASN A OD1 1 
ATOM   1045 N  ND2 . ASN A 1 144 ? 0.010   -10.938 -11.882 1.00 28.04 ? 192 ASN A ND2 1 
ATOM   1046 N  N   . GLY A 1 145 ? 5.501   -10.640 -12.179 1.00 27.89 ? 193 GLY A N   1 
ATOM   1047 C  CA  . GLY A 1 145 ? 6.875   -10.224 -12.437 1.00 26.32 ? 193 GLY A CA  1 
ATOM   1048 C  C   . GLY A 1 145 ? 7.578   -9.730  -11.194 1.00 24.74 ? 193 GLY A C   1 
ATOM   1049 O  O   . GLY A 1 145 ? 8.678   -9.195  -11.283 1.00 23.48 ? 193 GLY A O   1 
ATOM   1050 N  N   . GLY A 1 146 ? 6.943   -9.904  -10.030 1.00 25.10 ? 194 GLY A N   1 
ATOM   1051 C  CA  . GLY A 1 146 ? 7.521   -9.465  -8.759  1.00 24.60 ? 194 GLY A CA  1 
ATOM   1052 C  C   . GLY A 1 146 ? 7.551   -7.948  -8.635  1.00 24.13 ? 194 GLY A C   1 
ATOM   1053 O  O   . GLY A 1 146 ? 7.027   -7.218  -9.509  1.00 19.44 ? 194 GLY A O   1 
ATOM   1054 N  N   . TRP A 1 147 ? 8.181   -7.482  -7.546  1.00 22.45 ? 195 TRP A N   1 
ATOM   1055 C  CA  . TRP A 1 147 ? 8.394   -6.073  -7.302  1.00 22.61 ? 195 TRP A CA  1 
ATOM   1056 C  C   . TRP A 1 147 ? 9.331   -5.442  -8.353  1.00 24.68 ? 195 TRP A C   1 
ATOM   1057 O  O   . TRP A 1 147 ? 9.288   -4.254  -8.560  1.00 26.21 ? 195 TRP A O   1 
ATOM   1058 C  CB  . TRP A 1 147 ? 8.924   -5.850  -5.881  1.00 23.68 ? 195 TRP A CB  1 
ATOM   1059 C  CG  . TRP A 1 147 ? 7.885   -6.032  -4.836  1.00 23.13 ? 195 TRP A CG  1 
ATOM   1060 C  CD1 . TRP A 1 147 ? 7.719   -7.129  -4.042  1.00 24.94 ? 195 TRP A CD1 1 
ATOM   1061 C  CD2 . TRP A 1 147 ? 6.851   -5.100  -4.472  1.00 25.53 ? 195 TRP A CD2 1 
ATOM   1062 N  NE1 . TRP A 1 147 ? 6.672   -6.933  -3.186  1.00 27.09 ? 195 TRP A NE1 1 
ATOM   1063 C  CE2 . TRP A 1 147 ? 6.116   -5.700  -3.422  1.00 26.11 ? 195 TRP A CE2 1 
ATOM   1064 C  CE3 . TRP A 1 147 ? 6.490   -3.816  -4.899  1.00 23.68 ? 195 TRP A CE3 1 
ATOM   1065 C  CZ2 . TRP A 1 147 ? 5.022   -5.074  -2.838  1.00 25.26 ? 195 TRP A CZ2 1 
ATOM   1066 C  CZ3 . TRP A 1 147 ? 5.416   -3.193  -4.311  1.00 24.06 ? 195 TRP A CZ3 1 
ATOM   1067 C  CH2 . TRP A 1 147 ? 4.694   -3.812  -3.288  1.00 24.59 ? 195 TRP A CH2 1 
ATOM   1068 N  N   . ASP A 1 148 ? 10.143  -6.224  -9.062  1.00 24.19 ? 196 ASP A N   1 
ATOM   1069 C  CA  . ASP A 1 148 ? 10.871  -5.688  -10.223 1.00 23.66 ? 196 ASP A CA  1 
ATOM   1070 C  C   . ASP A 1 148 ? 9.915   -5.093  -11.276 1.00 22.97 ? 196 ASP A C   1 
ATOM   1071 O  O   . ASP A 1 148 ? 10.254  -4.079  -11.923 1.00 22.46 ? 196 ASP A O   1 
ATOM   1072 C  CB  . ASP A 1 148 ? 11.713  -6.767  -10.904 1.00 25.44 ? 196 ASP A CB  1 
ATOM   1073 C  CG  . ASP A 1 148 ? 12.854  -7.291  -10.056 1.00 26.38 ? 196 ASP A CG  1 
ATOM   1074 O  OD1 . ASP A 1 148 ? 13.436  -6.503  -9.323  1.00 24.72 ? 196 ASP A OD1 1 
ATOM   1075 O  OD2 . ASP A 1 148 ? 13.161  -8.488  -10.173 1.00 36.62 ? 196 ASP A OD2 1 
ATOM   1076 N  N   . ALA A 1 149 ? 8.789   -5.765  -11.546 1.00 19.05 ? 197 ALA A N   1 
ATOM   1077 C  CA  . ALA A 1 149 ? 7.907   -5.306  -12.574 1.00 19.77 ? 197 ALA A CA  1 
ATOM   1078 C  C   . ALA A 1 149 ? 7.165   -4.060  -12.073 1.00 19.55 ? 197 ALA A C   1 
ATOM   1079 O  O   . ALA A 1 149 ? 6.782   -3.213  -12.882 1.00 21.59 ? 197 ALA A O   1 
ATOM   1080 C  CB  . ALA A 1 149 ? 6.942   -6.396  -12.990 1.00 22.34 ? 197 ALA A CB  1 
ATOM   1081 N  N   . PHE A 1 150 ? 6.981   -3.941  -10.750 1.00 19.37 ? 198 PHE A N   1 
ATOM   1082 C  CA  . PHE A 1 150 ? 6.378   -2.715  -10.153 1.00 19.86 ? 198 PHE A CA  1 
ATOM   1083 C  C   . PHE A 1 150 ? 7.241   -1.489  -10.482 1.00 19.20 ? 198 PHE A C   1 
ATOM   1084 O  O   . PHE A 1 150 ? 6.762   -0.509  -11.001 1.00 22.26 ? 198 PHE A O   1 
ATOM   1085 C  CB  . PHE A 1 150 ? 6.227   -2.870  -8.634  1.00 19.59 ? 198 PHE A CB  1 
ATOM   1086 C  CG  . PHE A 1 150 ? 5.853   -1.618  -7.893  1.00 19.03 ? 198 PHE A CG  1 
ATOM   1087 C  CD1 . PHE A 1 150 ? 4.576   -1.083  -8.007  1.00 18.39 ? 198 PHE A CD1 1 
ATOM   1088 C  CD2 . PHE A 1 150 ? 6.782   -0.960  -7.106  1.00 18.13 ? 198 PHE A CD2 1 
ATOM   1089 C  CE1 . PHE A 1 150 ? 4.221   0.062   -7.317  1.00 16.85 ? 198 PHE A CE1 1 
ATOM   1090 C  CE2 . PHE A 1 150 ? 6.414   0.186   -6.422  1.00 18.28 ? 198 PHE A CE2 1 
ATOM   1091 C  CZ  . PHE A 1 150 ? 5.141   0.699   -6.541  1.00 18.18 ? 198 PHE A CZ  1 
ATOM   1092 N  N   . VAL A 1 151 ? 8.537   -1.601  -10.179 1.00 21.17 ? 199 VAL A N   1 
ATOM   1093 C  CA  . VAL A 1 151 ? 9.546   -0.575  -10.405 1.00 20.05 ? 199 VAL A CA  1 
ATOM   1094 C  C   . VAL A 1 151 ? 9.615   -0.267  -11.900 1.00 19.62 ? 199 VAL A C   1 
ATOM   1095 O  O   . VAL A 1 151 ? 9.655   0.878   -12.244 1.00 22.38 ? 199 VAL A O   1 
ATOM   1096 C  CB  . VAL A 1 151 ? 10.908  -1.039  -9.863  1.00 20.68 ? 199 VAL A CB  1 
ATOM   1097 C  CG1 . VAL A 1 151 ? 12.026  -0.051  -10.186 1.00 19.67 ? 199 VAL A CG1 1 
ATOM   1098 C  CG2 . VAL A 1 151 ? 10.836  -1.280  -8.363  1.00 20.48 ? 199 VAL A CG2 1 
ATOM   1099 N  N   . GLU A 1 152 ? 9.624   -1.303  -12.756 1.00 21.29 ? 200 GLU A N   1 
ATOM   1100 C  CA  . GLU A 1 152 ? 9.643   -1.127  -14.197 1.00 23.37 ? 200 GLU A CA  1 
ATOM   1101 C  C   . GLU A 1 152 ? 8.427   -0.299  -14.628 1.00 23.63 ? 200 GLU A C   1 
ATOM   1102 O  O   . GLU A 1 152 ? 8.562   0.650   -15.368 1.00 24.81 ? 200 GLU A O   1 
ATOM   1103 C  CB  . GLU A 1 152 ? 9.634   -2.454  -14.957 1.00 23.47 ? 200 GLU A CB  1 
ATOM   1104 C  CG  . GLU A 1 152 ? 9.408   -2.285  -16.466 1.00 22.90 ? 200 GLU A CG  1 
ATOM   1105 C  CD  . GLU A 1 152 ? 9.364   -3.588  -17.248 1.00 23.98 ? 200 GLU A CD  1 
ATOM   1106 O  OE1 . GLU A 1 152 ? 9.305   -4.623  -16.607 1.00 27.03 ? 200 GLU A OE1 1 
ATOM   1107 O  OE2 . GLU A 1 152 ? 9.444   -3.570  -18.469 1.00 24.47 ? 200 GLU A OE2 1 
ATOM   1108 N  N   . LEU A 1 153 ? 7.240   -0.677  -14.161 1.00 21.57 ? 201 LEU A N   1 
ATOM   1109 C  CA  . LEU A 1 153 ? 6.052   0.067   -14.554 1.00 24.42 ? 201 LEU A CA  1 
ATOM   1110 C  C   . LEU A 1 153 ? 6.134   1.512   -14.076 1.00 21.80 ? 201 LEU A C   1 
ATOM   1111 O  O   . LEU A 1 153 ? 5.756   2.415   -14.785 1.00 23.49 ? 201 LEU A O   1 
ATOM   1112 C  CB  . LEU A 1 153 ? 4.810   -0.613  -13.967 1.00 27.73 ? 201 LEU A CB  1 
ATOM   1113 C  CG  . LEU A 1 153 ? 4.299   -1.749  -14.834 1.00 30.49 ? 201 LEU A CG  1 
ATOM   1114 C  CD1 . LEU A 1 153 ? 3.353   -2.658  -14.052 1.00 33.87 ? 201 LEU A CD1 1 
ATOM   1115 C  CD2 . LEU A 1 153 ? 3.635   -1.164  -16.070 1.00 32.95 ? 201 LEU A CD2 1 
ATOM   1116 N  N   . TYR A 1 154 ? 6.624   1.730   -12.858 1.00 22.80 ? 202 TYR A N   1 
ATOM   1117 C  CA  . TYR A 1 154 ? 6.664   3.079   -12.320 1.00 21.95 ? 202 TYR A CA  1 
ATOM   1118 C  C   . TYR A 1 154 ? 7.495   3.962   -13.253 1.00 21.28 ? 202 TYR A C   1 
ATOM   1119 O  O   . TYR A 1 154 ? 7.113   5.079   -13.525 1.00 21.52 ? 202 TYR A O   1 
ATOM   1120 C  CB  . TYR A 1 154 ? 7.209   3.137   -10.896 1.00 21.91 ? 202 TYR A CB  1 
ATOM   1121 C  CG  . TYR A 1 154 ? 7.130   4.525   -10.315 1.00 24.62 ? 202 TYR A CG  1 
ATOM   1122 C  CD1 . TYR A 1 154 ? 5.935   5.011   -9.844  1.00 26.11 ? 202 TYR A CD1 1 
ATOM   1123 C  CD2 . TYR A 1 154 ? 8.211   5.397   -10.342 1.00 27.57 ? 202 TYR A CD2 1 
ATOM   1124 C  CE1 . TYR A 1 154 ? 5.820   6.298   -9.345  1.00 28.02 ? 202 TYR A CE1 1 
ATOM   1125 C  CE2 . TYR A 1 154 ? 8.108   6.699   -9.865  1.00 27.09 ? 202 TYR A CE2 1 
ATOM   1126 C  CZ  . TYR A 1 154 ? 6.907   7.149   -9.361  1.00 28.34 ? 202 TYR A CZ  1 
ATOM   1127 O  OH  . TYR A 1 154 ? 6.753   8.427   -8.901  1.00 27.90 ? 202 TYR A OH  1 
ATOM   1128 N  N   . GLY A 1 155 ? 8.599   3.412   -13.760 1.00 22.01 ? 203 GLY A N   1 
ATOM   1129 C  CA  . GLY A 1 155 ? 9.510   4.165   -14.585 1.00 22.65 ? 203 GLY A CA  1 
ATOM   1130 C  C   . GLY A 1 155 ? 8.863   4.542   -15.899 1.00 23.17 ? 203 GLY A C   1 
ATOM   1131 O  O   . GLY A 1 155 ? 9.170   5.571   -16.415 1.00 22.64 ? 203 GLY A O   1 
ATOM   1132 N  N   . ASN A 1 156 ? 7.932   3.709   -16.389 1.00 24.56 ? 204 ASN A N   1 
ATOM   1133 C  CA  . ASN A 1 156 ? 7.279   3.928   -17.689 1.00 25.42 ? 204 ASN A CA  1 
ATOM   1134 C  C   . ASN A 1 156 ? 6.218   5.032   -17.615 1.00 24.16 ? 204 ASN A C   1 
ATOM   1135 O  O   . ASN A 1 156 ? 5.556   5.218   -16.568 1.00 23.52 ? 204 ASN A O   1 
ATOM   1136 C  CB  . ASN A 1 156 ? 6.673   2.631   -18.206 1.00 27.80 ? 204 ASN A CB  1 
ATOM   1137 C  CG  . ASN A 1 156 ? 7.730   1.745   -18.832 1.00 30.62 ? 204 ASN A CG  1 
ATOM   1138 O  OD1 . ASN A 1 156 ? 8.546   2.209   -19.630 1.00 34.31 ? 204 ASN A OD1 1 
ATOM   1139 N  ND2 . ASN A 1 156 ? 7.757   0.485   -18.442 1.00 28.85 ? 204 ASN A ND2 1 
ATOM   1140 N  N   . ASN A 1 157 ? 6.061   5.777   -18.719 1.00 23.62 ? 205 ASN A N   1 
ATOM   1141 C  CA  . ASN A 1 157 ? 4.908   6.713   -18.883 1.00 27.80 ? 205 ASN A CA  1 
ATOM   1142 C  C   . ASN A 1 157 ? 3.627   5.886   -19.133 1.00 26.15 ? 205 ASN A C   1 
ATOM   1143 O  O   . ASN A 1 157 ? 3.689   4.677   -19.426 1.00 22.86 ? 205 ASN A O   1 
ATOM   1144 C  CB  . ASN A 1 157 ? 5.135   7.778   -19.973 1.00 29.05 ? 205 ASN A CB  1 
ATOM   1145 C  CG  . ASN A 1 157 ? 5.331   7.165   -21.346 1.00 31.43 ? 205 ASN A CG  1 
ATOM   1146 O  OD1 . ASN A 1 157 ? 4.583   6.280   -21.754 1.00 30.38 ? 205 ASN A OD1 1 
ATOM   1147 N  ND2 . ASN A 1 157 ? 6.366   7.601   -22.053 1.00 35.81 ? 205 ASN A ND2 1 
ATOM   1148 N  N   . ALA A 1 158 ? 2.463   6.549   -19.014 1.00 24.53 ? 206 ALA A N   1 
ATOM   1149 C  CA  . ALA A 1 158 ? 1.167   5.865   -19.063 1.00 24.34 ? 206 ALA A CA  1 
ATOM   1150 C  C   . ALA A 1 158 ? 1.041   5.041   -20.353 1.00 24.49 ? 206 ALA A C   1 
ATOM   1151 O  O   . ALA A 1 158 ? 0.514   3.893   -20.327 1.00 25.28 ? 206 ALA A O   1 
ATOM   1152 C  CB  . ALA A 1 158 ? 0.043   6.864   -18.943 1.00 23.97 ? 206 ALA A CB  1 
ATOM   1153 N  N   . ALA A 1 159 ? 1.509   5.615   -21.479 1.00 23.58 ? 207 ALA A N   1 
ATOM   1154 C  CA  . ALA A 1 159 ? 1.377   4.938   -22.797 1.00 23.92 ? 207 ALA A CA  1 
ATOM   1155 C  C   . ALA A 1 159 ? 2.259   3.680   -22.818 1.00 24.94 ? 207 ALA A C   1 
ATOM   1156 O  O   . ALA A 1 159 ? 1.802   2.601   -23.243 1.00 25.73 ? 207 ALA A O   1 
ATOM   1157 C  CB  . ALA A 1 159 ? 1.675   5.902   -23.921 1.00 24.97 ? 207 ALA A CB  1 
ATOM   1158 N  N   . ALA A 1 160 ? 3.491   3.805   -22.307 1.00 25.10 ? 208 ALA A N   1 
ATOM   1159 C  CA  . ALA A 1 160 ? 4.409   2.664   -22.167 1.00 26.91 ? 208 ALA A CA  1 
ATOM   1160 C  C   . ALA A 1 160 ? 3.794   1.593   -21.234 1.00 26.80 ? 208 ALA A C   1 
ATOM   1161 O  O   . ALA A 1 160 ? 3.857   0.411   -21.523 1.00 22.32 ? 208 ALA A O   1 
ATOM   1162 C  CB  . ALA A 1 160 ? 5.755   3.151   -21.660 1.00 30.76 ? 208 ALA A CB  1 
ATOM   1163 N  N   . GLU A 1 161 ? 3.168   2.017   -20.126 1.00 24.05 ? 209 GLU A N   1 
ATOM   1164 C  CA  . GLU A 1 161 ? 2.621   1.083   -19.125 1.00 23.63 ? 209 GLU A CA  1 
ATOM   1165 C  C   . GLU A 1 161 ? 1.480   0.259   -19.728 1.00 24.36 ? 209 GLU A C   1 
ATOM   1166 O  O   . GLU A 1 161 ? 1.404   -0.948  -19.503 1.00 23.94 ? 209 GLU A O   1 
ATOM   1167 C  CB  . GLU A 1 161 ? 2.095   1.809   -17.888 1.00 23.65 ? 209 GLU A CB  1 
ATOM   1168 C  CG  . GLU A 1 161 ? 3.168   2.497   -17.066 1.00 24.07 ? 209 GLU A CG  1 
ATOM   1169 C  CD  . GLU A 1 161 ? 2.665   3.411   -15.951 1.00 24.85 ? 209 GLU A CD  1 
ATOM   1170 O  OE1 . GLU A 1 161 ? 1.493   3.819   -16.044 1.00 24.35 ? 209 GLU A OE1 1 
ATOM   1171 O  OE2 . GLU A 1 161 ? 3.459   3.709   -14.988 1.00 20.54 ? 209 GLU A OE2 1 
ATOM   1172 N  N   . SER A 1 162 ? 0.575   0.921   -20.441 1.00 24.02 ? 210 SER A N   1 
ATOM   1173 C  CA  . SER A 1 162 ? -0.516  0.233   -21.152 1.00 26.28 ? 210 SER A CA  1 
ATOM   1174 C  C   . SER A 1 162 ? 0.046   -0.770  -22.190 1.00 29.85 ? 210 SER A C   1 
ATOM   1175 O  O   . SER A 1 162 ? -0.496  -1.888  -22.360 1.00 27.61 ? 210 SER A O   1 
ATOM   1176 C  CB  . SER A 1 162 ? -1.440  1.256   -21.794 1.00 26.11 ? 210 SER A CB  1 
ATOM   1177 O  OG  . SER A 1 162 ? -2.147  1.970   -20.796 1.00 26.36 ? 210 SER A OG  1 
ATOM   1178 N  N   . ARG A 1 163 ? 1.133   -0.368  -22.881 1.00 32.07 ? 211 ARG A N   1 
ATOM   1179 C  CA  . ARG A 1 163 ? 1.834   -1.155  -23.892 1.00 32.90 ? 211 ARG A CA  1 
ATOM   1180 C  C   . ARG A 1 163 ? 2.484   -2.404  -23.285 1.00 36.19 ? 211 ARG A C   1 
ATOM   1181 O  O   . ARG A 1 163 ? 2.313   -3.477  -23.822 1.00 39.41 ? 211 ARG A O   1 
ATOM   1182 C  CB  . ARG A 1 163 ? 2.897   -0.328  -24.628 1.00 37.45 ? 211 ARG A CB  1 
ATOM   1183 C  CG  . ARG A 1 163 ? 2.610   -0.121  -26.110 1.00 37.22 ? 211 ARG A CG  1 
ATOM   1184 C  CD  . ARG A 1 163 ? 3.783   0.467   -26.884 1.00 38.33 ? 211 ARG A CD  1 
ATOM   1185 N  NE  . ARG A 1 163 ? 4.437   1.578   -26.199 1.00 37.89 ? 211 ARG A NE  1 
ATOM   1186 C  CZ  . ARG A 1 163 ? 4.053   2.854   -26.279 1.00 41.32 ? 211 ARG A CZ  1 
ATOM   1187 N  NH1 . ARG A 1 163 ? 2.990   3.203   -26.990 1.00 35.68 ? 211 ARG A NH1 1 
ATOM   1188 N  NH2 . ARG A 1 163 ? 4.759   3.786   -25.667 1.00 45.29 ? 211 ARG A NH2 1 
ATOM   1189 N  N   . LYS A 1 164 ? 3.227   -2.284  -22.184 1.00 36.96 ? 212 LYS A N   1 
ATOM   1190 C  CA  . LYS A 1 164 ? 3.906   -3.464  -21.604 1.00 43.00 ? 212 LYS A CA  1 
ATOM   1191 C  C   . LYS A 1 164 ? 2.844   -4.407  -21.003 1.00 41.53 ? 212 LYS A C   1 
ATOM   1192 O  O   . LYS A 1 164 ? 3.057   -5.606  -20.946 1.00 39.21 ? 212 LYS A O   1 
ATOM   1193 C  CB  . LYS A 1 164 ? 4.966   -3.075  -20.559 1.00 47.81 ? 212 LYS A CB  1 
ATOM   1194 C  CG  . LYS A 1 164 ? 5.656   -1.730  -20.787 1.00 54.49 ? 212 LYS A CG  1 
ATOM   1195 C  CD  . LYS A 1 164 ? 7.060   -1.745  -21.363 1.00 53.36 ? 212 LYS A CD  1 
ATOM   1196 C  CE  . LYS A 1 164 ? 8.103   -2.093  -20.319 1.00 54.25 ? 212 LYS A CE  1 
ATOM   1197 N  NZ  . LYS A 1 164 ? 9.323   -1.252  -20.380 1.00 47.36 ? 212 LYS A NZ  1 
ATOM   1198 N  N   . GLY A 1 165 ? 1.709   -3.854  -20.542 1.00 36.92 ? 213 GLY A N   1 
ATOM   1199 C  CA  . GLY A 1 165 ? 0.601   -4.659  -20.029 1.00 34.43 ? 213 GLY A CA  1 
ATOM   1200 C  C   . GLY A 1 165 ? 0.063   -5.602  -21.097 1.00 34.09 ? 213 GLY A C   1 
ATOM   1201 O  O   . GLY A 1 165 ? -0.050  -6.803  -20.864 1.00 31.01 ? 213 GLY A O   1 
ATOM   1202 N  N   . GLN A 1 166 ? -0.203  -5.063  -22.293 1.00 31.93 ? 214 GLN A N   1 
ATOM   1203 C  CA  . GLN A 1 166 ? -0.686  -5.877  -23.397 1.00 36.37 ? 214 GLN A CA  1 
ATOM   1204 C  C   . GLN A 1 166 ? 0.410   -6.843  -23.905 1.00 40.28 ? 214 GLN A C   1 
ATOM   1205 O  O   . GLN A 1 166 ? 0.074   -7.942  -24.363 1.00 37.01 ? 214 GLN A O   1 
ATOM   1206 C  CB  . GLN A 1 166 ? -1.250  -4.989  -24.506 1.00 35.80 ? 214 GLN A CB  1 
ATOM   1207 C  CG  . GLN A 1 166 ? -2.572  -4.313  -24.135 1.00 38.46 ? 214 GLN A CG  1 
ATOM   1208 C  CD  . GLN A 1 166 ? -3.535  -5.247  -23.433 1.00 37.92 ? 214 GLN A CD  1 
ATOM   1209 O  OE1 . GLN A 1 166 ? -3.807  -6.346  -23.892 1.00 36.63 ? 214 GLN A OE1 1 
ATOM   1210 N  NE2 . GLN A 1 166 ? -4.029  -4.826  -22.281 1.00 35.29 ? 214 GLN A NE2 1 
ATOM   1211 N  N   . GLU A 1 167 ? 1.696   -6.459  -23.803 1.00 42.02 ? 215 GLU A N   1 
ATOM   1212 C  CA  . GLU A 1 167 ? 2.825   -7.296  -24.249 1.00 42.64 ? 215 GLU A CA  1 
ATOM   1213 C  C   . GLU A 1 167 ? 3.023   -8.445  -23.245 1.00 43.37 ? 215 GLU A C   1 
ATOM   1214 O  O   . GLU A 1 167 ? 3.281   -9.580  -23.651 1.00 45.08 ? 215 GLU A O   1 
ATOM   1215 C  CB  . GLU A 1 167 ? 4.105   -6.463  -24.447 1.00 46.65 ? 215 GLU A CB  1 
ATOM   1216 C  CG  . GLU A 1 167 ? 4.058   -5.466  -25.621 1.00 48.71 ? 215 GLU A CG  1 
ATOM   1217 C  CD  . GLU A 1 167 ? 5.087   -4.326  -25.606 1.00 52.79 ? 215 GLU A CD  1 
ATOM   1218 O  OE1 . GLU A 1 167 ? 5.856   -4.218  -24.610 1.00 53.96 ? 215 GLU A OE1 1 
ATOM   1219 O  OE2 . GLU A 1 167 ? 5.125   -3.534  -26.583 1.00 51.32 ? 215 GLU A OE2 1 
ATOM   1220 N  N   . ARG A 1 168 ? 2.880   -8.160  -21.942 1.00 40.69 ? 216 ARG A N   1 
ATOM   1221 C  CA  . ARG A 1 168 ? 3.000   -9.181  -20.909 1.00 41.59 ? 216 ARG A CA  1 
ATOM   1222 C  C   . ARG A 1 168 ? 1.832   -10.174 -21.064 1.00 44.24 ? 216 ARG A C   1 
ATOM   1223 O  O   . ARG A 1 168 ? 2.032   -11.385 -20.883 1.00 42.14 ? 216 ARG A O   1 
ATOM   1224 C  CB  . ARG A 1 168 ? 3.076   -8.572  -19.497 1.00 43.58 ? 216 ARG A CB  1 
ATOM   1225 C  CG  . ARG A 1 168 ? 3.121   -9.599  -18.364 1.00 46.00 ? 216 ARG A CG  1 
ATOM   1226 C  CD  . ARG A 1 168 ? 3.066   -9.065  -16.925 1.00 44.45 ? 216 ARG A CD  1 
ATOM   1227 N  NE  . ARG A 1 168 ? 4.322   -8.448  -16.499 1.00 45.47 ? 216 ARG A NE  1 
ATOM   1228 C  CZ  . ARG A 1 168 ? 5.421   -9.115  -16.126 1.00 43.29 ? 216 ARG A CZ  1 
ATOM   1229 N  NH1 . ARG A 1 168 ? 5.408   -10.432 -15.990 1.00 44.95 ? 216 ARG A NH1 1 
ATOM   1230 N  NH2 . ARG A 1 168 ? 6.543   -8.462  -15.909 1.00 39.21 ? 216 ARG A NH2 1 
ATOM   1231 N  N   . PHE A 1 169 ? 0.635   -9.682  -21.424 1.00 36.71 ? 217 PHE A N   1 
ATOM   1232 C  CA  . PHE A 1 169 ? -0.525  -10.576 -21.622 1.00 38.51 ? 217 PHE A CA  1 
ATOM   1233 C  C   . PHE A 1 169 ? -0.240  -11.543 -22.777 1.00 37.23 ? 217 PHE A C   1 
ATOM   1234 O  O   . PHE A 1 169 ? -0.449  -12.739 -22.627 1.00 40.84 ? 217 PHE A O   1 
ATOM   1235 C  CB  . PHE A 1 169 ? -1.837  -9.829  -21.892 1.00 37.58 ? 217 PHE A CB  1 
ATOM   1236 C  CG  . PHE A 1 169 ? -3.037  -10.747 -21.933 1.00 38.73 ? 217 PHE A CG  1 
ATOM   1237 C  CD1 . PHE A 1 169 ? -3.308  -11.533 -23.052 1.00 39.85 ? 217 PHE A CD1 1 
ATOM   1238 C  CD2 . PHE A 1 169 ? -3.880  -10.861 -20.839 1.00 38.29 ? 217 PHE A CD2 1 
ATOM   1239 C  CE1 . PHE A 1 169 ? -4.382  -12.408 -23.070 1.00 38.09 ? 217 PHE A CE1 1 
ATOM   1240 C  CE2 . PHE A 1 169 ? -4.967  -11.720 -20.867 1.00 34.71 ? 217 PHE A CE2 1 
ATOM   1241 C  CZ  . PHE A 1 169 ? -5.216  -12.490 -21.979 1.00 37.61 ? 217 PHE A CZ  1 
ATOM   1242 N  N   . LEU A 1 170 ? 0.230   -10.995 -23.904 1.00 41.52 ? 218 LEU A N   1 
ATOM   1243 C  CA  . LEU A 1 170 ? 0.529   -11.758 -25.125 1.00 47.43 ? 218 LEU A CA  1 
ATOM   1244 C  C   . LEU A 1 170 ? 1.690   -12.743 -24.871 1.00 54.63 ? 218 LEU A C   1 
ATOM   1245 O  O   . LEU A 1 170 ? 1.653   -13.860 -25.385 1.00 60.67 ? 218 LEU A O   1 
ATOM   1246 C  CB  . LEU A 1 170 ? 0.822   -10.774 -26.258 1.00 48.35 ? 218 LEU A CB  1 
ATOM   1247 C  CG  . LEU A 1 170 ? 0.534   -11.275 -27.673 1.00 53.83 ? 218 LEU A CG  1 
ATOM   1248 C  CD1 . LEU A 1 170 ? -0.956  -11.268 -27.972 1.00 54.14 ? 218 LEU A CD1 1 
ATOM   1249 C  CD2 . LEU A 1 170 ? 1.275   -10.437 -28.709 1.00 56.88 ? 218 LEU A CD2 1 
ATOM   1250 N  N   . GLU A 1 171 ? 2.669   -12.358 -24.035 1.00 54.28 ? 219 GLU A N   1 
ATOM   1251 C  CA  . GLU A 1 171 ? 3.755   -13.257 -23.578 1.00 57.21 ? 219 GLU A CA  1 
ATOM   1252 C  C   . GLU A 1 171 ? 3.170   -14.489 -22.879 1.00 57.84 ? 219 GLU A C   1 
ATOM   1253 O  O   . GLU A 1 171 ? 3.230   -15.576 -23.419 1.00 61.73 ? 219 GLU A O   1 
ATOM   1254 C  CB  . GLU A 1 171 ? 4.732   -12.566 -22.619 1.00 55.83 ? 219 GLU A CB  1 
ATOM   1255 N  N   . HIS A 1 172 ? 2.648   -14.304 -21.663 1.00 60.97 ? 220 HIS A N   1 
ATOM   1256 C  CA  . HIS A 1 172 ? 2.226   -15.392 -20.794 1.00 63.55 ? 220 HIS A CA  1 
ATOM   1257 C  C   . HIS A 1 172 ? 1.177   -14.855 -19.815 1.00 63.64 ? 220 HIS A C   1 
ATOM   1258 O  O   . HIS A 1 172 ? 0.273   -15.570 -19.421 1.00 63.98 ? 220 HIS A O   1 
ATOM   1259 C  CB  . HIS A 1 172 ? 3.440   -16.013 -20.072 1.00 63.15 ? 220 HIS A CB  1 
HETATM 1260 C  C4  . 1XJ B 2 .   ? -8.044  3.061   -0.880  1.00 24.04 ? 401 1XJ A C4  1 
HETATM 1261 C  C5  . 1XJ B 2 .   ? -9.547  4.932   -0.671  1.00 25.13 ? 401 1XJ A C5  1 
HETATM 1262 C  C6  . 1XJ B 2 .   ? -5.910  3.729   -10.041 1.00 24.57 ? 401 1XJ A C6  1 
HETATM 1263 C  C7  . 1XJ B 2 .   ? -5.553  1.522   -9.166  1.00 22.59 ? 401 1XJ A C7  1 
HETATM 1264 C  C8  . 1XJ B 2 .   ? -6.848  3.957   -9.011  1.00 24.48 ? 401 1XJ A C8  1 
HETATM 1265 C  C10 . 1XJ B 2 .   ? -0.197  3.888   -12.985 1.00 22.39 ? 401 1XJ A C10 1 
HETATM 1266 C  C13 . 1XJ B 2 .   ? -1.263  2.981   -13.076 1.00 20.87 ? 401 1XJ A C13 1 
HETATM 1267 C  C15 . 1XJ B 2 .   ? -8.538  5.680   -0.056  1.00 23.56 ? 401 1XJ A C15 1 
HETATM 1268 C  C17 . 1XJ B 2 .   ? -9.291  3.641   -1.120  1.00 23.51 ? 401 1XJ A C17 1 
HETATM 1269 C  C20 . 1XJ B 2 .   ? 0.795   3.689   -12.017 1.00 23.28 ? 401 1XJ A C20 1 
HETATM 1270 C  C21 . 1XJ B 2 .   ? -0.046  6.189   -9.873  1.00 31.77 ? 401 1XJ A C21 1 
HETATM 1271 C  C22 . 1XJ B 2 .   ? -1.369  1.931   -12.144 1.00 21.60 ? 401 1XJ A C22 1 
HETATM 1272 C  C24 . 1XJ B 2 .   ? -7.281  5.129   0.111   1.00 24.07 ? 401 1XJ A C24 1 
HETATM 1273 C  C26 . 1XJ B 2 .   ? -11.023 3.105   -2.904  1.00 22.59 ? 401 1XJ A C26 1 
HETATM 1274 C  C28 . 1XJ B 2 .   ? -10.989 1.643   -0.797  1.00 24.54 ? 401 1XJ A C28 1 
HETATM 1275 C  C1  . 1XJ B 2 .   ? -1.981  4.572   -8.660  1.00 29.80 ? 401 1XJ A C1  1 
HETATM 1276 C  C2  . 1XJ B 2 .   ? -0.718  4.701   -8.081  1.00 28.70 ? 401 1XJ A C2  1 
HETATM 1277 C  C3  . 1XJ B 2 .   ? -2.284  5.275   -9.843  1.00 31.37 ? 401 1XJ A C3  1 
HETATM 1278 C  C9  . 1XJ B 2 .   ? -6.490  1.739   -8.167  1.00 20.99 ? 401 1XJ A C9  1 
HETATM 1279 C  C11 . 1XJ B 2 .   ? 0.238   5.503   -8.675  1.00 28.06 ? 401 1XJ A C11 1 
HETATM 1280 C  C12 . 1XJ B 2 .   ? -1.314  6.093   -10.441 1.00 31.53 ? 401 1XJ A C12 1 
HETATM 1281 C  C14 . 1XJ B 2 .   ? -7.037  3.798   -0.283  1.00 22.38 ? 401 1XJ A C14 1 
HETATM 1282 C  C16 . 1XJ B 2 .   ? -0.344  1.705   -11.239 1.00 22.29 ? 401 1XJ A C16 1 
HETATM 1283 C  C18 . 1XJ B 2 .   ? -5.292  2.510   -10.133 1.00 22.35 ? 401 1XJ A C18 1 
HETATM 1284 C  C19 . 1XJ B 2 .   ? -7.087  2.968   -8.049  1.00 22.05 ? 401 1XJ A C19 1 
HETATM 1285 C  C23 . 1XJ B 2 .   ? 0.679   2.607   -11.112 1.00 23.70 ? 401 1XJ A C23 1 
HETATM 1286 C  C25 . 1XJ B 2 .   ? -10.427 2.791   -1.687  1.00 23.48 ? 401 1XJ A C25 1 
HETATM 1287 C  C27 . 1XJ B 2 .   ? -4.275  2.216   -11.251 1.00 21.68 ? 401 1XJ A C27 1 
HETATM 1288 C  C29 . 1XJ B 2 .   ? -12.198 2.216   -3.503  1.00 24.35 ? 401 1XJ A C29 1 
HETATM 1289 C  C30 . 1XJ B 2 .   ? -11.711 0.615   -1.660  1.00 27.78 ? 401 1XJ A C30 1 
HETATM 1290 C  C31 . 1XJ B 2 .   ? -8.993  4.257   -7.280  1.00 24.06 ? 401 1XJ A C31 1 
HETATM 1291 C  C32 . 1XJ B 2 .   ? -8.288  2.106   -6.098  1.00 23.92 ? 401 1XJ A C32 1 
HETATM 1292 C  C33 . 1XJ B 2 .   ? -9.457  4.781   -5.913  1.00 25.14 ? 401 1XJ A C33 1 
HETATM 1293 C  C34 . 1XJ B 2 .   ? -8.865  2.698   -4.794  1.00 22.51 ? 401 1XJ A C34 1 
HETATM 1294 C  C35 . 1XJ B 2 .   ? 5.870   8.070   -12.717 1.00 30.92 ? 401 1XJ A C35 1 
HETATM 1295 C  C36 . 1XJ B 2 .   ? 5.696   8.077   -15.129 1.00 26.39 ? 401 1XJ A C36 1 
HETATM 1296 C  C37 . 1XJ B 2 .   ? 7.378   8.292   -12.827 1.00 30.60 ? 401 1XJ A C37 1 
HETATM 1297 C  C38 . 1XJ B 2 .   ? 7.190   8.223   -15.269 1.00 27.70 ? 401 1XJ A C38 1 
HETATM 1298 C  C39 . 1XJ B 2 .   ? -12.810 1.310   -2.426  1.00 28.31 ? 401 1XJ A C39 1 
HETATM 1299 C  C40 . 1XJ B 2 .   ? -13.615 2.151   -1.488  1.00 30.40 ? 401 1XJ A C40 1 
HETATM 1300 C  C41 . 1XJ B 2 .   ? -13.725 0.260   -3.073  1.00 29.25 ? 401 1XJ A C41 1 
HETATM 1301 C  C42 . 1XJ B 2 .   ? -10.433 4.223   -3.780  1.00 23.78 ? 401 1XJ A C42 1 
HETATM 1302 C  C43 . 1XJ B 2 .   ? 3.584   6.142   -12.720 1.00 25.76 ? 401 1XJ A C43 1 
HETATM 1303 C  C44 . 1XJ B 2 .   ? 3.933   7.170   -13.795 1.00 26.74 ? 401 1XJ A C44 1 
HETATM 1304 C  C45 . 1XJ B 2 .   ? 1.119   6.861   -12.375 1.00 27.84 ? 401 1XJ A C45 1 
HETATM 1305 C  C46 . 1XJ B 2 .   ? 2.049   5.691   -12.799 1.00 26.79 ? 401 1XJ A C46 1 
HETATM 1306 C  C47 . 1XJ B 2 .   ? 3.194   1.374   -10.897 1.00 27.07 ? 401 1XJ A C47 1 
HETATM 1307 N  N48 . 1XJ B 2 .   ? -8.007  3.180   -7.087  1.00 22.65 ? 401 1XJ A N48 1 
HETATM 1308 N  N51 . 1XJ B 2 .   ? 1.852   4.577   -11.880 1.00 25.91 ? 401 1XJ A N51 1 
HETATM 1309 N  N52 . 1XJ B 2 .   ? -3.669  1.073   -11.250 1.00 22.75 ? 401 1XJ A N52 1 
HETATM 1310 N  N49 . 1XJ B 2 .   ? -9.968  3.653   -5.083  1.00 22.54 ? 401 1XJ A N49 1 
HETATM 1311 N  N50 . 1XJ B 2 .   ? 5.382   7.322   -13.898 1.00 27.53 ? 401 1XJ A N50 1 
HETATM 1312 O  O53 . 1XJ B 2 .   ? -4.008  3.057   -12.109 1.00 18.85 ? 401 1XJ A O53 1 
HETATM 1313 O  O54 . 1XJ B 2 .   ? 1.471   1.308   -8.972  1.00 23.18 ? 401 1XJ A O54 1 
HETATM 1314 O  O55 . 1XJ B 2 .   ? 2.584   3.449   -9.443  1.00 21.02 ? 401 1XJ A O55 1 
HETATM 1315 O  O56 . 1XJ B 2 .   ? -3.206  0.749   -13.707 1.00 21.98 ? 401 1XJ A O56 1 
HETATM 1316 O  O57 . 1XJ B 2 .   ? -2.025  -0.592  -11.963 1.00 18.90 ? 401 1XJ A O57 1 
HETATM 1317 O  O58 . 1XJ B 2 .   ? 7.724   8.956   -14.088 1.00 31.07 ? 401 1XJ A O58 1 
HETATM 1318 F  F59 . 1XJ B 2 .   ? 2.745   0.137   -11.210 1.00 27.84 ? 401 1XJ A F59 1 
HETATM 1319 F  F60 . 1XJ B 2 .   ? 3.457   2.062   -12.046 1.00 23.32 ? 401 1XJ A F60 1 
HETATM 1320 F  F61 . 1XJ B 2 .   ? 4.288   1.267   -10.136 1.00 30.46 ? 401 1XJ A F61 1 
HETATM 1321 S  S62 . 1XJ B 2 .   ? 1.201   7.246   -10.587 1.00 30.51 ? 401 1XJ A S62 1 
HETATM 1322 S  S63 . 1XJ B 2 .   ? 1.913   2.257   -10.017 1.00 23.24 ? 401 1XJ A S63 1 
HETATM 1323 S  S64 . 1XJ B 2 .   ? -2.607  0.722   -12.298 1.00 21.52 ? 401 1XJ A S64 1 
HETATM 1324 CL CL6 . 1XJ B 2 .   ? -6.048  6.035   0.897   1.00 24.46 ? 401 1XJ A CL6 1 
HETATM 1325 O  O   . HOH C 3 .   ? -8.220  11.521  13.668  1.00 17.85 ? 501 HOH A O   1 
HETATM 1326 O  O   . HOH C 3 .   ? 9.797   -14.865 -4.354  1.00 46.97 ? 502 HOH A O   1 
HETATM 1327 O  O   . HOH C 3 .   ? -11.574 -8.684  -1.913  1.00 32.46 ? 503 HOH A O   1 
HETATM 1328 O  O   . HOH C 3 .   ? -12.492 1.587   12.921  1.00 56.01 ? 504 HOH A O   1 
HETATM 1329 O  O   . HOH C 3 .   ? -9.879  7.442   12.204  1.00 29.60 ? 505 HOH A O   1 
HETATM 1330 O  O   . HOH C 3 .   ? 5.411   5.839   -24.669 1.00 46.55 ? 506 HOH A O   1 
HETATM 1331 O  O   . HOH C 3 .   ? 8.622   7.754   11.550  1.00 49.67 ? 507 HOH A O   1 
HETATM 1332 O  O   . HOH C 3 .   ? -11.568 9.687   11.035  1.00 31.54 ? 508 HOH A O   1 
HETATM 1333 O  O   . HOH C 3 .   ? 2.713   -0.422  17.896  1.00 39.87 ? 509 HOH A O   1 
HETATM 1334 O  O   . HOH C 3 .   ? 10.396  0.152   13.661  1.00 36.38 ? 510 HOH A O   1 
HETATM 1335 O  O   . HOH C 3 .   ? -3.724  14.132  -1.145  1.00 38.02 ? 511 HOH A O   1 
HETATM 1336 O  O   . HOH C 3 .   ? 3.390   -6.610  -13.631 1.00 23.16 ? 512 HOH A O   1 
HETATM 1337 O  O   . HOH C 3 .   ? -14.423 7.261   -4.418  1.00 41.78 ? 513 HOH A O   1 
HETATM 1338 O  O   . HOH C 3 .   ? -12.835 14.559  3.910   1.00 34.66 ? 514 HOH A O   1 
HETATM 1339 O  O   . HOH C 3 .   ? -4.322  -14.433 5.976   1.00 40.78 ? 515 HOH A O   1 
HETATM 1340 O  O   . HOH C 3 .   ? 14.364  6.533   -1.366  1.00 51.58 ? 516 HOH A O   1 
HETATM 1341 O  O   . HOH C 3 .   ? -13.567 3.170   10.929  1.00 41.17 ? 517 HOH A O   1 
HETATM 1342 O  O   . HOH C 3 .   ? -4.500  14.536  17.886  1.00 29.01 ? 518 HOH A O   1 
HETATM 1343 O  O   . HOH C 3 .   ? 10.204  -9.046  -13.408 1.00 30.74 ? 519 HOH A O   1 
HETATM 1344 O  O   . HOH C 3 .   ? -15.020 3.697   8.723   1.00 37.58 ? 520 HOH A O   1 
HETATM 1345 O  O   . HOH C 3 .   ? -15.696 1.616   2.040   1.00 26.24 ? 521 HOH A O   1 
HETATM 1346 O  O   . HOH C 3 .   ? 6.374   -4.073  -15.365 1.00 42.31 ? 522 HOH A O   1 
HETATM 1347 O  O   . HOH C 3 .   ? 11.922  5.446   -7.726  1.00 20.97 ? 523 HOH A O   1 
HETATM 1348 O  O   . HOH C 3 .   ? -1.571  3.902   -18.668 1.00 23.05 ? 524 HOH A O   1 
HETATM 1349 O  O   . HOH C 3 .   ? 8.242   2.374   0.871   1.00 32.19 ? 525 HOH A O   1 
HETATM 1350 O  O   . HOH C 3 .   ? -0.955  6.947   3.515   1.00 23.58 ? 526 HOH A O   1 
HETATM 1351 O  O   . HOH C 3 .   ? 7.134   2.593   -25.282 1.00 50.41 ? 527 HOH A O   1 
HETATM 1352 O  O   . HOH C 3 .   ? 4.028   7.205   0.267   1.00 30.88 ? 528 HOH A O   1 
HETATM 1353 O  O   . HOH C 3 .   ? 8.044   -12.137 -6.900  1.00 39.60 ? 529 HOH A O   1 
HETATM 1354 O  O   . HOH C 3 .   ? 3.813   -5.782  13.788  1.00 35.93 ? 530 HOH A O   1 
HETATM 1355 O  O   . HOH C 3 .   ? 10.694  1.586   -16.734 1.00 15.97 ? 531 HOH A O   1 
HETATM 1356 O  O   . HOH C 3 .   ? -9.976  14.321  5.865   1.00 39.40 ? 532 HOH A O   1 
HETATM 1357 O  O   . HOH C 3 .   ? -4.476  -9.540  7.150   1.00 24.68 ? 533 HOH A O   1 
HETATM 1358 O  O   . HOH C 3 .   ? 17.008  8.835   -4.872  1.00 37.14 ? 534 HOH A O   1 
HETATM 1359 O  O   . HOH C 3 .   ? -16.012 12.218  10.446  1.00 19.54 ? 535 HOH A O   1 
HETATM 1360 O  O   . HOH C 3 .   ? -6.431  14.501  0.198   1.00 31.62 ? 536 HOH A O   1 
HETATM 1361 O  O   . HOH C 3 .   ? 12.834  -3.395  -12.542 1.00 22.57 ? 537 HOH A O   1 
HETATM 1362 O  O   . HOH C 3 .   ? -0.769  7.950   -15.391 1.00 36.25 ? 538 HOH A O   1 
HETATM 1363 O  O   . HOH C 3 .   ? -0.428  2.698   -24.838 1.00 26.63 ? 539 HOH A O   1 
HETATM 1364 O  O   . HOH C 3 .   ? 8.720   -0.004  1.767   1.00 24.87 ? 540 HOH A O   1 
HETATM 1365 O  O   . HOH C 3 .   ? -10.057 -4.785  -8.039  1.00 58.52 ? 541 HOH A O   1 
HETATM 1366 O  O   . HOH C 3 .   ? 11.009  -9.226  -8.554  1.00 28.76 ? 542 HOH A O   1 
HETATM 1367 O  O   . HOH C 3 .   ? -10.065 -4.400  15.960  1.00 19.15 ? 543 HOH A O   1 
HETATM 1368 O  O   . HOH C 3 .   ? -2.249  -13.620 -4.831  1.00 25.61 ? 544 HOH A O   1 
HETATM 1369 O  O   . HOH C 3 .   ? -0.681  6.428   21.843  1.00 23.56 ? 545 HOH A O   1 
HETATM 1370 O  O   . HOH C 3 .   ? -15.533 -0.813  10.477  1.00 45.74 ? 546 HOH A O   1 
HETATM 1371 O  O   . HOH C 3 .   ? -1.272  4.508   -16.317 1.00 29.43 ? 547 HOH A O   1 
HETATM 1372 O  O   . HOH C 3 .   ? 7.960   4.975   -20.709 1.00 21.78 ? 548 HOH A O   1 
HETATM 1373 O  O   . HOH C 3 .   ? -5.249  12.646  26.117  1.00 24.30 ? 549 HOH A O   1 
HETATM 1374 O  O   . HOH C 3 .   ? 6.262   11.123  -5.893  1.00 40.60 ? 550 HOH A O   1 
HETATM 1375 O  O   . HOH C 3 .   ? 7.908   -11.088 4.326   1.00 38.85 ? 551 HOH A O   1 
HETATM 1376 O  O   . HOH C 3 .   ? -14.511 0.102   20.014  1.00 37.11 ? 552 HOH A O   1 
HETATM 1377 O  O   . HOH C 3 .   ? -12.324 -5.071  14.702  1.00 22.43 ? 553 HOH A O   1 
HETATM 1378 O  O   . HOH C 3 .   ? 11.438  1.848   -19.532 1.00 41.39 ? 554 HOH A O   1 
HETATM 1379 O  O   . HOH C 3 .   ? -9.752  -9.748  -0.301  1.00 35.14 ? 555 HOH A O   1 
HETATM 1380 O  O   . HOH C 3 .   ? 1.931   8.528   -21.834 1.00 19.83 ? 556 HOH A O   1 
HETATM 1381 O  O   . HOH C 3 .   ? -12.008 0.150   21.485  1.00 24.02 ? 557 HOH A O   1 
HETATM 1382 O  O   . HOH C 3 .   ? 10.678  -6.317  -14.578 1.00 31.69 ? 558 HOH A O   1 
HETATM 1383 O  O   . HOH C 3 .   ? 14.647  -4.674  -11.352 1.00 38.72 ? 559 HOH A O   1 
HETATM 1384 O  O   . HOH C 3 .   ? 12.566  -10.070 -12.656 1.00 35.11 ? 560 HOH A O   1 
HETATM 1385 O  O   . HOH C 3 .   ? 3.824   -5.488  -16.726 1.00 28.81 ? 561 HOH A O   1 
HETATM 1386 O  O   . HOH C 3 .   ? -12.895 0.128   -6.817  1.00 34.49 ? 562 HOH A O   1 
HETATM 1387 O  O   . HOH C 3 .   ? -6.554  -10.563 -9.953  1.00 33.54 ? 563 HOH A O   1 
HETATM 1388 O  O   . HOH C 3 .   ? 16.511  4.092   -4.906  1.00 50.89 ? 564 HOH A O   1 
HETATM 1389 O  O   . HOH C 3 .   ? 2.999   9.079   -17.423 1.00 22.61 ? 565 HOH A O   1 
HETATM 1390 O  O   . HOH C 3 .   ? -2.804  -7.299  16.097  1.00 43.77 ? 566 HOH A O   1 
HETATM 1391 O  O   . HOH C 3 .   ? 13.590  9.670   -7.783  1.00 36.14 ? 567 HOH A O   1 
HETATM 1392 O  O   . HOH C 3 .   ? 0.163   -15.839 -23.192 1.00 46.67 ? 568 HOH A O   1 
HETATM 1393 O  O   . HOH C 3 .   ? -1.980  3.103   22.505  1.00 34.30 ? 569 HOH A O   1 
HETATM 1394 O  O   . HOH C 3 .   ? -5.033  6.938   -12.456 1.00 46.37 ? 570 HOH A O   1 
HETATM 1395 O  O   . HOH C 3 .   ? -1.114  -15.347 -2.275  1.00 32.14 ? 571 HOH A O   1 
HETATM 1396 O  O   . HOH C 3 .   ? -1.736  14.444  20.155  1.00 45.47 ? 572 HOH A O   1 
HETATM 1397 O  O   . HOH C 3 .   ? 10.623  0.705   -22.471 1.00 33.62 ? 573 HOH A O   1 
HETATM 1398 O  O   . HOH C 3 .   ? -8.144  -10.865 -4.897  1.00 39.08 ? 574 HOH A O   1 
HETATM 1399 O  O   . HOH C 3 .   ? -17.935 11.891  8.439   1.00 26.46 ? 575 HOH A O   1 
HETATM 1400 O  O   . HOH C 3 .   ? 10.693  -9.334  4.782   1.00 41.68 ? 576 HOH A O   1 
HETATM 1401 O  O   . HOH C 3 .   ? 5.922   -2.016  -17.675 1.00 53.33 ? 577 HOH A O   1 
HETATM 1402 O  O   . HOH C 3 .   ? 5.812   -17.338 -7.185  1.00 54.11 ? 578 HOH A O   1 
HETATM 1403 O  O   . HOH C 3 .   ? 9.423   -9.885  -5.817  1.00 20.67 ? 579 HOH A O   1 
HETATM 1404 O  O   . HOH C 3 .   ? -9.470  13.071  -6.516  1.00 29.28 ? 580 HOH A O   1 
HETATM 1405 O  O   . HOH C 3 .   ? -2.479  9.575   -16.790 1.00 42.41 ? 581 HOH A O   1 
HETATM 1406 O  O   . HOH C 3 .   ? -7.456  -8.961  6.528   1.00 33.55 ? 582 HOH A O   1 
HETATM 1407 O  O   . HOH C 3 .   ? -0.865  9.179   5.240   1.00 33.77 ? 583 HOH A O   1 
HETATM 1408 O  O   . HOH C 3 .   ? -1.533  -5.657  20.696  1.00 28.02 ? 584 HOH A O   1 
HETATM 1409 O  O   . HOH C 3 .   ? 0.314   1.478   -28.030 1.00 34.24 ? 585 HOH A O   1 
HETATM 1410 O  O   . HOH C 3 .   ? 6.875   11.671  -12.256 1.00 46.34 ? 586 HOH A O   1 
HETATM 1411 O  O   . HOH C 3 .   ? 1.433   9.016   -15.291 1.00 36.42 ? 587 HOH A O   1 
HETATM 1412 O  O   . HOH C 3 .   ? -18.550 9.154   8.533   1.00 30.10 ? 588 HOH A O   1 
HETATM 1413 O  O   . HOH C 3 .   ? -4.985  -11.708 5.504   1.00 29.96 ? 589 HOH A O   1 
HETATM 1414 O  O   . HOH C 3 .   ? -1.902  -15.322 -24.847 1.00 38.44 ? 590 HOH A O   1 
HETATM 1415 O  O   . HOH C 3 .   ? -7.629  7.152   23.566  1.00 37.48 ? 591 HOH A O   1 
HETATM 1416 O  O   . HOH C 3 .   ? 1.980   -17.496 -27.007 1.00 49.98 ? 592 HOH A O   1 
HETATM 1417 O  O   . HOH C 3 .   ? -0.163  -17.427 -25.254 1.00 42.44 ? 593 HOH A O   1 
HETATM 1418 O  O   . HOH C 3 .   ? -0.656  9.052   -22.279 1.00 31.31 ? 594 HOH A O   1 
HETATM 1419 O  O   . HOH C 3 .   ? 10.443  -0.428  -24.325 1.00 44.68 ? 595 HOH A O   1 
HETATM 1420 O  O   . HOH C 3 .   ? -9.484  -12.068 -9.793  1.00 47.32 ? 596 HOH A O   1 
HETATM 1421 O  O   . HOH C 3 .   ? 11.320  -0.533  11.555  1.00 48.63 ? 597 HOH A O   1 
# 
